data_2KRF
#
_entry.id   2KRF
#
_entity_poly.entity_id   1
_entity_poly.type   'polypeptide(L)'
_entity_poly.pdbx_seq_one_letter_code
;GSHMSSQKEQDVLTPRECLILQEVEKGFTNQEIADALHLSKRSIEYSLTSIFNKLNVGSRTEAVLIAKSDGVL
;
_entity_poly.pdbx_strand_id   A,B
#
# COMPACT_ATOMS: atom_id res chain seq x y z
N SER A 5 -8.01 -21.01 -10.15
CA SER A 5 -8.61 -19.97 -10.98
C SER A 5 -9.44 -19.03 -10.12
N SER A 6 -10.69 -19.40 -9.88
CA SER A 6 -11.61 -18.54 -9.14
C SER A 6 -11.28 -18.55 -7.65
N GLN A 7 -10.47 -19.52 -7.24
CA GLN A 7 -9.95 -19.55 -5.89
C GLN A 7 -9.09 -18.33 -5.66
N LYS A 8 -8.16 -18.09 -6.59
CA LYS A 8 -7.28 -16.95 -6.52
C LYS A 8 -8.01 -15.66 -6.87
N GLU A 9 -7.41 -14.57 -6.47
CA GLU A 9 -7.97 -13.25 -6.68
C GLU A 9 -6.87 -12.28 -7.15
N GLN A 10 -5.74 -12.35 -6.48
CA GLN A 10 -4.61 -11.45 -6.76
C GLN A 10 -3.80 -11.91 -7.98
N ASP A 11 -3.93 -13.18 -8.31
CA ASP A 11 -3.14 -13.77 -9.39
C ASP A 11 -4.04 -14.15 -10.55
N VAL A 12 -5.33 -14.24 -10.26
CA VAL A 12 -6.33 -14.52 -11.28
C VAL A 12 -6.53 -13.28 -12.14
N LEU A 13 -6.02 -12.16 -11.64
CA LEU A 13 -6.04 -10.88 -12.34
C LEU A 13 -5.34 -10.99 -13.70
N THR A 14 -5.39 -9.91 -14.47
CA THR A 14 -4.76 -9.93 -15.79
C THR A 14 -3.24 -9.96 -15.60
N PRO A 15 -2.49 -10.53 -16.57
CA PRO A 15 -1.02 -10.63 -16.48
C PRO A 15 -0.37 -9.38 -15.93
N ARG A 16 -0.71 -8.22 -16.47
CA ARG A 16 -0.17 -6.97 -15.99
C ARG A 16 -0.59 -6.68 -14.57
N GLU A 17 -1.89 -6.80 -14.30
CA GLU A 17 -2.41 -6.61 -12.94
C GLU A 17 -1.68 -7.47 -11.92
N CYS A 18 -1.37 -8.71 -12.29
CA CYS A 18 -0.59 -9.59 -11.43
C CYS A 18 0.82 -9.03 -11.24
N LEU A 19 1.41 -8.49 -12.31
CA LEU A 19 2.71 -7.85 -12.24
C LEU A 19 2.63 -6.62 -11.35
N ILE A 20 1.54 -5.89 -11.48
CA ILE A 20 1.29 -4.72 -10.66
C ILE A 20 1.38 -5.11 -9.20
N LEU A 21 0.57 -6.10 -8.82
CA LEU A 21 0.50 -6.56 -7.44
C LEU A 21 1.86 -6.92 -6.90
N GLN A 22 2.55 -7.83 -7.57
CA GLN A 22 3.85 -8.30 -7.08
C GLN A 22 4.79 -7.13 -6.83
N GLU A 23 4.72 -6.11 -7.67
CA GLU A 23 5.55 -4.94 -7.49
C GLU A 23 5.10 -4.05 -6.31
N VAL A 24 3.79 -3.99 -6.03
CA VAL A 24 3.33 -3.29 -4.83
C VAL A 24 3.59 -4.12 -3.58
N GLU A 25 3.07 -5.33 -3.59
CA GLU A 25 3.20 -6.25 -2.48
C GLU A 25 4.67 -6.52 -2.17
N LYS A 26 5.51 -6.26 -3.17
CA LYS A 26 6.96 -6.27 -3.01
C LYS A 26 7.39 -5.54 -1.75
N GLY A 27 6.85 -4.36 -1.57
CA GLY A 27 7.28 -3.50 -0.49
C GLY A 27 8.03 -2.30 -1.02
N PHE A 28 7.47 -1.69 -2.04
CA PHE A 28 7.95 -0.41 -2.52
C PHE A 28 6.77 0.52 -2.76
N THR A 29 6.19 0.47 -3.97
CA THR A 29 4.99 1.22 -4.28
C THR A 29 4.67 1.16 -5.78
N ASN A 30 3.58 1.82 -6.17
CA ASN A 30 3.17 1.92 -7.56
C ASN A 30 4.31 2.44 -8.44
N GLN A 31 5.12 3.32 -7.87
CA GLN A 31 6.21 3.95 -8.58
C GLN A 31 7.24 2.91 -8.99
N GLU A 32 7.41 1.91 -8.13
CA GLU A 32 8.34 0.82 -8.42
C GLU A 32 7.73 -0.09 -9.47
N ILE A 33 6.41 -0.25 -9.43
CA ILE A 33 5.69 -1.02 -10.46
C ILE A 33 5.91 -0.39 -11.83
N ALA A 34 5.65 0.92 -11.94
CA ALA A 34 5.96 1.67 -13.15
C ALA A 34 7.38 1.42 -13.59
N ASP A 35 8.28 1.53 -12.64
CA ASP A 35 9.71 1.36 -12.89
C ASP A 35 10.00 -0.07 -13.33
N ALA A 36 9.19 -1.00 -12.86
CA ALA A 36 9.37 -2.41 -13.16
C ALA A 36 8.83 -2.77 -14.54
N LEU A 37 7.63 -2.27 -14.85
CA LEU A 37 6.97 -2.60 -16.10
C LEU A 37 7.43 -1.67 -17.20
N HIS A 38 8.13 -0.60 -16.81
CA HIS A 38 8.71 0.35 -17.76
C HIS A 38 7.60 1.26 -18.27
N LEU A 39 6.58 1.37 -17.45
CA LEU A 39 5.46 2.25 -17.72
C LEU A 39 5.76 3.63 -17.15
N SER A 40 4.91 4.10 -16.26
CA SER A 40 5.12 5.39 -15.62
C SER A 40 4.29 5.42 -14.36
N LYS A 41 4.70 6.24 -13.41
CA LYS A 41 3.95 6.42 -12.18
C LYS A 41 2.52 6.88 -12.53
N ARG A 42 2.39 7.45 -13.72
CA ARG A 42 1.10 7.90 -14.22
C ARG A 42 0.33 6.73 -14.82
N SER A 43 1.07 5.85 -15.51
CA SER A 43 0.48 4.73 -16.21
C SER A 43 -0.02 3.65 -15.24
N ILE A 44 0.83 3.26 -14.29
CA ILE A 44 0.48 2.19 -13.37
C ILE A 44 -0.59 2.62 -12.41
N GLU A 45 -0.62 3.90 -12.09
CA GLU A 45 -1.64 4.43 -11.19
C GLU A 45 -3.03 4.20 -11.78
N TYR A 46 -3.10 4.23 -13.11
CA TYR A 46 -4.33 3.93 -13.81
C TYR A 46 -4.66 2.44 -13.70
N SER A 47 -3.64 1.63 -13.47
CA SER A 47 -3.83 0.21 -13.25
C SER A 47 -4.14 -0.07 -11.77
N LEU A 48 -3.51 0.69 -10.88
CA LEU A 48 -3.79 0.60 -9.45
C LEU A 48 -5.23 0.97 -9.15
N THR A 49 -5.70 2.06 -9.75
CA THR A 49 -7.05 2.53 -9.52
C THR A 49 -8.07 1.52 -10.07
N SER A 50 -7.68 0.76 -11.08
CA SER A 50 -8.56 -0.24 -11.64
C SER A 50 -8.44 -1.55 -10.89
N ILE A 51 -7.27 -1.81 -10.32
CA ILE A 51 -7.06 -2.94 -9.44
C ILE A 51 -7.90 -2.78 -8.18
N PHE A 52 -8.13 -1.52 -7.81
CA PHE A 52 -9.09 -1.16 -6.76
C PHE A 52 -10.44 -1.85 -7.02
N ASN A 53 -10.84 -1.88 -8.27
CA ASN A 53 -12.08 -2.54 -8.67
C ASN A 53 -11.90 -4.05 -8.78
N LYS A 54 -10.84 -4.44 -9.48
CA LYS A 54 -10.61 -5.85 -9.81
C LYS A 54 -10.35 -6.72 -8.57
N LEU A 55 -9.43 -6.28 -7.72
CA LEU A 55 -9.02 -7.06 -6.57
C LEU A 55 -9.85 -6.66 -5.33
N ASN A 56 -10.79 -5.74 -5.52
CA ASN A 56 -11.56 -5.15 -4.41
C ASN A 56 -10.65 -4.39 -3.47
N VAL A 57 -9.44 -4.16 -3.95
CA VAL A 57 -8.45 -3.33 -3.29
C VAL A 57 -8.97 -1.91 -3.06
N GLY A 58 -8.49 -1.27 -1.99
CA GLY A 58 -8.95 0.07 -1.65
C GLY A 58 -8.45 1.14 -2.61
N SER A 59 -7.27 0.91 -3.19
CA SER A 59 -6.69 1.83 -4.16
C SER A 59 -5.29 1.34 -4.57
N ARG A 60 -4.65 0.62 -3.64
CA ARG A 60 -3.25 0.21 -3.81
C ARG A 60 -2.77 -0.43 -2.51
N THR A 61 -3.24 0.14 -1.41
CA THR A 61 -2.88 -0.31 -0.08
C THR A 61 -3.26 -1.77 0.14
N GLU A 62 -4.39 -2.18 -0.42
CA GLU A 62 -4.83 -3.56 -0.29
C GLU A 62 -4.09 -4.46 -1.26
N ALA A 63 -3.69 -3.88 -2.38
CA ALA A 63 -2.97 -4.62 -3.39
C ALA A 63 -1.71 -5.21 -2.77
N VAL A 64 -1.03 -4.39 -1.99
CA VAL A 64 0.15 -4.81 -1.26
C VAL A 64 -0.22 -5.56 0.06
N LEU A 65 -1.29 -5.14 0.73
CA LEU A 65 -1.69 -5.74 2.03
C LEU A 65 -2.24 -7.16 1.87
N ILE A 66 -3.29 -7.28 1.06
CA ILE A 66 -4.02 -8.53 0.89
C ILE A 66 -3.10 -9.65 0.43
N ALA A 67 -2.03 -9.29 -0.28
CA ALA A 67 -1.07 -10.27 -0.76
C ALA A 67 -0.47 -11.05 0.40
N LYS A 68 0.03 -10.33 1.39
CA LYS A 68 0.57 -10.96 2.58
C LYS A 68 -0.51 -11.71 3.33
N SER A 69 -1.68 -11.09 3.42
CA SER A 69 -2.85 -11.71 4.06
C SER A 69 -3.13 -13.09 3.44
N ASP A 70 -2.98 -13.18 2.13
CA ASP A 70 -3.25 -14.41 1.40
C ASP A 70 -2.09 -15.37 1.54
N GLY A 71 -0.90 -14.81 1.64
CA GLY A 71 0.29 -15.61 1.76
C GLY A 71 1.19 -15.48 0.55
N VAL A 72 0.83 -14.54 -0.33
CA VAL A 72 1.62 -14.29 -1.54
C VAL A 72 3.04 -13.88 -1.15
N LEU A 73 3.13 -12.89 -0.28
CA LEU A 73 4.40 -12.50 0.33
C LEU A 73 4.18 -12.19 1.80
N SER B 5 10.44 0.92 22.33
CA SER B 5 10.82 2.20 21.75
C SER B 5 11.56 1.98 20.43
N SER B 6 12.87 1.73 20.53
CA SER B 6 13.71 1.52 19.36
C SER B 6 13.38 0.19 18.70
N GLN B 7 12.78 -0.70 19.48
CA GLN B 7 12.32 -1.98 18.95
C GLN B 7 11.27 -1.76 17.87
N LYS B 8 10.28 -0.94 18.19
CA LYS B 8 9.22 -0.63 17.26
C LYS B 8 9.69 0.36 16.21
N GLU B 9 9.04 0.33 15.06
CA GLU B 9 9.36 1.22 13.96
C GLU B 9 8.08 1.88 13.43
N GLN B 10 7.02 1.09 13.31
CA GLN B 10 5.75 1.58 12.77
C GLN B 10 4.92 2.33 13.81
N ASP B 11 5.15 2.03 15.08
CA ASP B 11 4.35 2.59 16.16
C ASP B 11 5.17 3.57 16.98
N VAL B 12 6.48 3.51 16.80
CA VAL B 12 7.39 4.45 17.44
C VAL B 12 7.26 5.80 16.75
N LEU B 13 6.62 5.78 15.59
CA LEU B 13 6.37 6.96 14.78
C LEU B 13 5.58 8.02 15.56
N THR B 14 5.40 9.18 14.95
CA THR B 14 4.64 10.25 15.56
C THR B 14 3.18 9.79 15.71
N PRO B 15 2.45 10.25 16.74
CA PRO B 15 1.04 9.88 16.95
C PRO B 15 0.25 9.86 15.64
N ARG B 16 0.33 10.93 14.86
CA ARG B 16 -0.35 10.99 13.58
C ARG B 16 0.19 9.94 12.63
N GLU B 17 1.50 9.86 12.50
CA GLU B 17 2.15 8.87 11.64
C GLU B 17 1.69 7.45 11.97
N CYS B 18 1.52 7.16 13.25
CA CYS B 18 1.00 5.87 13.69
C CYS B 18 -0.46 5.70 13.22
N LEU B 19 -1.22 6.78 13.34
CA LEU B 19 -2.61 6.79 12.87
C LEU B 19 -2.65 6.60 11.35
N ILE B 20 -1.69 7.22 10.67
CA ILE B 20 -1.55 7.08 9.25
C ILE B 20 -1.42 5.60 8.91
N LEU B 21 -0.42 4.96 9.53
CA LEU B 21 -0.15 3.55 9.27
C LEU B 21 -1.37 2.70 9.47
N GLN B 22 -1.98 2.78 10.65
CA GLN B 22 -3.11 1.93 10.95
C GLN B 22 -4.21 2.06 9.91
N GLU B 23 -4.41 3.26 9.39
CA GLU B 23 -5.41 3.48 8.35
C GLU B 23 -4.95 2.92 6.98
N VAL B 24 -3.66 2.93 6.67
CA VAL B 24 -3.18 2.28 5.44
C VAL B 24 -3.19 0.77 5.61
N GLU B 25 -2.51 0.32 6.65
CA GLU B 25 -2.37 -1.09 6.95
C GLU B 25 -3.73 -1.73 7.17
N LYS B 26 -4.71 -0.88 7.50
CA LYS B 26 -6.11 -1.28 7.60
C LYS B 26 -6.54 -2.11 6.42
N GLY B 27 -6.17 -1.64 5.23
CA GLY B 27 -6.63 -2.26 4.03
C GLY B 27 -7.64 -1.39 3.31
N PHE B 28 -7.27 -0.13 3.12
CA PHE B 28 -8.01 0.77 2.25
C PHE B 28 -7.03 1.59 1.43
N THR B 29 -6.37 2.55 2.08
CA THR B 29 -5.41 3.45 1.41
C THR B 29 -5.26 4.78 2.16
N ASN B 30 -4.33 5.62 1.68
CA ASN B 30 -4.06 6.91 2.29
C ASN B 30 -5.31 7.78 2.30
N GLN B 31 -6.16 7.58 1.31
CA GLN B 31 -7.38 8.34 1.17
C GLN B 31 -8.33 8.04 2.33
N GLU B 32 -8.29 6.82 2.85
CA GLU B 32 -9.11 6.47 3.99
C GLU B 32 -8.47 7.05 5.25
N ILE B 33 -7.14 7.13 5.25
CA ILE B 33 -6.43 7.81 6.34
C ILE B 33 -6.89 9.26 6.44
N ALA B 34 -6.82 9.98 5.32
CA ALA B 34 -7.36 11.33 5.23
C ALA B 34 -8.77 11.39 5.79
N ASP B 35 -9.60 10.49 5.31
CA ASP B 35 -11.00 10.45 5.70
C ASP B 35 -11.15 10.09 7.17
N ALA B 36 -10.14 9.40 7.71
CA ALA B 36 -10.16 8.98 9.11
C ALA B 36 -9.69 10.09 10.04
N LEU B 37 -8.62 10.78 9.65
CA LEU B 37 -8.05 11.83 10.47
C LEU B 37 -8.79 13.14 10.23
N HIS B 38 -9.59 13.15 9.17
CA HIS B 38 -10.45 14.27 8.83
C HIS B 38 -9.60 15.34 8.16
N LEU B 39 -8.49 14.87 7.62
CA LEU B 39 -7.59 15.68 6.84
C LEU B 39 -8.03 15.69 5.39
N SER B 40 -7.13 15.30 4.52
CA SER B 40 -7.40 15.26 3.11
C SER B 40 -6.42 14.35 2.43
N LYS B 41 -6.80 13.83 1.29
CA LYS B 41 -5.93 12.96 0.51
C LYS B 41 -4.63 13.71 0.19
N ARG B 42 -4.71 15.04 0.15
CA ARG B 42 -3.56 15.87 -0.18
C ARG B 42 -2.67 16.07 1.05
N SER B 43 -3.27 16.08 2.23
CA SER B 43 -2.50 16.29 3.46
C SER B 43 -1.87 14.99 3.96
N ILE B 44 -2.62 13.89 3.97
CA ILE B 44 -2.05 12.62 4.41
C ILE B 44 -0.99 12.14 3.45
N GLU B 45 -1.13 12.46 2.17
CA GLU B 45 -0.14 12.08 1.18
C GLU B 45 1.20 12.72 1.53
N TYR B 46 1.12 13.91 2.12
CA TYR B 46 2.29 14.61 2.60
C TYR B 46 2.90 13.86 3.79
N SER B 47 2.06 13.14 4.51
CA SER B 47 2.51 12.33 5.63
C SER B 47 3.00 10.97 5.15
N LEU B 48 2.33 10.41 4.15
CA LEU B 48 2.75 9.15 3.53
C LEU B 48 4.13 9.28 2.91
N THR B 49 4.35 10.38 2.21
CA THR B 49 5.60 10.61 1.52
C THR B 49 6.73 10.82 2.53
N SER B 50 6.39 11.31 3.71
CA SER B 50 7.38 11.50 4.75
C SER B 50 7.55 10.21 5.56
N ILE B 51 6.47 9.44 5.66
CA ILE B 51 6.52 8.12 6.30
C ILE B 51 7.42 7.20 5.48
N PHE B 52 7.50 7.49 4.20
CA PHE B 52 8.49 6.87 3.32
C PHE B 52 9.87 6.95 3.96
N ASN B 53 10.17 8.12 4.51
CA ASN B 53 11.44 8.37 5.17
C ASN B 53 11.45 7.80 6.60
N LYS B 54 10.39 8.08 7.36
CA LYS B 54 10.31 7.66 8.76
C LYS B 54 10.38 6.14 8.93
N LEU B 55 9.52 5.44 8.20
CA LEU B 55 9.35 4.00 8.39
C LEU B 55 10.23 3.24 7.41
N ASN B 56 10.97 3.99 6.58
CA ASN B 56 11.75 3.41 5.47
C ASN B 56 10.82 2.89 4.38
N VAL B 57 9.54 3.12 4.59
CA VAL B 57 8.48 2.79 3.65
C VAL B 57 8.78 3.29 2.22
N GLY B 58 8.33 2.53 1.23
CA GLY B 58 8.61 2.86 -0.15
C GLY B 58 7.78 4.01 -0.69
N SER B 59 6.73 4.39 0.05
CA SER B 59 5.87 5.54 -0.30
C SER B 59 4.56 5.45 0.50
N ARG B 60 4.11 4.23 0.72
CA ARG B 60 2.78 3.96 1.27
C ARG B 60 2.53 2.45 1.29
N THR B 61 2.99 1.81 0.22
CA THR B 61 2.87 0.37 0.08
C THR B 61 3.50 -0.37 1.27
N GLU B 62 4.64 0.10 1.73
CA GLU B 62 5.32 -0.56 2.83
C GLU B 62 4.63 -0.24 4.12
N ALA B 63 4.04 0.94 4.18
CA ALA B 63 3.33 1.38 5.37
C ALA B 63 2.25 0.37 5.73
N VAL B 64 1.53 -0.06 4.70
CA VAL B 64 0.51 -1.09 4.85
C VAL B 64 1.12 -2.52 4.85
N LEU B 65 2.17 -2.75 4.05
CA LEU B 65 2.78 -4.08 3.93
C LEU B 65 3.53 -4.51 5.20
N ILE B 66 4.50 -3.70 5.59
CA ILE B 66 5.39 -4.01 6.70
C ILE B 66 4.62 -4.20 7.99
N ALA B 67 3.46 -3.56 8.09
CA ALA B 67 2.59 -3.71 9.25
C ALA B 67 2.26 -5.18 9.48
N LYS B 68 1.78 -5.84 8.44
CA LYS B 68 1.46 -7.26 8.51
C LYS B 68 2.72 -8.07 8.72
N SER B 69 3.79 -7.69 8.01
CA SER B 69 5.08 -8.34 8.14
C SER B 69 5.53 -8.41 9.60
N ASP B 70 5.28 -7.33 10.34
CA ASP B 70 5.68 -7.25 11.73
C ASP B 70 4.66 -7.95 12.62
N GLY B 71 3.40 -7.84 12.22
CA GLY B 71 2.33 -8.47 12.97
C GLY B 71 1.35 -7.47 13.52
N VAL B 72 1.44 -6.24 13.03
CA VAL B 72 0.52 -5.18 13.44
C VAL B 72 -0.90 -5.53 13.01
N LEU B 73 -1.04 -5.91 11.74
CA LEU B 73 -2.28 -6.50 11.25
C LEU B 73 -1.95 -7.72 10.40
N SER A 5 -8.22 -20.76 -10.17
CA SER A 5 -9.01 -20.11 -11.20
C SER A 5 -9.75 -18.90 -10.62
N SER A 6 -11.02 -18.72 -11.00
CA SER A 6 -11.82 -17.59 -10.55
C SER A 6 -12.05 -17.63 -9.03
N GLN A 7 -11.56 -18.69 -8.41
CA GLN A 7 -11.56 -18.81 -6.96
C GLN A 7 -10.68 -17.72 -6.35
N LYS A 8 -9.48 -17.59 -6.90
CA LYS A 8 -8.50 -16.62 -6.41
C LYS A 8 -8.91 -15.18 -6.72
N GLU A 9 -8.07 -14.24 -6.29
CA GLU A 9 -8.32 -12.82 -6.52
C GLU A 9 -7.06 -12.09 -6.97
N GLN A 10 -5.96 -12.32 -6.27
CA GLN A 10 -4.72 -11.59 -6.50
C GLN A 10 -3.95 -12.11 -7.71
N ASP A 11 -4.26 -13.33 -8.13
CA ASP A 11 -3.57 -13.95 -9.26
C ASP A 11 -4.55 -14.22 -10.39
N VAL A 12 -5.84 -14.21 -10.04
CA VAL A 12 -6.89 -14.36 -11.03
C VAL A 12 -6.93 -13.11 -11.91
N LEU A 13 -6.30 -12.05 -11.40
CA LEU A 13 -6.13 -10.80 -12.12
C LEU A 13 -5.46 -11.04 -13.47
N THR A 14 -5.43 -10.01 -14.30
CA THR A 14 -4.76 -10.14 -15.60
C THR A 14 -3.27 -10.28 -15.38
N PRO A 15 -2.53 -10.83 -16.36
CA PRO A 15 -1.08 -10.99 -16.27
C PRO A 15 -0.39 -9.75 -15.72
N ARG A 16 -0.69 -8.60 -16.32
CA ARG A 16 -0.10 -7.35 -15.88
C ARG A 16 -0.55 -7.02 -14.46
N GLU A 17 -1.85 -7.06 -14.21
CA GLU A 17 -2.38 -6.78 -12.87
C GLU A 17 -1.69 -7.63 -11.79
N CYS A 18 -1.43 -8.89 -12.10
CA CYS A 18 -0.71 -9.77 -11.19
C CYS A 18 0.71 -9.25 -10.99
N LEU A 19 1.33 -8.78 -12.07
CA LEU A 19 2.67 -8.18 -12.00
C LEU A 19 2.62 -6.87 -11.21
N ILE A 20 1.54 -6.13 -11.40
CA ILE A 20 1.34 -4.90 -10.67
C ILE A 20 1.36 -5.20 -9.18
N LEU A 21 0.60 -6.22 -8.78
CA LEU A 21 0.55 -6.63 -7.38
C LEU A 21 1.92 -6.98 -6.87
N GLN A 22 2.61 -7.91 -7.51
CA GLN A 22 3.92 -8.33 -7.03
C GLN A 22 4.83 -7.14 -6.79
N GLU A 23 4.73 -6.11 -7.63
CA GLU A 23 5.58 -4.94 -7.48
C GLU A 23 5.12 -4.03 -6.32
N VAL A 24 3.80 -3.95 -6.05
CA VAL A 24 3.33 -3.22 -4.86
C VAL A 24 3.60 -4.03 -3.60
N GLU A 25 3.09 -5.26 -3.59
CA GLU A 25 3.21 -6.14 -2.45
C GLU A 25 4.67 -6.41 -2.14
N LYS A 26 5.52 -6.19 -3.13
CA LYS A 26 6.97 -6.23 -2.97
C LYS A 26 7.41 -5.42 -1.75
N GLY A 27 6.91 -4.20 -1.66
CA GLY A 27 7.34 -3.32 -0.62
C GLY A 27 8.13 -2.14 -1.16
N PHE A 28 7.58 -1.52 -2.19
CA PHE A 28 8.05 -0.22 -2.64
C PHE A 28 6.85 0.67 -2.90
N THR A 29 6.31 0.59 -4.12
CA THR A 29 5.11 1.35 -4.45
C THR A 29 4.76 1.22 -5.94
N ASN A 30 3.64 1.82 -6.33
CA ASN A 30 3.21 1.87 -7.73
C ASN A 30 4.32 2.40 -8.62
N GLN A 31 5.13 3.31 -8.09
CA GLN A 31 6.22 3.89 -8.83
C GLN A 31 7.24 2.84 -9.22
N GLU A 32 7.48 1.88 -8.33
CA GLU A 32 8.42 0.82 -8.62
C GLU A 32 7.80 -0.13 -9.64
N ILE A 33 6.48 -0.28 -9.58
CA ILE A 33 5.77 -1.06 -10.60
C ILE A 33 5.96 -0.44 -11.99
N ALA A 34 5.67 0.86 -12.09
CA ALA A 34 5.95 1.63 -13.30
C ALA A 34 7.37 1.41 -13.76
N ASP A 35 8.29 1.48 -12.84
CA ASP A 35 9.71 1.33 -13.15
C ASP A 35 10.04 -0.11 -13.49
N ALA A 36 9.21 -1.03 -13.01
CA ALA A 36 9.44 -2.45 -13.21
C ALA A 36 8.97 -2.87 -14.59
N LEU A 37 7.79 -2.41 -14.96
CA LEU A 37 7.24 -2.71 -16.27
C LEU A 37 7.79 -1.71 -17.28
N HIS A 38 8.30 -0.59 -16.75
CA HIS A 38 8.89 0.47 -17.56
C HIS A 38 7.78 1.24 -18.25
N LEU A 39 6.66 1.30 -17.55
CA LEU A 39 5.51 2.07 -17.97
C LEU A 39 5.69 3.51 -17.51
N SER A 40 4.92 3.90 -16.50
CA SER A 40 5.04 5.21 -15.88
C SER A 40 4.17 5.22 -14.65
N LYS A 41 4.50 6.09 -13.71
CA LYS A 41 3.68 6.25 -12.52
C LYS A 41 2.26 6.64 -12.91
N ARG A 42 2.13 7.24 -14.08
CA ARG A 42 0.84 7.61 -14.65
C ARG A 42 0.20 6.40 -15.33
N SER A 43 1.03 5.49 -15.81
CA SER A 43 0.55 4.31 -16.53
C SER A 43 0.04 3.25 -15.56
N ILE A 44 0.89 2.87 -14.60
CA ILE A 44 0.52 1.82 -13.66
C ILE A 44 -0.60 2.26 -12.74
N GLU A 45 -0.70 3.56 -12.50
CA GLU A 45 -1.77 4.08 -11.67
C GLU A 45 -3.12 3.69 -12.26
N TYR A 46 -3.18 3.59 -13.60
CA TYR A 46 -4.40 3.12 -14.26
C TYR A 46 -4.60 1.64 -13.96
N SER A 47 -3.52 0.92 -13.75
CA SER A 47 -3.59 -0.48 -13.37
C SER A 47 -3.96 -0.62 -11.90
N LEU A 48 -3.40 0.24 -11.06
CA LEU A 48 -3.71 0.26 -9.63
C LEU A 48 -5.18 0.60 -9.40
N THR A 49 -5.67 1.61 -10.11
CA THR A 49 -7.07 2.01 -10.00
C THR A 49 -7.98 0.90 -10.54
N SER A 50 -7.46 0.10 -11.46
CA SER A 50 -8.20 -1.03 -11.98
C SER A 50 -8.18 -2.16 -10.94
N ILE A 51 -7.04 -2.33 -10.31
CA ILE A 51 -6.88 -3.33 -9.25
C ILE A 51 -7.77 -2.98 -8.07
N PHE A 52 -8.00 -1.69 -7.89
CA PHE A 52 -8.99 -1.20 -6.94
C PHE A 52 -10.33 -1.92 -7.12
N ASN A 53 -10.76 -2.03 -8.37
CA ASN A 53 -12.00 -2.72 -8.68
C ASN A 53 -11.82 -4.23 -8.72
N LYS A 54 -10.78 -4.68 -9.41
CA LYS A 54 -10.55 -6.10 -9.65
C LYS A 54 -10.26 -6.87 -8.37
N LEU A 55 -9.33 -6.37 -7.58
CA LEU A 55 -8.89 -7.06 -6.38
C LEU A 55 -9.63 -6.55 -5.14
N ASN A 56 -10.67 -5.72 -5.37
CA ASN A 56 -11.46 -5.13 -4.28
C ASN A 56 -10.64 -4.06 -3.54
N VAL A 57 -9.39 -3.94 -3.97
CA VAL A 57 -8.41 -3.03 -3.41
C VAL A 57 -8.93 -1.59 -3.28
N GLY A 58 -8.48 -0.90 -2.24
CA GLY A 58 -8.97 0.45 -1.96
C GLY A 58 -8.39 1.51 -2.88
N SER A 59 -7.22 1.22 -3.43
CA SER A 59 -6.51 2.12 -4.34
C SER A 59 -5.17 1.53 -4.73
N ARG A 60 -4.58 0.80 -3.79
CA ARG A 60 -3.21 0.31 -3.90
C ARG A 60 -2.79 -0.30 -2.58
N THR A 61 -3.25 0.34 -1.51
CA THR A 61 -2.95 -0.09 -0.16
C THR A 61 -3.35 -1.56 0.06
N GLU A 62 -4.46 -1.97 -0.52
CA GLU A 62 -4.90 -3.35 -0.39
C GLU A 62 -4.14 -4.24 -1.33
N ALA A 63 -3.73 -3.67 -2.45
CA ALA A 63 -3.02 -4.43 -3.47
C ALA A 63 -1.76 -5.03 -2.88
N VAL A 64 -1.07 -4.22 -2.09
CA VAL A 64 0.11 -4.66 -1.37
C VAL A 64 -0.25 -5.41 -0.06
N LEU A 65 -1.33 -4.99 0.61
CA LEU A 65 -1.72 -5.59 1.90
C LEU A 65 -2.29 -7.00 1.75
N ILE A 66 -3.36 -7.12 0.96
CA ILE A 66 -4.10 -8.38 0.82
C ILE A 66 -3.21 -9.51 0.32
N ALA A 67 -2.19 -9.16 -0.44
CA ALA A 67 -1.24 -10.15 -0.93
C ALA A 67 -0.60 -10.90 0.23
N LYS A 68 -0.06 -10.16 1.20
CA LYS A 68 0.51 -10.78 2.38
C LYS A 68 -0.55 -11.53 3.16
N SER A 69 -1.70 -10.91 3.28
CA SER A 69 -2.86 -11.52 3.95
C SER A 69 -3.14 -12.91 3.37
N ASP A 70 -3.01 -13.04 2.05
CA ASP A 70 -3.29 -14.30 1.36
C ASP A 70 -2.15 -15.26 1.57
N GLY A 71 -0.95 -14.71 1.57
CA GLY A 71 0.24 -15.52 1.72
C GLY A 71 1.12 -15.46 0.50
N VAL A 72 0.97 -14.39 -0.28
CA VAL A 72 1.83 -14.19 -1.43
C VAL A 72 3.25 -13.86 -0.95
N LEU A 73 3.42 -12.69 -0.35
CA LEU A 73 4.68 -12.35 0.31
C LEU A 73 4.48 -12.30 1.81
N SER B 5 10.42 0.97 22.19
CA SER B 5 10.95 2.31 22.05
C SER B 5 11.49 2.54 20.64
N SER B 6 12.64 3.18 20.52
CA SER B 6 13.27 3.44 19.22
C SER B 6 13.70 2.12 18.55
N GLN B 7 13.42 1.02 19.23
CA GLN B 7 13.65 -0.31 18.69
C GLN B 7 12.71 -0.57 17.52
N LYS B 8 11.42 -0.30 17.74
CA LYS B 8 10.40 -0.52 16.72
C LYS B 8 10.55 0.47 15.57
N GLU B 9 9.72 0.31 14.54
CA GLU B 9 9.76 1.20 13.39
C GLU B 9 8.34 1.68 13.02
N GLN B 10 7.35 0.80 13.20
CA GLN B 10 5.96 1.11 12.84
C GLN B 10 5.31 1.98 13.91
N ASP B 11 5.66 1.69 15.15
CA ASP B 11 4.97 2.26 16.29
C ASP B 11 5.85 3.31 16.96
N VAL B 12 7.13 3.27 16.62
CA VAL B 12 8.08 4.25 17.07
C VAL B 12 7.80 5.57 16.38
N LEU B 13 6.99 5.49 15.33
CA LEU B 13 6.56 6.64 14.57
C LEU B 13 5.83 7.63 15.47
N THR B 14 5.60 8.83 14.98
CA THR B 14 4.87 9.82 15.76
C THR B 14 3.41 9.38 15.89
N PRO B 15 2.69 9.88 16.91
CA PRO B 15 1.29 9.52 17.15
C PRO B 15 0.48 9.49 15.85
N ARG B 16 0.54 10.58 15.11
CA ARG B 16 -0.19 10.66 13.85
C ARG B 16 0.33 9.64 12.86
N GLU B 17 1.65 9.61 12.64
CA GLU B 17 2.26 8.64 11.72
C GLU B 17 1.80 7.21 12.02
N CYS B 18 1.72 6.88 13.29
CA CYS B 18 1.22 5.56 13.70
C CYS B 18 -0.24 5.39 13.30
N LEU B 19 -1.03 6.46 13.46
CA LEU B 19 -2.43 6.45 13.06
C LEU B 19 -2.52 6.36 11.53
N ILE B 20 -1.61 7.03 10.85
CA ILE B 20 -1.54 6.99 9.41
C ILE B 20 -1.40 5.53 8.97
N LEU B 21 -0.45 4.84 9.59
CA LEU B 21 -0.21 3.45 9.29
C LEU B 21 -1.45 2.62 9.49
N GLN B 22 -2.05 2.69 10.67
CA GLN B 22 -3.23 1.89 10.96
C GLN B 22 -4.29 2.05 9.87
N GLU B 23 -4.47 3.28 9.39
CA GLU B 23 -5.45 3.54 8.35
C GLU B 23 -5.03 2.95 6.97
N VAL B 24 -3.75 2.99 6.62
CA VAL B 24 -3.28 2.33 5.39
C VAL B 24 -3.29 0.82 5.55
N GLU B 25 -2.59 0.34 6.58
CA GLU B 25 -2.46 -1.08 6.85
C GLU B 25 -3.83 -1.71 7.12
N LYS B 26 -4.80 -0.85 7.40
CA LYS B 26 -6.20 -1.26 7.49
C LYS B 26 -6.61 -2.06 6.27
N GLY B 27 -6.29 -1.54 5.10
CA GLY B 27 -6.76 -2.14 3.88
C GLY B 27 -7.77 -1.26 3.19
N PHE B 28 -7.42 0.01 3.05
CA PHE B 28 -8.18 0.93 2.23
C PHE B 28 -7.21 1.78 1.41
N THR B 29 -6.57 2.74 2.07
CA THR B 29 -5.65 3.66 1.40
C THR B 29 -5.43 4.94 2.20
N ASN B 30 -4.50 5.77 1.73
CA ASN B 30 -4.18 7.04 2.37
C ASN B 30 -5.41 7.94 2.39
N GLN B 31 -6.26 7.78 1.39
CA GLN B 31 -7.49 8.54 1.29
C GLN B 31 -8.43 8.22 2.45
N GLU B 32 -8.38 6.97 2.93
CA GLU B 32 -9.18 6.58 4.08
C GLU B 32 -8.53 7.17 5.34
N ILE B 33 -7.20 7.27 5.32
CA ILE B 33 -6.48 7.95 6.41
C ILE B 33 -6.93 9.41 6.52
N ALA B 34 -6.88 10.12 5.39
CA ALA B 34 -7.43 11.46 5.30
C ALA B 34 -8.83 11.53 5.89
N ASP B 35 -9.65 10.57 5.50
CA ASP B 35 -11.04 10.52 5.98
C ASP B 35 -11.08 10.19 7.47
N ALA B 36 -10.08 9.45 7.92
CA ALA B 36 -10.05 8.96 9.28
C ALA B 36 -9.62 10.06 10.25
N LEU B 37 -8.60 10.80 9.87
CA LEU B 37 -8.16 11.93 10.68
C LEU B 37 -8.99 13.15 10.34
N HIS B 38 -9.66 13.08 9.18
CA HIS B 38 -10.56 14.12 8.71
C HIS B 38 -9.75 15.27 8.17
N LEU B 39 -8.56 14.92 7.71
CA LEU B 39 -7.64 15.83 7.07
C LEU B 39 -8.03 15.97 5.61
N SER B 40 -7.17 15.48 4.74
CA SER B 40 -7.41 15.46 3.31
C SER B 40 -6.42 14.54 2.66
N LYS B 41 -6.74 14.07 1.47
CA LYS B 41 -5.83 13.20 0.73
C LYS B 41 -4.53 13.95 0.46
N ARG B 42 -4.62 15.28 0.41
CA ARG B 42 -3.46 16.12 0.20
C ARG B 42 -2.71 16.34 1.52
N SER B 43 -3.44 16.22 2.62
CA SER B 43 -2.85 16.41 3.95
C SER B 43 -2.10 15.15 4.38
N ILE B 44 -2.77 14.00 4.34
CA ILE B 44 -2.15 12.75 4.78
C ILE B 44 -1.02 12.33 3.86
N GLU B 45 -1.09 12.73 2.60
CA GLU B 45 -0.04 12.40 1.64
C GLU B 45 1.29 12.97 2.14
N TYR B 46 1.20 14.11 2.81
CA TYR B 46 2.36 14.73 3.44
C TYR B 46 2.86 13.88 4.61
N SER B 47 1.98 13.09 5.18
CA SER B 47 2.35 12.18 6.25
C SER B 47 2.89 10.87 5.68
N LEU B 48 2.26 10.39 4.60
CA LEU B 48 2.71 9.18 3.92
C LEU B 48 4.11 9.37 3.34
N THR B 49 4.35 10.54 2.77
CA THR B 49 5.65 10.87 2.20
C THR B 49 6.69 10.97 3.31
N SER B 50 6.23 11.28 4.51
CA SER B 50 7.10 11.35 5.67
C SER B 50 7.37 9.94 6.19
N ILE B 51 6.34 9.12 6.18
CA ILE B 51 6.44 7.72 6.59
C ILE B 51 7.36 6.98 5.64
N PHE B 52 7.40 7.45 4.40
CA PHE B 52 8.35 6.99 3.40
C PHE B 52 9.77 7.03 3.96
N ASN B 53 10.13 8.11 4.64
CA ASN B 53 11.44 8.21 5.27
C ASN B 53 11.47 7.48 6.62
N LYS B 54 10.49 7.81 7.48
CA LYS B 54 10.48 7.32 8.85
C LYS B 54 10.45 5.80 8.94
N LEU B 55 9.51 5.19 8.23
CA LEU B 55 9.30 3.75 8.33
C LEU B 55 10.12 3.04 7.23
N ASN B 56 10.92 3.81 6.49
CA ASN B 56 11.70 3.29 5.35
C ASN B 56 10.79 2.95 4.18
N VAL B 57 9.50 3.20 4.41
CA VAL B 57 8.45 2.94 3.44
C VAL B 57 8.75 3.54 2.05
N GLY B 58 8.32 2.83 1.01
CA GLY B 58 8.62 3.25 -0.34
C GLY B 58 7.76 4.39 -0.84
N SER B 59 6.67 4.69 -0.12
CA SER B 59 5.75 5.77 -0.48
C SER B 59 4.47 5.67 0.35
N ARG B 60 4.06 4.43 0.59
CA ARG B 60 2.77 4.12 1.21
C ARG B 60 2.52 2.62 1.16
N THR B 61 3.01 2.00 0.09
CA THR B 61 2.88 0.57 -0.09
C THR B 61 3.51 -0.19 1.09
N GLU B 62 4.65 0.27 1.57
CA GLU B 62 5.32 -0.38 2.68
C GLU B 62 4.63 -0.05 3.97
N ALA B 63 4.01 1.12 4.01
CA ALA B 63 3.35 1.56 5.22
C ALA B 63 2.24 0.58 5.58
N VAL B 64 1.51 0.15 4.57
CA VAL B 64 0.48 -0.87 4.74
C VAL B 64 1.09 -2.30 4.74
N LEU B 65 2.16 -2.53 3.98
CA LEU B 65 2.78 -3.87 3.87
C LEU B 65 3.53 -4.28 5.13
N ILE B 66 4.51 -3.47 5.52
CA ILE B 66 5.41 -3.80 6.62
C ILE B 66 4.66 -3.98 7.93
N ALA B 67 3.52 -3.32 8.05
CA ALA B 67 2.68 -3.47 9.22
C ALA B 67 2.29 -4.93 9.43
N LYS B 68 1.78 -5.55 8.38
CA LYS B 68 1.43 -6.97 8.43
C LYS B 68 2.68 -7.81 8.64
N SER B 69 3.73 -7.45 7.93
CA SER B 69 5.02 -8.12 8.05
C SER B 69 5.46 -8.20 9.51
N ASP B 70 5.17 -7.14 10.26
CA ASP B 70 5.56 -7.06 11.66
C ASP B 70 4.61 -7.88 12.51
N GLY B 71 3.33 -7.78 12.16
CA GLY B 71 2.31 -8.47 12.90
C GLY B 71 1.29 -7.51 13.49
N VAL B 72 1.17 -6.33 12.87
CA VAL B 72 0.18 -5.36 13.30
C VAL B 72 -1.22 -5.84 12.91
N LEU B 73 -1.42 -6.09 11.62
CA LEU B 73 -2.62 -6.73 11.14
C LEU B 73 -2.26 -8.02 10.39
N SER A 5 -10.44 -18.64 -10.89
CA SER A 5 -11.34 -17.54 -11.16
C SER A 5 -11.82 -16.96 -9.83
N SER A 6 -12.41 -17.82 -9.00
CA SER A 6 -12.81 -17.43 -7.66
C SER A 6 -11.85 -18.04 -6.63
N GLN A 7 -10.98 -18.92 -7.12
CA GLN A 7 -9.97 -19.55 -6.28
C GLN A 7 -9.01 -18.51 -5.71
N LYS A 8 -8.39 -17.74 -6.60
CA LYS A 8 -7.52 -16.67 -6.20
C LYS A 8 -8.14 -15.32 -6.52
N GLU A 9 -7.48 -14.25 -6.13
CA GLU A 9 -7.95 -12.90 -6.43
C GLU A 9 -6.81 -12.00 -6.89
N GLN A 10 -5.63 -12.21 -6.32
CA GLN A 10 -4.43 -11.43 -6.67
C GLN A 10 -3.80 -11.94 -7.96
N ASP A 11 -3.87 -13.25 -8.15
CA ASP A 11 -3.17 -13.92 -9.24
C ASP A 11 -4.11 -14.25 -10.36
N VAL A 12 -5.39 -14.25 -10.03
CA VAL A 12 -6.43 -14.50 -11.01
C VAL A 12 -6.55 -13.28 -11.92
N LEU A 13 -5.96 -12.18 -11.46
CA LEU A 13 -5.92 -10.94 -12.20
C LEU A 13 -5.26 -11.13 -13.56
N THR A 14 -5.25 -10.08 -14.38
CA THR A 14 -4.62 -10.16 -15.69
C THR A 14 -3.10 -10.24 -15.51
N PRO A 15 -2.36 -10.69 -16.54
CA PRO A 15 -0.90 -10.77 -16.50
C PRO A 15 -0.26 -9.52 -15.90
N ARG A 16 -0.62 -8.36 -16.45
CA ARG A 16 -0.07 -7.11 -15.96
C ARG A 16 -0.50 -6.84 -14.53
N GLU A 17 -1.81 -6.91 -14.28
CA GLU A 17 -2.35 -6.66 -12.93
C GLU A 17 -1.68 -7.53 -11.88
N CYS A 18 -1.35 -8.77 -12.25
CA CYS A 18 -0.59 -9.67 -11.38
C CYS A 18 0.81 -9.11 -11.13
N LEU A 19 1.46 -8.64 -12.20
CA LEU A 19 2.78 -8.03 -12.10
C LEU A 19 2.69 -6.75 -11.27
N ILE A 20 1.58 -6.04 -11.41
CA ILE A 20 1.35 -4.84 -10.64
C ILE A 20 1.40 -5.19 -9.17
N LEU A 21 0.61 -6.18 -8.77
CA LEU A 21 0.54 -6.60 -7.38
C LEU A 21 1.90 -6.98 -6.85
N GLN A 22 2.60 -7.88 -7.52
CA GLN A 22 3.90 -8.33 -7.02
C GLN A 22 4.83 -7.14 -6.77
N GLU A 23 4.75 -6.11 -7.60
CA GLU A 23 5.61 -4.95 -7.43
C GLU A 23 5.14 -4.06 -6.26
N VAL A 24 3.83 -3.98 -5.99
CA VAL A 24 3.35 -3.27 -4.80
C VAL A 24 3.62 -4.10 -3.56
N GLU A 25 3.09 -5.32 -3.55
CA GLU A 25 3.21 -6.22 -2.42
C GLU A 25 4.69 -6.53 -2.13
N LYS A 26 5.53 -6.24 -3.12
CA LYS A 26 6.98 -6.27 -2.96
C LYS A 26 7.43 -5.51 -1.72
N GLY A 27 6.85 -4.33 -1.54
CA GLY A 27 7.29 -3.45 -0.49
C GLY A 27 8.06 -2.29 -1.05
N PHE A 28 7.50 -1.69 -2.09
CA PHE A 28 8.00 -0.43 -2.61
C PHE A 28 6.83 0.51 -2.84
N THR A 29 6.24 0.44 -4.03
CA THR A 29 5.06 1.23 -4.34
C THR A 29 4.70 1.13 -5.83
N ASN A 30 3.58 1.75 -6.22
CA ASN A 30 3.15 1.79 -7.61
C ASN A 30 4.23 2.36 -8.52
N GLN A 31 5.05 3.24 -7.94
CA GLN A 31 6.12 3.90 -8.68
C GLN A 31 7.17 2.87 -9.08
N GLU A 32 7.36 1.89 -8.21
CA GLU A 32 8.29 0.80 -8.48
C GLU A 32 7.70 -0.13 -9.53
N ILE A 33 6.37 -0.31 -9.48
CA ILE A 33 5.68 -1.08 -10.50
C ILE A 33 5.89 -0.46 -11.87
N ALA A 34 5.59 0.84 -11.98
CA ALA A 34 5.89 1.60 -13.19
C ALA A 34 7.32 1.39 -13.63
N ASP A 35 8.22 1.44 -12.67
CA ASP A 35 9.64 1.27 -12.95
C ASP A 35 9.94 -0.16 -13.36
N ALA A 36 9.16 -1.09 -12.84
CA ALA A 36 9.38 -2.52 -13.08
C ALA A 36 8.87 -2.92 -14.45
N LEU A 37 7.69 -2.44 -14.80
CA LEU A 37 7.11 -2.75 -16.10
C LEU A 37 7.68 -1.79 -17.13
N HIS A 38 8.22 -0.68 -16.63
CA HIS A 38 8.77 0.38 -17.45
C HIS A 38 7.64 1.10 -18.16
N LEU A 39 6.52 1.13 -17.45
CA LEU A 39 5.37 1.92 -17.84
C LEU A 39 5.61 3.36 -17.39
N SER A 40 4.86 3.79 -16.39
CA SER A 40 5.03 5.12 -15.83
C SER A 40 4.21 5.23 -14.58
N LYS A 41 4.62 6.09 -13.67
CA LYS A 41 3.85 6.36 -12.47
C LYS A 41 2.43 6.79 -12.84
N ARG A 42 2.31 7.41 -14.01
CA ARG A 42 1.03 7.84 -14.54
C ARG A 42 0.31 6.68 -15.23
N SER A 43 1.08 5.70 -15.68
CA SER A 43 0.52 4.55 -16.38
C SER A 43 -0.01 3.50 -15.40
N ILE A 44 0.82 3.10 -14.43
CA ILE A 44 0.43 2.07 -13.49
C ILE A 44 -0.68 2.56 -12.57
N GLU A 45 -0.74 3.86 -12.37
CA GLU A 45 -1.82 4.44 -11.58
C GLU A 45 -3.17 4.04 -12.18
N TYR A 46 -3.23 3.94 -13.50
CA TYR A 46 -4.43 3.47 -14.19
C TYR A 46 -4.68 2.01 -13.85
N SER A 47 -3.60 1.28 -13.63
CA SER A 47 -3.70 -0.13 -13.27
C SER A 47 -4.11 -0.27 -11.80
N LEU A 48 -3.54 0.57 -10.94
CA LEU A 48 -3.86 0.53 -9.52
C LEU A 48 -5.30 0.95 -9.25
N THR A 49 -5.75 2.00 -9.92
CA THR A 49 -7.11 2.50 -9.73
C THR A 49 -8.12 1.47 -10.20
N SER A 50 -7.71 0.64 -11.15
CA SER A 50 -8.59 -0.40 -11.67
C SER A 50 -8.45 -1.68 -10.85
N ILE A 51 -7.26 -1.92 -10.32
CA ILE A 51 -7.04 -3.04 -9.41
C ILE A 51 -7.87 -2.85 -8.14
N PHE A 52 -8.15 -1.58 -7.83
CA PHE A 52 -9.11 -1.22 -6.82
C PHE A 52 -10.41 -2.01 -7.04
N ASN A 53 -10.86 -2.05 -8.28
CA ASN A 53 -12.08 -2.76 -8.63
C ASN A 53 -11.83 -4.27 -8.75
N LYS A 54 -10.79 -4.63 -9.50
CA LYS A 54 -10.50 -6.04 -9.80
C LYS A 54 -10.23 -6.86 -8.54
N LEU A 55 -9.34 -6.37 -7.69
CA LEU A 55 -8.90 -7.12 -6.52
C LEU A 55 -9.71 -6.69 -5.29
N ASN A 56 -10.67 -5.80 -5.49
CA ASN A 56 -11.47 -5.22 -4.39
C ASN A 56 -10.61 -4.31 -3.52
N VAL A 57 -9.41 -4.06 -4.03
CA VAL A 57 -8.42 -3.19 -3.40
C VAL A 57 -8.97 -1.77 -3.17
N GLY A 58 -8.54 -1.14 -2.08
CA GLY A 58 -9.07 0.17 -1.71
C GLY A 58 -8.50 1.33 -2.51
N SER A 59 -7.39 1.09 -3.21
CA SER A 59 -6.75 2.09 -4.06
C SER A 59 -5.39 1.57 -4.53
N ARG A 60 -4.76 0.80 -3.65
CA ARG A 60 -3.39 0.30 -3.85
C ARG A 60 -2.90 -0.32 -2.56
N THR A 61 -3.29 0.31 -1.46
CA THR A 61 -2.93 -0.15 -0.12
C THR A 61 -3.32 -1.63 0.07
N GLU A 62 -4.45 -2.04 -0.50
CA GLU A 62 -4.87 -3.43 -0.38
C GLU A 62 -4.12 -4.30 -1.35
N ALA A 63 -3.71 -3.72 -2.46
CA ALA A 63 -3.00 -4.47 -3.48
C ALA A 63 -1.73 -5.05 -2.89
N VAL A 64 -1.07 -4.24 -2.09
CA VAL A 64 0.12 -4.68 -1.37
C VAL A 64 -0.23 -5.42 -0.06
N LEU A 65 -1.33 -5.02 0.60
CA LEU A 65 -1.72 -5.63 1.89
C LEU A 65 -2.28 -7.05 1.71
N ILE A 66 -3.33 -7.16 0.92
CA ILE A 66 -4.08 -8.41 0.75
C ILE A 66 -3.18 -9.54 0.27
N ALA A 67 -2.17 -9.21 -0.50
CA ALA A 67 -1.22 -10.21 -0.96
C ALA A 67 -0.58 -10.94 0.22
N LYS A 68 -0.04 -10.18 1.17
CA LYS A 68 0.55 -10.77 2.36
C LYS A 68 -0.51 -11.54 3.15
N SER A 69 -1.67 -10.92 3.29
CA SER A 69 -2.80 -11.56 3.98
C SER A 69 -3.10 -12.93 3.38
N ASP A 70 -3.07 -12.99 2.06
CA ASP A 70 -3.45 -14.20 1.33
C ASP A 70 -2.33 -15.22 1.43
N GLY A 71 -1.12 -14.72 1.55
CA GLY A 71 0.02 -15.60 1.69
C GLY A 71 0.95 -15.55 0.49
N VAL A 72 0.89 -14.44 -0.25
CA VAL A 72 1.75 -14.26 -1.40
C VAL A 72 3.19 -13.99 -0.94
N LEU A 73 3.44 -12.80 -0.41
CA LEU A 73 4.72 -12.46 0.16
C LEU A 73 4.54 -11.92 1.57
N SER B 5 12.46 2.69 20.38
CA SER B 5 13.12 3.53 19.40
C SER B 5 13.60 2.67 18.24
N SER B 6 14.42 1.67 18.54
CA SER B 6 14.86 0.71 17.55
C SER B 6 14.05 -0.58 17.68
N GLN B 7 13.35 -0.70 18.80
CA GLN B 7 12.50 -1.86 19.06
C GLN B 7 11.44 -2.01 17.99
N LYS B 8 10.62 -0.98 17.83
CA LYS B 8 9.57 -0.98 16.82
C LYS B 8 9.87 0.07 15.77
N GLU B 9 9.10 0.05 14.69
CA GLU B 9 9.25 1.05 13.63
C GLU B 9 7.89 1.59 13.20
N GLN B 10 6.89 0.73 13.19
CA GLN B 10 5.54 1.12 12.77
C GLN B 10 4.78 1.84 13.89
N ASP B 11 5.19 1.60 15.12
CA ASP B 11 4.47 2.12 16.28
C ASP B 11 5.34 3.09 17.05
N VAL B 12 6.63 3.05 16.75
CA VAL B 12 7.58 3.98 17.33
C VAL B 12 7.41 5.35 16.68
N LEU B 13 6.67 5.35 15.57
CA LEU B 13 6.36 6.56 14.83
C LEU B 13 5.58 7.55 15.70
N THR B 14 5.34 8.75 15.18
CA THR B 14 4.64 9.76 15.94
C THR B 14 3.16 9.40 16.02
N PRO B 15 2.42 9.98 16.98
CA PRO B 15 0.99 9.70 17.16
C PRO B 15 0.23 9.65 15.83
N ARG B 16 0.34 10.70 15.04
CA ARG B 16 -0.37 10.76 13.78
C ARG B 16 0.15 9.73 12.80
N GLU B 17 1.46 9.69 12.63
CA GLU B 17 2.09 8.74 11.72
C GLU B 17 1.71 7.30 12.04
N CYS B 18 1.52 7.00 13.32
CA CYS B 18 1.05 5.69 13.73
C CYS B 18 -0.41 5.50 13.31
N LEU B 19 -1.21 6.57 13.45
CA LEU B 19 -2.58 6.58 12.98
C LEU B 19 -2.63 6.43 11.47
N ILE B 20 -1.67 7.06 10.80
CA ILE B 20 -1.55 6.96 9.37
C ILE B 20 -1.41 5.50 8.98
N LEU B 21 -0.43 4.83 9.59
CA LEU B 21 -0.16 3.44 9.31
C LEU B 21 -1.40 2.59 9.51
N GLN B 22 -2.01 2.65 10.69
CA GLN B 22 -3.17 1.82 10.97
C GLN B 22 -4.25 1.99 9.90
N GLU B 23 -4.42 3.20 9.39
CA GLU B 23 -5.43 3.44 8.37
C GLU B 23 -4.99 2.91 6.99
N VAL B 24 -3.70 2.89 6.69
CA VAL B 24 -3.23 2.26 5.44
C VAL B 24 -3.23 0.75 5.59
N GLU B 25 -2.54 0.27 6.61
CA GLU B 25 -2.41 -1.14 6.87
C GLU B 25 -3.78 -1.78 7.13
N LYS B 26 -4.75 -0.92 7.46
CA LYS B 26 -6.14 -1.31 7.56
C LYS B 26 -6.60 -2.09 6.34
N GLY B 27 -6.21 -1.62 5.17
CA GLY B 27 -6.66 -2.23 3.96
C GLY B 27 -7.67 -1.34 3.25
N PHE B 28 -7.35 -0.07 3.16
CA PHE B 28 -8.10 0.86 2.33
C PHE B 28 -7.14 1.69 1.51
N THR B 29 -6.44 2.61 2.17
CA THR B 29 -5.44 3.48 1.52
C THR B 29 -5.30 4.81 2.26
N ASN B 30 -4.36 5.63 1.79
CA ASN B 30 -4.07 6.94 2.38
C ASN B 30 -5.30 7.83 2.36
N GLN B 31 -6.14 7.64 1.35
CA GLN B 31 -7.37 8.39 1.20
C GLN B 31 -8.31 8.12 2.37
N GLU B 32 -8.29 6.89 2.89
CA GLU B 32 -9.11 6.55 4.03
C GLU B 32 -8.47 7.11 5.29
N ILE B 33 -7.15 7.19 5.30
CA ILE B 33 -6.42 7.85 6.40
C ILE B 33 -6.85 9.31 6.51
N ALA B 34 -6.73 10.04 5.41
CA ALA B 34 -7.25 11.39 5.32
C ALA B 34 -8.67 11.47 5.83
N ASP B 35 -9.49 10.56 5.37
CA ASP B 35 -10.90 10.54 5.73
C ASP B 35 -11.08 10.14 7.21
N ALA B 36 -10.11 9.41 7.74
CA ALA B 36 -10.18 8.93 9.11
C ALA B 36 -9.74 10.01 10.09
N LEU B 37 -8.66 10.69 9.76
CA LEU B 37 -8.16 11.78 10.60
C LEU B 37 -8.97 13.02 10.30
N HIS B 38 -9.64 12.99 9.15
CA HIS B 38 -10.49 14.09 8.68
C HIS B 38 -9.60 15.22 8.22
N LEU B 39 -8.44 14.81 7.76
CA LEU B 39 -7.52 15.69 7.08
C LEU B 39 -7.94 15.79 5.63
N SER B 40 -7.04 15.42 4.74
CA SER B 40 -7.32 15.42 3.32
C SER B 40 -6.36 14.51 2.62
N LYS B 41 -6.76 14.02 1.46
CA LYS B 41 -5.89 13.20 0.62
C LYS B 41 -4.62 13.98 0.28
N ARG B 42 -4.75 15.30 0.26
CA ARG B 42 -3.62 16.18 0.02
C ARG B 42 -2.80 16.39 1.29
N SER B 43 -3.46 16.21 2.42
CA SER B 43 -2.82 16.36 3.73
C SER B 43 -2.02 15.11 4.11
N ILE B 44 -2.67 13.95 4.10
CA ILE B 44 -2.01 12.72 4.50
C ILE B 44 -0.91 12.33 3.54
N GLU B 45 -1.02 12.76 2.30
CA GLU B 45 0.01 12.51 1.31
C GLU B 45 1.35 13.06 1.80
N TYR B 46 1.28 14.18 2.51
CA TYR B 46 2.46 14.79 3.10
C TYR B 46 2.98 13.94 4.27
N SER B 47 2.09 13.15 4.84
CA SER B 47 2.46 12.24 5.92
C SER B 47 3.02 10.95 5.34
N LEU B 48 2.36 10.42 4.30
CA LEU B 48 2.83 9.21 3.64
C LEU B 48 4.20 9.41 3.00
N THR B 49 4.37 10.54 2.32
CA THR B 49 5.62 10.84 1.65
C THR B 49 6.76 10.95 2.64
N SER B 50 6.45 11.32 3.87
CA SER B 50 7.47 11.45 4.89
C SER B 50 7.60 10.16 5.69
N ILE B 51 6.52 9.38 5.76
CA ILE B 51 6.58 8.05 6.36
C ILE B 51 7.46 7.15 5.52
N PHE B 52 7.51 7.47 4.23
CA PHE B 52 8.50 6.91 3.32
C PHE B 52 9.90 7.03 3.94
N ASN B 53 10.15 8.16 4.57
CA ASN B 53 11.42 8.39 5.26
C ASN B 53 11.43 7.72 6.64
N LYS B 54 10.42 8.03 7.47
CA LYS B 54 10.37 7.55 8.86
C LYS B 54 10.40 6.02 8.97
N LEU B 55 9.49 5.37 8.26
CA LEU B 55 9.29 3.93 8.41
C LEU B 55 10.17 3.17 7.42
N ASN B 56 10.94 3.92 6.62
CA ASN B 56 11.74 3.37 5.51
C ASN B 56 10.83 2.87 4.39
N VAL B 57 9.55 3.16 4.55
CA VAL B 57 8.51 2.84 3.59
C VAL B 57 8.83 3.38 2.20
N GLY B 58 8.41 2.64 1.17
CA GLY B 58 8.73 3.02 -0.21
C GLY B 58 7.94 4.23 -0.70
N SER B 59 6.77 4.46 -0.12
CA SER B 59 5.90 5.59 -0.49
C SER B 59 4.60 5.55 0.31
N ARG B 60 4.15 4.33 0.58
CA ARG B 60 2.84 4.08 1.19
C ARG B 60 2.57 2.59 1.17
N THR B 61 3.03 1.94 0.11
CA THR B 61 2.89 0.51 -0.05
C THR B 61 3.50 -0.24 1.14
N GLU B 62 4.65 0.23 1.61
CA GLU B 62 5.31 -0.43 2.73
C GLU B 62 4.62 -0.09 4.02
N ALA B 63 4.00 1.08 4.06
CA ALA B 63 3.32 1.53 5.26
C ALA B 63 2.23 0.53 5.61
N VAL B 64 1.51 0.10 4.59
CA VAL B 64 0.49 -0.92 4.77
C VAL B 64 1.08 -2.35 4.78
N LEU B 65 2.16 -2.58 4.02
CA LEU B 65 2.77 -3.92 3.91
C LEU B 65 3.54 -4.33 5.17
N ILE B 66 4.51 -3.50 5.55
CA ILE B 66 5.42 -3.81 6.65
C ILE B 66 4.68 -4.00 7.96
N ALA B 67 3.54 -3.34 8.09
CA ALA B 67 2.70 -3.51 9.26
C ALA B 67 2.33 -4.98 9.45
N LYS B 68 1.80 -5.58 8.39
CA LYS B 68 1.42 -6.99 8.44
C LYS B 68 2.63 -7.86 8.70
N SER B 69 3.68 -7.64 7.93
CA SER B 69 4.89 -8.44 8.05
C SER B 69 5.52 -8.32 9.45
N ASP B 70 5.28 -7.18 10.11
CA ASP B 70 5.77 -6.94 11.46
C ASP B 70 4.90 -7.69 12.43
N GLY B 71 3.62 -7.75 12.10
CA GLY B 71 2.67 -8.44 12.93
C GLY B 71 1.68 -7.49 13.57
N VAL B 72 1.37 -6.41 12.87
CA VAL B 72 0.39 -5.45 13.35
C VAL B 72 -1.03 -5.96 13.04
N LEU B 73 -1.36 -6.03 11.76
CA LEU B 73 -2.64 -6.58 11.34
C LEU B 73 -2.44 -7.52 10.14
N SER A 5 -8.10 -20.62 -10.13
CA SER A 5 -8.48 -19.58 -11.07
C SER A 5 -9.31 -18.51 -10.37
N SER A 6 -10.62 -18.52 -10.57
CA SER A 6 -11.50 -17.50 -9.99
C SER A 6 -11.58 -17.65 -8.47
N GLN A 7 -10.92 -18.67 -7.95
CA GLN A 7 -10.79 -18.85 -6.52
C GLN A 7 -9.87 -17.79 -5.96
N LYS A 8 -8.72 -17.60 -6.60
CA LYS A 8 -7.83 -16.50 -6.28
C LYS A 8 -8.40 -15.17 -6.76
N GLU A 9 -7.75 -14.08 -6.38
CA GLU A 9 -8.15 -12.76 -6.85
C GLU A 9 -6.94 -11.89 -7.19
N GLN A 10 -5.85 -12.07 -6.45
CA GLN A 10 -4.63 -11.28 -6.69
C GLN A 10 -3.83 -11.81 -7.86
N ASP A 11 -3.94 -13.10 -8.11
CA ASP A 11 -3.10 -13.76 -9.12
C ASP A 11 -3.93 -14.20 -10.31
N VAL A 12 -5.24 -14.22 -10.12
CA VAL A 12 -6.17 -14.52 -11.19
C VAL A 12 -6.29 -13.30 -12.10
N LEU A 13 -5.77 -12.19 -11.60
CA LEU A 13 -5.74 -10.93 -12.32
C LEU A 13 -5.03 -11.08 -13.67
N THR A 14 -5.08 -10.03 -14.47
CA THR A 14 -4.45 -10.04 -15.78
C THR A 14 -2.93 -10.08 -15.62
N PRO A 15 -2.19 -10.47 -16.66
CA PRO A 15 -0.73 -10.50 -16.63
C PRO A 15 -0.15 -9.26 -15.99
N ARG A 16 -0.59 -8.09 -16.47
CA ARG A 16 -0.10 -6.83 -15.94
C ARG A 16 -0.51 -6.65 -14.49
N GLU A 17 -1.81 -6.79 -14.21
CA GLU A 17 -2.33 -6.60 -12.86
C GLU A 17 -1.64 -7.50 -11.84
N CYS A 18 -1.32 -8.72 -12.25
CA CYS A 18 -0.55 -9.62 -11.40
C CYS A 18 0.85 -9.06 -11.16
N LEU A 19 1.46 -8.53 -12.21
CA LEU A 19 2.77 -7.89 -12.10
C LEU A 19 2.66 -6.62 -11.25
N ILE A 20 1.53 -5.93 -11.37
CA ILE A 20 1.28 -4.75 -10.57
C ILE A 20 1.35 -5.13 -9.11
N LEU A 21 0.56 -6.12 -8.72
CA LEU A 21 0.51 -6.58 -7.33
C LEU A 21 1.89 -6.93 -6.83
N GLN A 22 2.58 -7.82 -7.52
CA GLN A 22 3.89 -8.28 -7.05
C GLN A 22 4.80 -7.09 -6.79
N GLU A 23 4.72 -6.06 -7.62
CA GLU A 23 5.55 -4.88 -7.43
C GLU A 23 5.10 -4.01 -6.24
N VAL A 24 3.79 -3.95 -5.96
CA VAL A 24 3.33 -3.25 -4.75
C VAL A 24 3.60 -4.09 -3.51
N GLU A 25 3.08 -5.32 -3.51
CA GLU A 25 3.23 -6.23 -2.39
C GLU A 25 4.72 -6.49 -2.11
N LYS A 26 5.54 -6.23 -3.12
CA LYS A 26 6.99 -6.27 -2.98
C LYS A 26 7.45 -5.50 -1.76
N GLY A 27 6.91 -4.30 -1.61
CA GLY A 27 7.37 -3.44 -0.57
C GLY A 27 8.15 -2.26 -1.13
N PHE A 28 7.57 -1.62 -2.12
CA PHE A 28 8.04 -0.34 -2.60
C PHE A 28 6.85 0.58 -2.81
N THR A 29 6.27 0.53 -4.00
CA THR A 29 5.04 1.27 -4.28
C THR A 29 4.69 1.20 -5.77
N ASN A 30 3.60 1.86 -6.14
CA ASN A 30 3.15 1.91 -7.53
C ASN A 30 4.24 2.48 -8.44
N GLN A 31 5.04 3.38 -7.91
CA GLN A 31 6.13 3.99 -8.66
C GLN A 31 7.15 2.93 -9.06
N GLU A 32 7.35 1.94 -8.20
CA GLU A 32 8.27 0.86 -8.47
C GLU A 32 7.66 -0.06 -9.52
N ILE A 33 6.34 -0.22 -9.45
CA ILE A 33 5.61 -0.96 -10.49
C ILE A 33 5.81 -0.31 -11.86
N ALA A 34 5.57 1.00 -11.92
CA ALA A 34 5.86 1.77 -13.12
C ALA A 34 7.26 1.51 -13.62
N ASP A 35 8.21 1.51 -12.68
CA ASP A 35 9.60 1.24 -13.01
C ASP A 35 9.78 -0.19 -13.51
N ALA A 36 9.00 -1.09 -12.94
CA ALA A 36 9.12 -2.51 -13.26
C ALA A 36 8.53 -2.82 -14.62
N LEU A 37 7.36 -2.26 -14.91
CA LEU A 37 6.69 -2.52 -16.18
C LEU A 37 7.24 -1.60 -17.24
N HIS A 38 7.89 -0.52 -16.80
CA HIS A 38 8.49 0.48 -17.67
C HIS A 38 7.40 1.38 -18.22
N LEU A 39 6.33 1.47 -17.44
CA LEU A 39 5.21 2.33 -17.75
C LEU A 39 5.49 3.74 -17.26
N SER A 40 4.76 4.16 -16.23
CA SER A 40 4.96 5.43 -15.58
C SER A 40 4.13 5.45 -14.33
N LYS A 41 4.52 6.28 -13.38
CA LYS A 41 3.79 6.39 -12.12
C LYS A 41 2.35 6.80 -12.39
N ARG A 42 2.13 7.49 -13.49
CA ARG A 42 0.80 7.89 -13.89
C ARG A 42 0.09 6.76 -14.63
N SER A 43 0.88 5.93 -15.32
CA SER A 43 0.32 4.84 -16.11
C SER A 43 -0.12 3.68 -15.21
N ILE A 44 0.73 3.29 -14.27
CA ILE A 44 0.40 2.17 -13.38
C ILE A 44 -0.70 2.55 -12.41
N GLU A 45 -0.76 3.82 -12.05
CA GLU A 45 -1.83 4.31 -11.18
C GLU A 45 -3.19 4.00 -11.81
N TYR A 46 -3.25 4.17 -13.12
CA TYR A 46 -4.42 3.81 -13.91
C TYR A 46 -4.72 2.31 -13.78
N SER A 47 -3.68 1.53 -13.53
CA SER A 47 -3.84 0.09 -13.34
C SER A 47 -4.17 -0.22 -11.87
N LEU A 48 -3.57 0.54 -10.95
CA LEU A 48 -3.85 0.40 -9.51
C LEU A 48 -5.31 0.73 -9.22
N THR A 49 -5.81 1.80 -9.82
CA THR A 49 -7.20 2.20 -9.66
C THR A 49 -8.12 1.13 -10.26
N SER A 50 -7.60 0.40 -11.22
CA SER A 50 -8.34 -0.71 -11.82
C SER A 50 -8.28 -1.92 -10.91
N ILE A 51 -7.15 -2.09 -10.25
CA ILE A 51 -6.98 -3.17 -9.29
C ILE A 51 -7.85 -2.93 -8.06
N PHE A 52 -8.13 -1.67 -7.78
CA PHE A 52 -9.12 -1.29 -6.78
C PHE A 52 -10.44 -2.03 -7.05
N ASN A 53 -10.80 -2.09 -8.32
CA ASN A 53 -12.01 -2.79 -8.74
C ASN A 53 -11.76 -4.30 -8.83
N LYS A 54 -10.71 -4.68 -9.53
CA LYS A 54 -10.43 -6.09 -9.83
C LYS A 54 -10.14 -6.92 -8.57
N LEU A 55 -9.24 -6.42 -7.74
CA LEU A 55 -8.78 -7.17 -6.57
C LEU A 55 -9.61 -6.81 -5.34
N ASN A 56 -10.61 -5.94 -5.55
CA ASN A 56 -11.46 -5.43 -4.46
C ASN A 56 -10.62 -4.57 -3.52
N VAL A 57 -9.44 -4.23 -4.01
CA VAL A 57 -8.49 -3.36 -3.34
C VAL A 57 -9.07 -1.95 -3.10
N GLY A 58 -8.61 -1.29 -2.05
CA GLY A 58 -9.10 0.06 -1.73
C GLY A 58 -8.58 1.13 -2.67
N SER A 59 -7.38 0.92 -3.21
CA SER A 59 -6.78 1.84 -4.19
C SER A 59 -5.40 1.33 -4.60
N ARG A 60 -4.74 0.65 -3.67
CA ARG A 60 -3.35 0.22 -3.83
C ARG A 60 -2.86 -0.38 -2.53
N THR A 61 -3.30 0.24 -1.44
CA THR A 61 -2.94 -0.21 -0.11
C THR A 61 -3.33 -1.67 0.11
N GLU A 62 -4.47 -2.08 -0.44
CA GLU A 62 -4.90 -3.47 -0.30
C GLU A 62 -4.16 -4.35 -1.29
N ALA A 63 -3.74 -3.76 -2.39
CA ALA A 63 -3.02 -4.51 -3.41
C ALA A 63 -1.76 -5.10 -2.81
N VAL A 64 -1.07 -4.29 -2.02
CA VAL A 64 0.11 -4.74 -1.31
C VAL A 64 -0.26 -5.49 0.00
N LEU A 65 -1.35 -5.09 0.65
CA LEU A 65 -1.76 -5.69 1.93
C LEU A 65 -2.32 -7.11 1.77
N ILE A 66 -3.37 -7.23 0.96
CA ILE A 66 -4.11 -8.49 0.81
C ILE A 66 -3.22 -9.62 0.33
N ALA A 67 -2.19 -9.28 -0.44
CA ALA A 67 -1.24 -10.27 -0.90
C ALA A 67 -0.62 -11.02 0.27
N LYS A 68 -0.08 -10.27 1.23
CA LYS A 68 0.49 -10.88 2.43
C LYS A 68 -0.58 -11.62 3.20
N SER A 69 -1.74 -11.01 3.31
CA SER A 69 -2.88 -11.62 4.00
C SER A 69 -3.15 -13.02 3.44
N ASP A 70 -3.08 -13.15 2.11
CA ASP A 70 -3.34 -14.42 1.44
C ASP A 70 -2.12 -15.32 1.52
N GLY A 71 -0.96 -14.70 1.65
CA GLY A 71 0.27 -15.46 1.79
C GLY A 71 1.12 -15.41 0.53
N VAL A 72 0.83 -14.45 -0.34
CA VAL A 72 1.59 -14.28 -1.57
C VAL A 72 3.05 -13.99 -1.23
N LEU A 73 3.25 -13.00 -0.38
CA LEU A 73 4.56 -12.72 0.18
C LEU A 73 4.45 -12.54 1.69
N SER B 5 10.06 0.86 22.16
CA SER B 5 10.17 2.22 21.66
C SER B 5 10.89 2.22 20.31
N SER B 6 12.17 2.61 20.30
CA SER B 6 12.94 2.71 19.06
C SER B 6 13.19 1.32 18.47
N GLN B 7 12.82 0.30 19.23
CA GLN B 7 12.84 -1.07 18.74
C GLN B 7 11.87 -1.22 17.57
N LYS B 8 10.64 -0.75 17.78
CA LYS B 8 9.66 -0.70 16.72
C LYS B 8 9.99 0.39 15.71
N GLU B 9 9.28 0.39 14.60
CA GLU B 9 9.46 1.43 13.59
C GLU B 9 8.12 1.97 13.12
N GLN B 10 7.11 1.10 13.04
CA GLN B 10 5.77 1.50 12.58
C GLN B 10 4.98 2.17 13.70
N ASP B 11 5.27 1.78 14.94
CA ASP B 11 4.46 2.19 16.08
C ASP B 11 5.18 3.24 16.90
N VAL B 12 6.50 3.25 16.76
CA VAL B 12 7.33 4.23 17.42
C VAL B 12 7.14 5.60 16.77
N LEU B 13 6.55 5.58 15.58
CA LEU B 13 6.25 6.78 14.83
C LEU B 13 5.43 7.77 15.64
N THR B 14 5.26 8.97 15.12
CA THR B 14 4.53 10.00 15.84
C THR B 14 3.05 9.66 15.87
N PRO B 15 2.28 10.27 16.79
CA PRO B 15 0.85 10.02 16.92
C PRO B 15 0.13 9.93 15.58
N ARG B 16 0.30 10.94 14.74
CA ARG B 16 -0.37 10.95 13.46
C ARG B 16 0.17 9.86 12.56
N GLU B 17 1.48 9.77 12.43
CA GLU B 17 2.12 8.76 11.60
C GLU B 17 1.67 7.35 11.96
N CYS B 18 1.51 7.09 13.25
CA CYS B 18 1.00 5.81 13.72
C CYS B 18 -0.45 5.62 13.26
N LEU B 19 -1.24 6.68 13.35
CA LEU B 19 -2.63 6.65 12.89
C LEU B 19 -2.65 6.48 11.37
N ILE B 20 -1.69 7.11 10.69
CA ILE B 20 -1.55 6.98 9.26
C ILE B 20 -1.41 5.51 8.91
N LEU B 21 -0.44 4.84 9.53
CA LEU B 21 -0.18 3.44 9.26
C LEU B 21 -1.41 2.61 9.47
N GLN B 22 -2.01 2.69 10.65
CA GLN B 22 -3.16 1.85 10.95
C GLN B 22 -4.25 2.02 9.88
N GLU B 23 -4.40 3.23 9.35
CA GLU B 23 -5.40 3.47 8.32
C GLU B 23 -4.96 2.90 6.94
N VAL B 24 -3.67 2.89 6.64
CA VAL B 24 -3.20 2.23 5.41
C VAL B 24 -3.21 0.72 5.57
N GLU B 25 -2.52 0.26 6.61
CA GLU B 25 -2.40 -1.16 6.90
C GLU B 25 -3.79 -1.76 7.11
N LYS B 26 -4.73 -0.90 7.48
CA LYS B 26 -6.15 -1.24 7.58
C LYS B 26 -6.59 -2.06 6.39
N GLY B 27 -6.28 -1.57 5.21
CA GLY B 27 -6.76 -2.18 4.01
C GLY B 27 -7.77 -1.30 3.31
N PHE B 28 -7.39 -0.05 3.13
CA PHE B 28 -8.13 0.86 2.26
C PHE B 28 -7.15 1.66 1.42
N THR B 29 -6.47 2.61 2.05
CA THR B 29 -5.53 3.50 1.38
C THR B 29 -5.35 4.83 2.13
N ASN B 30 -4.40 5.63 1.65
CA ASN B 30 -4.10 6.93 2.25
C ASN B 30 -5.34 7.82 2.27
N GLN B 31 -6.21 7.63 1.31
CA GLN B 31 -7.44 8.40 1.19
C GLN B 31 -8.36 8.13 2.37
N GLU B 32 -8.34 6.90 2.87
CA GLU B 32 -9.15 6.56 4.02
C GLU B 32 -8.48 7.12 5.27
N ILE B 33 -7.15 7.22 5.24
CA ILE B 33 -6.41 7.90 6.31
C ILE B 33 -6.84 9.35 6.39
N ALA B 34 -6.80 10.04 5.25
CA ALA B 34 -7.33 11.39 5.16
C ALA B 34 -8.73 11.49 5.76
N ASP B 35 -9.57 10.54 5.40
CA ASP B 35 -10.94 10.49 5.90
C ASP B 35 -10.95 10.23 7.39
N ALA B 36 -9.98 9.46 7.86
CA ALA B 36 -9.91 9.06 9.26
C ALA B 36 -9.40 10.20 10.14
N LEU B 37 -8.39 10.91 9.67
CA LEU B 37 -7.82 12.01 10.45
C LEU B 37 -8.59 13.29 10.19
N HIS B 38 -9.35 13.30 9.08
CA HIS B 38 -10.14 14.44 8.68
C HIS B 38 -9.22 15.49 8.09
N LEU B 39 -8.17 14.99 7.45
CA LEU B 39 -7.24 15.82 6.74
C LEU B 39 -7.69 15.97 5.31
N SER B 40 -6.94 15.36 4.41
CA SER B 40 -7.26 15.34 3.00
C SER B 40 -6.33 14.37 2.31
N LYS B 41 -6.75 13.86 1.17
CA LYS B 41 -5.93 12.94 0.41
C LYS B 41 -4.61 13.60 0.04
N ARG B 42 -4.65 14.92 -0.09
CA ARG B 42 -3.45 15.69 -0.41
C ARG B 42 -2.66 15.98 0.86
N SER B 43 -3.35 16.00 1.99
CA SER B 43 -2.72 16.30 3.28
C SER B 43 -1.99 15.07 3.84
N ILE B 44 -2.67 13.91 3.85
CA ILE B 44 -2.06 12.70 4.38
C ILE B 44 -0.93 12.21 3.49
N GLU B 45 -1.04 12.48 2.21
CA GLU B 45 0.01 12.09 1.26
C GLU B 45 1.33 12.74 1.68
N TYR B 46 1.25 13.94 2.23
CA TYR B 46 2.42 14.63 2.77
C TYR B 46 2.94 13.92 4.02
N SER B 47 2.06 13.16 4.66
CA SER B 47 2.47 12.36 5.81
C SER B 47 3.01 11.00 5.33
N LEU B 48 2.40 10.45 4.30
CA LEU B 48 2.85 9.18 3.71
C LEU B 48 4.24 9.32 3.10
N THR B 49 4.48 10.44 2.42
CA THR B 49 5.78 10.73 1.84
C THR B 49 6.82 10.88 2.96
N SER B 50 6.36 11.26 4.13
CA SER B 50 7.22 11.40 5.28
C SER B 50 7.46 10.03 5.91
N ILE B 51 6.40 9.22 5.97
CA ILE B 51 6.49 7.87 6.49
C ILE B 51 7.41 7.02 5.62
N PHE B 52 7.53 7.43 4.37
CA PHE B 52 8.51 6.88 3.45
C PHE B 52 9.90 6.87 4.12
N ASN B 53 10.28 8.02 4.69
CA ASN B 53 11.56 8.12 5.37
C ASN B 53 11.51 7.53 6.78
N LYS B 54 10.46 7.88 7.53
CA LYS B 54 10.34 7.48 8.93
C LYS B 54 10.30 5.97 9.10
N LEU B 55 9.43 5.31 8.36
CA LEU B 55 9.20 3.89 8.51
C LEU B 55 10.06 3.10 7.52
N ASN B 56 10.92 3.81 6.79
CA ASN B 56 11.74 3.21 5.72
C ASN B 56 10.86 2.75 4.57
N VAL B 57 9.58 3.10 4.67
CA VAL B 57 8.57 2.79 3.67
C VAL B 57 8.91 3.34 2.27
N GLY B 58 8.47 2.64 1.24
CA GLY B 58 8.79 3.01 -0.13
C GLY B 58 7.92 4.13 -0.69
N SER B 59 6.88 4.51 0.06
CA SER B 59 5.96 5.60 -0.32
C SER B 59 4.69 5.52 0.50
N ARG B 60 4.24 4.29 0.72
CA ARG B 60 2.97 3.99 1.37
C ARG B 60 2.69 2.50 1.30
N THR B 61 3.10 1.89 0.20
CA THR B 61 2.94 0.46 0.01
C THR B 61 3.56 -0.32 1.18
N GLU B 62 4.71 0.14 1.66
CA GLU B 62 5.37 -0.53 2.77
C GLU B 62 4.69 -0.18 4.07
N ALA B 63 4.07 0.98 4.10
CA ALA B 63 3.38 1.43 5.30
C ALA B 63 2.30 0.43 5.66
N VAL B 64 1.57 -0.01 4.66
CA VAL B 64 0.56 -1.04 4.82
C VAL B 64 1.18 -2.47 4.82
N LEU B 65 2.25 -2.67 4.05
CA LEU B 65 2.87 -4.01 3.93
C LEU B 65 3.61 -4.42 5.20
N ILE B 66 4.58 -3.59 5.60
CA ILE B 66 5.47 -3.91 6.72
C ILE B 66 4.70 -4.09 8.02
N ALA B 67 3.56 -3.43 8.12
CA ALA B 67 2.70 -3.59 9.29
C ALA B 67 2.33 -5.06 9.48
N LYS B 68 1.81 -5.68 8.43
CA LYS B 68 1.46 -7.10 8.49
C LYS B 68 2.69 -7.95 8.69
N SER B 69 3.75 -7.58 7.99
CA SER B 69 5.03 -8.27 8.10
C SER B 69 5.48 -8.38 9.57
N ASP B 70 5.29 -7.29 10.32
CA ASP B 70 5.67 -7.25 11.73
C ASP B 70 4.62 -7.95 12.58
N GLY B 71 3.39 -7.91 12.09
CA GLY B 71 2.30 -8.54 12.79
C GLY B 71 1.39 -7.53 13.46
N VAL B 72 1.38 -6.31 12.92
CA VAL B 72 0.51 -5.26 13.44
C VAL B 72 -0.95 -5.67 13.24
N LEU B 73 -1.32 -5.97 12.00
CA LEU B 73 -2.62 -6.56 11.72
C LEU B 73 -2.47 -8.05 11.43
N SER A 5 -10.05 -19.29 -10.35
CA SER A 5 -10.92 -18.12 -10.47
C SER A 5 -11.21 -17.57 -9.07
N SER A 6 -11.72 -18.43 -8.20
CA SER A 6 -12.00 -18.07 -6.83
C SER A 6 -10.92 -18.66 -5.92
N GLN A 7 -10.18 -19.64 -6.44
CA GLN A 7 -9.08 -20.27 -5.73
C GLN A 7 -8.03 -19.23 -5.36
N LYS A 8 -7.45 -18.61 -6.37
CA LYS A 8 -6.50 -17.54 -6.17
C LYS A 8 -7.16 -16.21 -6.43
N GLU A 9 -6.51 -15.14 -6.03
CA GLU A 9 -6.99 -13.81 -6.33
C GLU A 9 -5.84 -12.94 -6.83
N GLN A 10 -4.66 -13.09 -6.25
CA GLN A 10 -3.51 -12.26 -6.61
C GLN A 10 -2.86 -12.74 -7.89
N ASP A 11 -3.04 -14.02 -8.17
CA ASP A 11 -2.38 -14.64 -9.31
C ASP A 11 -3.43 -14.99 -10.35
N VAL A 12 -4.68 -14.83 -9.96
CA VAL A 12 -5.80 -15.03 -10.86
C VAL A 12 -6.04 -13.74 -11.63
N LEU A 13 -5.42 -12.68 -11.13
CA LEU A 13 -5.44 -11.38 -11.76
C LEU A 13 -4.89 -11.48 -13.19
N THR A 14 -5.02 -10.43 -13.98
CA THR A 14 -4.53 -10.45 -15.35
C THR A 14 -3.01 -10.38 -15.33
N PRO A 15 -2.32 -10.76 -16.42
CA PRO A 15 -0.86 -10.76 -16.48
C PRO A 15 -0.26 -9.49 -15.90
N ARG A 16 -0.71 -8.34 -16.39
CA ARG A 16 -0.17 -7.08 -15.92
C ARG A 16 -0.58 -6.82 -14.48
N GLU A 17 -1.87 -6.91 -14.20
CA GLU A 17 -2.39 -6.66 -12.85
C GLU A 17 -1.70 -7.54 -11.80
N CYS A 18 -1.31 -8.75 -12.19
CA CYS A 18 -0.58 -9.63 -11.30
C CYS A 18 0.83 -9.10 -11.08
N LEU A 19 1.46 -8.63 -12.16
CA LEU A 19 2.78 -8.00 -12.06
C LEU A 19 2.70 -6.72 -11.26
N ILE A 20 1.60 -6.00 -11.44
CA ILE A 20 1.35 -4.79 -10.68
C ILE A 20 1.41 -5.10 -9.20
N LEU A 21 0.63 -6.11 -8.78
CA LEU A 21 0.59 -6.52 -7.40
C LEU A 21 1.97 -6.85 -6.89
N GLN A 22 2.67 -7.75 -7.55
CA GLN A 22 3.98 -8.17 -7.06
C GLN A 22 4.90 -6.97 -6.83
N GLU A 23 4.80 -5.96 -7.68
CA GLU A 23 5.64 -4.77 -7.52
C GLU A 23 5.17 -3.88 -6.36
N VAL A 24 3.86 -3.82 -6.08
CA VAL A 24 3.40 -3.11 -4.87
C VAL A 24 3.70 -3.93 -3.63
N GLU A 25 3.18 -5.15 -3.62
CA GLU A 25 3.34 -6.05 -2.50
C GLU A 25 4.83 -6.31 -2.22
N LYS A 26 5.66 -6.03 -3.22
CA LYS A 26 7.11 -6.06 -3.07
C LYS A 26 7.55 -5.28 -1.84
N GLY A 27 6.97 -4.10 -1.66
CA GLY A 27 7.40 -3.24 -0.60
C GLY A 27 8.10 -2.02 -1.15
N PHE A 28 7.53 -1.43 -2.18
CA PHE A 28 7.98 -0.16 -2.70
C PHE A 28 6.78 0.74 -2.93
N THR A 29 6.20 0.69 -4.13
CA THR A 29 4.97 1.43 -4.43
C THR A 29 4.60 1.31 -5.91
N ASN A 30 3.45 1.89 -6.28
CA ASN A 30 3.02 1.92 -7.67
C ASN A 30 4.05 2.58 -8.57
N GLN A 31 4.86 3.47 -7.99
CA GLN A 31 5.90 4.16 -8.73
C GLN A 31 6.95 3.15 -9.18
N GLU A 32 7.19 2.18 -8.33
CA GLU A 32 8.14 1.12 -8.60
C GLU A 32 7.57 0.19 -9.65
N ILE A 33 6.26 -0.06 -9.58
CA ILE A 33 5.57 -0.85 -10.61
C ILE A 33 5.75 -0.23 -11.99
N ALA A 34 5.42 1.06 -12.10
CA ALA A 34 5.66 1.82 -13.33
C ALA A 34 7.08 1.66 -13.81
N ASP A 35 8.00 1.84 -12.87
CA ASP A 35 9.43 1.73 -13.15
C ASP A 35 9.79 0.29 -13.56
N ALA A 36 9.01 -0.66 -13.07
CA ALA A 36 9.27 -2.07 -13.30
C ALA A 36 8.74 -2.54 -14.65
N LEU A 37 7.52 -2.12 -14.98
CA LEU A 37 6.89 -2.51 -16.24
C LEU A 37 7.30 -1.56 -17.34
N HIS A 38 7.89 -0.43 -16.93
CA HIS A 38 8.38 0.58 -17.86
C HIS A 38 7.17 1.32 -18.43
N LEU A 39 6.15 1.40 -17.61
CA LEU A 39 4.95 2.16 -17.92
C LEU A 39 5.16 3.60 -17.46
N SER A 40 4.35 4.04 -16.51
CA SER A 40 4.51 5.35 -15.90
C SER A 40 3.67 5.40 -14.67
N LYS A 41 3.98 6.34 -13.80
CA LYS A 41 3.20 6.57 -12.60
C LYS A 41 1.74 6.85 -12.94
N ARG A 42 1.50 7.38 -14.14
CA ARG A 42 0.14 7.63 -14.60
C ARG A 42 -0.46 6.36 -15.20
N SER A 43 0.40 5.52 -15.76
CA SER A 43 -0.04 4.32 -16.45
C SER A 43 -0.40 3.21 -15.46
N ILE A 44 0.46 2.98 -14.46
CA ILE A 44 0.20 1.92 -13.51
C ILE A 44 -0.93 2.30 -12.58
N GLU A 45 -1.08 3.58 -12.32
CA GLU A 45 -2.19 4.06 -11.49
C GLU A 45 -3.52 3.63 -12.12
N TYR A 46 -3.53 3.59 -13.44
CA TYR A 46 -4.67 3.13 -14.20
C TYR A 46 -4.89 1.63 -13.97
N SER A 47 -3.81 0.93 -13.65
CA SER A 47 -3.89 -0.49 -13.31
C SER A 47 -4.21 -0.67 -11.83
N LEU A 48 -3.70 0.22 -10.99
CA LEU A 48 -4.01 0.18 -9.56
C LEU A 48 -5.49 0.47 -9.32
N THR A 49 -6.04 1.40 -10.08
CA THR A 49 -7.43 1.76 -9.95
C THR A 49 -8.33 0.62 -10.46
N SER A 50 -7.80 -0.19 -11.37
CA SER A 50 -8.55 -1.35 -11.86
C SER A 50 -8.38 -2.51 -10.90
N ILE A 51 -7.20 -2.63 -10.31
CA ILE A 51 -6.94 -3.63 -9.28
C ILE A 51 -7.83 -3.39 -8.06
N PHE A 52 -8.17 -2.12 -7.86
CA PHE A 52 -9.13 -1.72 -6.86
C PHE A 52 -10.41 -2.55 -7.01
N ASN A 53 -10.87 -2.65 -8.25
CA ASN A 53 -12.09 -3.40 -8.56
C ASN A 53 -11.81 -4.90 -8.63
N LYS A 54 -10.74 -5.27 -9.30
CA LYS A 54 -10.42 -6.67 -9.57
C LYS A 54 -10.11 -7.44 -8.29
N LEU A 55 -9.21 -6.88 -7.49
CA LEU A 55 -8.74 -7.55 -6.28
C LEU A 55 -9.63 -7.19 -5.11
N ASN A 56 -10.55 -6.24 -5.35
CA ASN A 56 -11.41 -5.66 -4.30
C ASN A 56 -10.57 -4.74 -3.41
N VAL A 57 -9.43 -4.38 -3.96
CA VAL A 57 -8.46 -3.49 -3.33
C VAL A 57 -9.03 -2.08 -3.12
N GLY A 58 -8.58 -1.40 -2.07
CA GLY A 58 -9.10 -0.09 -1.72
C GLY A 58 -8.59 1.03 -2.61
N SER A 59 -7.46 0.79 -3.28
CA SER A 59 -6.92 1.72 -4.28
C SER A 59 -5.51 1.27 -4.71
N ARG A 60 -4.84 0.58 -3.80
CA ARG A 60 -3.43 0.23 -3.94
C ARG A 60 -2.90 -0.33 -2.63
N THR A 61 -3.35 0.28 -1.55
CA THR A 61 -2.97 -0.13 -0.22
C THR A 61 -3.31 -1.61 0.03
N GLU A 62 -4.42 -2.07 -0.52
CA GLU A 62 -4.81 -3.45 -0.38
C GLU A 62 -4.06 -4.32 -1.37
N ALA A 63 -3.66 -3.72 -2.47
CA ALA A 63 -2.94 -4.46 -3.51
C ALA A 63 -1.66 -5.03 -2.91
N VAL A 64 -1.00 -4.21 -2.11
CA VAL A 64 0.18 -4.65 -1.37
C VAL A 64 -0.20 -5.40 -0.07
N LEU A 65 -1.29 -4.99 0.58
CA LEU A 65 -1.71 -5.60 1.86
C LEU A 65 -2.23 -7.03 1.69
N ILE A 66 -3.26 -7.18 0.86
CA ILE A 66 -3.95 -8.47 0.68
C ILE A 66 -3.00 -9.54 0.13
N ALA A 67 -1.96 -9.11 -0.57
CA ALA A 67 -0.96 -10.05 -1.06
C ALA A 67 -0.32 -10.82 0.08
N LYS A 68 0.16 -10.10 1.09
CA LYS A 68 0.71 -10.74 2.27
C LYS A 68 -0.36 -11.56 2.97
N SER A 69 -1.55 -10.97 3.08
CA SER A 69 -2.69 -11.66 3.68
C SER A 69 -2.91 -13.03 3.02
N ASP A 70 -2.71 -13.07 1.71
CA ASP A 70 -2.93 -14.26 0.90
C ASP A 70 -1.73 -15.19 0.99
N GLY A 71 -0.58 -14.61 1.28
CA GLY A 71 0.63 -15.40 1.44
C GLY A 71 1.56 -15.30 0.24
N VAL A 72 1.44 -14.20 -0.49
CA VAL A 72 2.32 -13.96 -1.63
C VAL A 72 3.70 -13.54 -1.14
N LEU A 73 3.74 -12.50 -0.32
CA LEU A 73 4.95 -12.12 0.39
C LEU A 73 4.64 -12.02 1.88
N SER B 5 12.06 1.65 20.89
CA SER B 5 12.68 2.45 19.84
C SER B 5 13.00 1.55 18.66
N SER B 6 13.71 0.47 18.94
CA SER B 6 14.03 -0.51 17.92
C SER B 6 13.15 -1.74 18.11
N GLN B 7 12.55 -1.85 19.30
CA GLN B 7 11.61 -2.92 19.59
C GLN B 7 10.44 -2.88 18.60
N LYS B 8 9.75 -1.75 18.56
CA LYS B 8 8.70 -1.53 17.60
C LYS B 8 9.13 -0.55 16.53
N GLU B 9 8.39 -0.52 15.43
CA GLU B 9 8.65 0.47 14.39
C GLU B 9 7.34 1.06 13.87
N GLN B 10 6.27 0.28 13.92
CA GLN B 10 4.96 0.74 13.45
C GLN B 10 4.29 1.61 14.50
N ASP B 11 4.54 1.31 15.76
CA ASP B 11 3.87 1.97 16.87
C ASP B 11 4.80 2.97 17.51
N VAL B 12 6.08 2.77 17.25
CA VAL B 12 7.11 3.67 17.73
C VAL B 12 7.04 4.96 16.93
N LEU B 13 6.33 4.88 15.80
CA LEU B 13 6.04 6.03 14.98
C LEU B 13 5.34 7.12 15.81
N THR B 14 5.23 8.32 15.26
CA THR B 14 4.61 9.41 16.00
C THR B 14 3.10 9.21 16.03
N PRO B 15 2.38 9.88 16.95
CA PRO B 15 0.93 9.70 17.10
C PRO B 15 0.18 9.70 15.77
N ARG B 16 0.40 10.73 14.95
CA ARG B 16 -0.27 10.83 13.67
C ARG B 16 0.20 9.74 12.73
N GLU B 17 1.52 9.60 12.59
CA GLU B 17 2.11 8.60 11.71
C GLU B 17 1.61 7.19 12.02
N CYS B 18 1.42 6.92 13.31
CA CYS B 18 0.89 5.64 13.75
C CYS B 18 -0.56 5.49 13.29
N LEU B 19 -1.33 6.57 13.41
CA LEU B 19 -2.70 6.61 12.93
C LEU B 19 -2.73 6.47 11.41
N ILE B 20 -1.79 7.13 10.75
CA ILE B 20 -1.65 7.03 9.31
C ILE B 20 -1.54 5.57 8.93
N LEU B 21 -0.60 4.88 9.57
CA LEU B 21 -0.37 3.47 9.28
C LEU B 21 -1.63 2.65 9.47
N GLN B 22 -2.25 2.73 10.64
CA GLN B 22 -3.43 1.91 10.89
C GLN B 22 -4.48 2.10 9.80
N GLU B 23 -4.60 3.31 9.28
CA GLU B 23 -5.59 3.56 8.24
C GLU B 23 -5.13 3.01 6.86
N VAL B 24 -3.82 3.00 6.57
CA VAL B 24 -3.34 2.34 5.35
C VAL B 24 -3.37 0.83 5.50
N GLU B 25 -2.71 0.35 6.54
CA GLU B 25 -2.61 -1.08 6.82
C GLU B 25 -3.99 -1.68 7.03
N LYS B 26 -4.95 -0.81 7.35
CA LYS B 26 -6.35 -1.17 7.43
C LYS B 26 -6.79 -1.97 6.21
N GLY B 27 -6.40 -1.47 5.04
CA GLY B 27 -6.87 -2.06 3.81
C GLY B 27 -7.81 -1.14 3.08
N PHE B 28 -7.43 0.12 2.99
CA PHE B 28 -8.14 1.07 2.15
C PHE B 28 -7.15 1.88 1.33
N THR B 29 -6.44 2.81 1.99
CA THR B 29 -5.47 3.69 1.33
C THR B 29 -5.25 5.00 2.11
N ASN B 30 -4.26 5.77 1.67
CA ASN B 30 -3.94 7.07 2.28
C ASN B 30 -5.14 8.01 2.23
N GLN B 31 -5.97 7.83 1.22
CA GLN B 31 -7.16 8.66 1.07
C GLN B 31 -8.14 8.39 2.19
N GLU B 32 -8.18 7.16 2.67
CA GLU B 32 -9.05 6.82 3.78
C GLU B 32 -8.45 7.40 5.05
N ILE B 33 -7.11 7.43 5.10
CA ILE B 33 -6.41 8.06 6.23
C ILE B 33 -6.79 9.54 6.34
N ALA B 34 -6.64 10.27 5.24
CA ALA B 34 -7.09 11.65 5.16
C ALA B 34 -8.53 11.78 5.64
N ASP B 35 -9.36 10.88 5.16
CA ASP B 35 -10.78 10.89 5.48
C ASP B 35 -10.99 10.51 6.95
N ALA B 36 -10.03 9.78 7.51
CA ALA B 36 -10.11 9.29 8.88
C ALA B 36 -9.66 10.35 9.87
N LEU B 37 -8.56 11.02 9.58
CA LEU B 37 -8.02 12.04 10.47
C LEU B 37 -8.68 13.38 10.19
N HIS B 38 -9.34 13.45 9.02
CA HIS B 38 -10.07 14.63 8.59
C HIS B 38 -9.06 15.66 8.11
N LEU B 39 -7.94 15.14 7.60
CA LEU B 39 -6.93 15.94 6.98
C LEU B 39 -7.31 16.18 5.53
N SER B 40 -6.51 15.63 4.63
CA SER B 40 -6.78 15.69 3.21
C SER B 40 -5.87 14.72 2.50
N LYS B 41 -6.30 14.26 1.33
CA LYS B 41 -5.45 13.41 0.49
C LYS B 41 -4.12 14.12 0.22
N ARG B 42 -4.16 15.44 0.22
CA ARG B 42 -2.98 16.26 0.03
C ARG B 42 -2.18 16.36 1.34
N SER B 43 -2.89 16.27 2.44
CA SER B 43 -2.29 16.44 3.77
C SER B 43 -1.64 15.14 4.25
N ILE B 44 -2.33 14.01 4.11
CA ILE B 44 -1.79 12.74 4.58
C ILE B 44 -0.65 12.28 3.71
N GLU B 45 -0.68 12.64 2.44
CA GLU B 45 0.41 12.31 1.53
C GLU B 45 1.72 12.90 2.07
N TYR B 46 1.61 14.04 2.71
CA TYR B 46 2.74 14.69 3.35
C TYR B 46 3.21 13.86 4.55
N SER B 47 2.29 13.09 5.11
CA SER B 47 2.62 12.19 6.21
C SER B 47 3.14 10.85 5.66
N LEU B 48 2.55 10.38 4.56
CA LEU B 48 3.01 9.15 3.92
C LEU B 48 4.44 9.31 3.40
N THR B 49 4.75 10.47 2.85
CA THR B 49 6.07 10.74 2.33
C THR B 49 7.08 10.83 3.47
N SER B 50 6.62 11.18 4.66
CA SER B 50 7.49 11.22 5.83
C SER B 50 7.58 9.85 6.47
N ILE B 51 6.51 9.06 6.35
CA ILE B 51 6.51 7.69 6.83
C ILE B 51 7.45 6.84 5.96
N PHE B 52 7.58 7.26 4.71
CA PHE B 52 8.57 6.72 3.80
C PHE B 52 9.95 6.74 4.46
N ASN B 53 10.26 7.84 5.13
CA ASN B 53 11.51 7.98 5.85
C ASN B 53 11.46 7.28 7.21
N LYS B 54 10.39 7.56 7.96
CA LYS B 54 10.28 7.09 9.35
C LYS B 54 10.23 5.57 9.45
N LEU B 55 9.36 4.97 8.67
CA LEU B 55 9.12 3.53 8.75
C LEU B 55 10.00 2.78 7.74
N ASN B 56 10.84 3.54 7.01
CA ASN B 56 11.69 2.99 5.95
C ASN B 56 10.82 2.59 4.75
N VAL B 57 9.55 2.98 4.85
CA VAL B 57 8.53 2.71 3.84
C VAL B 57 8.91 3.25 2.45
N GLY B 58 8.52 2.52 1.42
CA GLY B 58 8.86 2.91 0.05
C GLY B 58 8.14 4.16 -0.42
N SER B 59 6.96 4.40 0.13
CA SER B 59 6.16 5.59 -0.20
C SER B 59 4.84 5.57 0.57
N ARG B 60 4.33 4.35 0.78
CA ARG B 60 2.99 4.14 1.31
C ARG B 60 2.65 2.65 1.25
N THR B 61 3.12 2.01 0.19
CA THR B 61 2.93 0.59 0.00
C THR B 61 3.49 -0.20 1.19
N GLU B 62 4.65 0.23 1.68
CA GLU B 62 5.26 -0.46 2.81
C GLU B 62 4.57 -0.09 4.10
N ALA B 63 3.96 1.07 4.11
CA ALA B 63 3.26 1.54 5.30
C ALA B 63 2.17 0.55 5.65
N VAL B 64 1.45 0.11 4.63
CA VAL B 64 0.44 -0.92 4.78
C VAL B 64 1.06 -2.35 4.78
N LEU B 65 2.13 -2.56 4.02
CA LEU B 65 2.77 -3.89 3.90
C LEU B 65 3.49 -4.31 5.18
N ILE B 66 4.44 -3.49 5.62
CA ILE B 66 5.30 -3.82 6.76
C ILE B 66 4.50 -3.98 8.04
N ALA B 67 3.34 -3.34 8.10
CA ALA B 67 2.46 -3.49 9.25
C ALA B 67 2.09 -4.96 9.46
N LYS B 68 1.61 -5.60 8.39
CA LYS B 68 1.28 -7.01 8.45
C LYS B 68 2.53 -7.83 8.69
N SER B 69 3.61 -7.45 8.02
CA SER B 69 4.91 -8.11 8.20
C SER B 69 5.30 -8.17 9.68
N ASP B 70 5.00 -7.08 10.40
CA ASP B 70 5.34 -6.99 11.81
C ASP B 70 4.35 -7.79 12.64
N GLY B 71 3.12 -7.79 12.18
CA GLY B 71 2.07 -8.52 12.87
C GLY B 71 1.01 -7.61 13.42
N VAL B 72 0.86 -6.44 12.82
CA VAL B 72 -0.13 -5.48 13.26
C VAL B 72 -1.52 -5.92 12.80
N LEU B 73 -1.68 -6.11 11.50
CA LEU B 73 -2.92 -6.64 10.94
C LEU B 73 -2.60 -7.78 9.98
N SER A 5 -11.21 -18.47 -9.91
CA SER A 5 -12.06 -17.29 -9.73
C SER A 5 -12.32 -17.05 -8.25
N SER A 6 -12.90 -18.05 -7.59
CA SER A 6 -13.16 -17.96 -6.16
C SER A 6 -11.91 -18.33 -5.38
N GLN A 7 -10.99 -19.02 -6.06
CA GLN A 7 -9.73 -19.44 -5.44
C GLN A 7 -8.85 -18.22 -5.19
N LYS A 8 -8.25 -17.71 -6.26
CA LYS A 8 -7.40 -16.54 -6.17
C LYS A 8 -8.10 -15.31 -6.70
N GLU A 9 -7.61 -14.16 -6.29
CA GLU A 9 -8.09 -12.88 -6.82
C GLU A 9 -6.90 -11.99 -7.15
N GLN A 10 -5.79 -12.19 -6.44
CA GLN A 10 -4.56 -11.44 -6.68
C GLN A 10 -3.80 -12.00 -7.87
N ASP A 11 -3.82 -13.31 -8.01
CA ASP A 11 -3.01 -14.00 -8.99
C ASP A 11 -3.86 -14.45 -10.16
N VAL A 12 -5.16 -14.49 -9.93
CA VAL A 12 -6.12 -14.82 -10.97
C VAL A 12 -6.22 -13.64 -11.93
N LEU A 13 -5.71 -12.50 -11.46
CA LEU A 13 -5.69 -11.27 -12.22
C LEU A 13 -4.98 -11.43 -13.56
N THR A 14 -5.05 -10.40 -14.39
CA THR A 14 -4.39 -10.39 -15.69
C THR A 14 -2.88 -10.45 -15.46
N PRO A 15 -2.12 -11.10 -16.37
CA PRO A 15 -0.66 -11.22 -16.23
C PRO A 15 0.01 -9.93 -15.73
N ARG A 16 -0.29 -8.80 -16.38
CA ARG A 16 0.25 -7.54 -15.94
C ARG A 16 -0.25 -7.17 -14.56
N GLU A 17 -1.57 -7.27 -14.36
CA GLU A 17 -2.18 -7.00 -13.05
C GLU A 17 -1.47 -7.78 -11.93
N CYS A 18 -1.09 -9.01 -12.21
CA CYS A 18 -0.34 -9.82 -11.26
C CYS A 18 1.06 -9.23 -11.04
N LEU A 19 1.68 -8.77 -12.12
CA LEU A 19 2.97 -8.11 -12.05
C LEU A 19 2.85 -6.80 -11.27
N ILE A 20 1.72 -6.13 -11.45
CA ILE A 20 1.42 -4.93 -10.71
C ILE A 20 1.49 -5.23 -9.22
N LEU A 21 0.73 -6.24 -8.81
CA LEU A 21 0.68 -6.64 -7.41
C LEU A 21 2.05 -6.92 -6.87
N GLN A 22 2.79 -7.83 -7.50
CA GLN A 22 4.10 -8.21 -7.00
C GLN A 22 5.00 -7.00 -6.79
N GLU A 23 4.90 -6.00 -7.67
CA GLU A 23 5.71 -4.80 -7.52
C GLU A 23 5.21 -3.88 -6.39
N VAL A 24 3.90 -3.90 -6.09
CA VAL A 24 3.42 -3.17 -4.90
C VAL A 24 3.69 -3.95 -3.64
N GLU A 25 3.20 -5.19 -3.60
CA GLU A 25 3.36 -6.08 -2.46
C GLU A 25 4.84 -6.25 -2.14
N LYS A 26 5.67 -6.00 -3.15
CA LYS A 26 7.12 -5.94 -3.00
C LYS A 26 7.51 -5.16 -1.77
N GLY A 27 6.98 -3.96 -1.66
CA GLY A 27 7.38 -3.06 -0.63
C GLY A 27 8.04 -1.83 -1.20
N PHE A 28 7.42 -1.28 -2.24
CA PHE A 28 7.82 0.02 -2.78
C PHE A 28 6.59 0.86 -3.04
N THR A 29 6.05 0.77 -4.25
CA THR A 29 4.81 1.45 -4.59
C THR A 29 4.50 1.29 -6.09
N ASN A 30 3.37 1.86 -6.52
CA ASN A 30 2.96 1.83 -7.92
C ASN A 30 4.03 2.44 -8.82
N GLN A 31 4.78 3.37 -8.27
CA GLN A 31 5.82 4.07 -9.01
C GLN A 31 6.93 3.10 -9.36
N GLU A 32 7.17 2.15 -8.47
CA GLU A 32 8.16 1.11 -8.71
C GLU A 32 7.63 0.12 -9.73
N ILE A 33 6.32 -0.14 -9.68
CA ILE A 33 5.66 -0.99 -10.68
C ILE A 33 5.84 -0.40 -12.07
N ALA A 34 5.45 0.87 -12.24
CA ALA A 34 5.69 1.60 -13.49
C ALA A 34 7.14 1.48 -13.90
N ASP A 35 8.04 1.67 -12.96
CA ASP A 35 9.47 1.65 -13.22
C ASP A 35 9.93 0.23 -13.53
N ALA A 36 9.18 -0.76 -13.04
CA ALA A 36 9.51 -2.16 -13.25
C ALA A 36 9.04 -2.65 -14.60
N LEU A 37 7.82 -2.28 -14.96
CA LEU A 37 7.24 -2.72 -16.23
C LEU A 37 7.67 -1.79 -17.35
N HIS A 38 8.14 -0.60 -16.96
CA HIS A 38 8.62 0.42 -17.88
C HIS A 38 7.43 1.12 -18.50
N LEU A 39 6.34 1.11 -17.75
CA LEU A 39 5.14 1.82 -18.12
C LEU A 39 5.26 3.28 -17.71
N SER A 40 4.45 3.69 -16.75
CA SER A 40 4.53 5.04 -16.21
C SER A 40 3.68 5.11 -14.97
N LYS A 41 3.99 6.04 -14.09
CA LYS A 41 3.20 6.25 -12.88
C LYS A 41 1.76 6.57 -13.27
N ARG A 42 1.60 7.10 -14.48
CA ARG A 42 0.29 7.40 -15.03
C ARG A 42 -0.35 6.13 -15.61
N SER A 43 0.50 5.23 -16.08
CA SER A 43 0.04 4.01 -16.74
C SER A 43 -0.37 2.95 -15.72
N ILE A 44 0.48 2.72 -14.72
CA ILE A 44 0.19 1.72 -13.71
C ILE A 44 -0.94 2.17 -12.81
N GLU A 45 -1.06 3.47 -12.61
CA GLU A 45 -2.16 4.01 -11.81
C GLU A 45 -3.49 3.61 -12.44
N TYR A 46 -3.49 3.52 -13.76
CA TYR A 46 -4.66 3.06 -14.50
C TYR A 46 -4.93 1.59 -14.20
N SER A 47 -3.88 0.86 -13.87
CA SER A 47 -4.00 -0.53 -13.48
C SER A 47 -4.39 -0.63 -12.00
N LEU A 48 -3.77 0.20 -11.16
CA LEU A 48 -4.07 0.24 -9.74
C LEU A 48 -5.53 0.62 -9.49
N THR A 49 -6.00 1.65 -10.19
CA THR A 49 -7.35 2.14 -10.00
C THR A 49 -8.38 1.09 -10.40
N SER A 50 -8.01 0.21 -11.31
CA SER A 50 -8.90 -0.84 -11.75
C SER A 50 -8.69 -2.10 -10.91
N ILE A 51 -7.49 -2.28 -10.39
CA ILE A 51 -7.20 -3.36 -9.44
C ILE A 51 -7.97 -3.12 -8.15
N PHE A 52 -8.25 -1.84 -7.89
CA PHE A 52 -9.20 -1.45 -6.87
C PHE A 52 -10.51 -2.22 -7.03
N ASN A 53 -10.95 -2.37 -8.28
CA ASN A 53 -12.16 -3.13 -8.56
C ASN A 53 -11.86 -4.62 -8.59
N LYS A 54 -10.91 -5.04 -9.43
CA LYS A 54 -10.66 -6.46 -9.67
C LYS A 54 -10.18 -7.21 -8.43
N LEU A 55 -9.27 -6.62 -7.69
CA LEU A 55 -8.69 -7.28 -6.53
C LEU A 55 -9.44 -6.84 -5.26
N ASN A 56 -10.51 -6.06 -5.45
CA ASN A 56 -11.30 -5.51 -4.34
C ASN A 56 -10.46 -4.55 -3.51
N VAL A 57 -9.32 -4.20 -4.07
CA VAL A 57 -8.35 -3.29 -3.46
C VAL A 57 -8.93 -1.88 -3.24
N GLY A 58 -8.46 -1.21 -2.20
CA GLY A 58 -8.97 0.11 -1.85
C GLY A 58 -8.46 1.23 -2.75
N SER A 59 -7.27 1.05 -3.32
CA SER A 59 -6.66 2.03 -4.21
C SER A 59 -5.29 1.53 -4.69
N ARG A 60 -4.67 0.73 -3.83
CA ARG A 60 -3.29 0.25 -4.01
C ARG A 60 -2.80 -0.34 -2.71
N THR A 61 -3.24 0.28 -1.62
CA THR A 61 -2.88 -0.14 -0.28
C THR A 61 -3.26 -1.61 -0.04
N GLU A 62 -4.38 -2.04 -0.61
CA GLU A 62 -4.79 -3.42 -0.47
C GLU A 62 -4.05 -4.32 -1.44
N ALA A 63 -3.64 -3.74 -2.56
CA ALA A 63 -2.90 -4.49 -3.57
C ALA A 63 -1.65 -5.08 -2.94
N VAL A 64 -0.99 -4.26 -2.15
CA VAL A 64 0.18 -4.68 -1.40
C VAL A 64 -0.21 -5.43 -0.09
N LEU A 65 -1.30 -5.01 0.55
CA LEU A 65 -1.72 -5.59 1.84
C LEU A 65 -2.28 -7.02 1.69
N ILE A 66 -3.32 -7.16 0.88
CA ILE A 66 -4.05 -8.42 0.73
C ILE A 66 -3.13 -9.55 0.32
N ALA A 67 -2.13 -9.24 -0.48
CA ALA A 67 -1.15 -10.25 -0.91
C ALA A 67 -0.57 -10.99 0.28
N LYS A 68 -0.09 -10.25 1.27
CA LYS A 68 0.45 -10.85 2.48
C LYS A 68 -0.64 -11.57 3.26
N SER A 69 -1.79 -10.92 3.36
CA SER A 69 -2.96 -11.51 4.02
C SER A 69 -3.27 -12.91 3.46
N ASP A 70 -3.16 -13.03 2.14
CA ASP A 70 -3.43 -14.29 1.45
C ASP A 70 -2.32 -15.27 1.74
N GLY A 71 -1.11 -14.75 1.68
CA GLY A 71 0.06 -15.57 1.86
C GLY A 71 0.90 -15.63 0.59
N VAL A 72 0.83 -14.58 -0.19
CA VAL A 72 1.65 -14.48 -1.40
C VAL A 72 3.12 -14.32 -1.02
N LEU A 73 3.40 -13.32 -0.18
CA LEU A 73 4.73 -13.12 0.35
C LEU A 73 4.72 -13.31 1.86
N SER B 5 12.94 2.31 19.76
CA SER B 5 13.65 2.70 18.54
C SER B 5 13.92 1.48 17.67
N SER B 6 14.64 0.51 18.23
CA SER B 6 15.01 -0.69 17.49
C SER B 6 13.93 -1.76 17.64
N GLN B 7 13.03 -1.54 18.59
CA GLN B 7 11.91 -2.45 18.80
C GLN B 7 10.86 -2.25 17.73
N LYS B 8 10.20 -1.08 17.75
CA LYS B 8 9.19 -0.77 16.76
C LYS B 8 9.66 0.34 15.84
N GLU B 9 9.08 0.38 14.66
CA GLU B 9 9.26 1.51 13.76
C GLU B 9 7.90 1.95 13.22
N GLN B 10 6.98 1.01 13.14
CA GLN B 10 5.62 1.27 12.70
C GLN B 10 4.78 1.89 13.82
N ASP B 11 5.15 1.62 15.05
CA ASP B 11 4.35 2.04 16.19
C ASP B 11 5.13 3.01 17.07
N VAL B 12 6.43 3.07 16.81
CA VAL B 12 7.29 4.02 17.50
C VAL B 12 7.07 5.41 16.90
N LEU B 13 6.43 5.43 15.73
CA LEU B 13 6.13 6.64 15.02
C LEU B 13 5.30 7.61 15.86
N THR B 14 5.11 8.81 15.33
CA THR B 14 4.32 9.83 16.01
C THR B 14 2.89 9.31 16.16
N PRO B 15 2.15 9.70 17.22
CA PRO B 15 0.75 9.29 17.39
C PRO B 15 -0.04 9.34 16.09
N ARG B 16 0.01 10.48 15.40
CA ARG B 16 -0.65 10.60 14.11
C ARG B 16 -0.10 9.61 13.11
N GLU B 17 1.21 9.59 12.97
CA GLU B 17 1.87 8.70 12.02
C GLU B 17 1.51 7.23 12.24
N CYS B 18 1.30 6.86 13.50
CA CYS B 18 0.86 5.51 13.82
C CYS B 18 -0.60 5.33 13.38
N LEU B 19 -1.40 6.39 13.53
CA LEU B 19 -2.77 6.40 13.05
C LEU B 19 -2.79 6.33 11.52
N ILE B 20 -1.82 7.00 10.91
CA ILE B 20 -1.65 6.97 9.48
C ILE B 20 -1.52 5.52 9.04
N LEU B 21 -0.55 4.83 9.66
CA LEU B 21 -0.30 3.43 9.34
C LEU B 21 -1.56 2.61 9.48
N GLN B 22 -2.21 2.64 10.64
CA GLN B 22 -3.38 1.80 10.86
C GLN B 22 -4.43 2.02 9.77
N GLU B 23 -4.55 3.25 9.29
CA GLU B 23 -5.52 3.55 8.25
C GLU B 23 -5.07 3.02 6.87
N VAL B 24 -3.75 2.97 6.62
CA VAL B 24 -3.28 2.34 5.37
C VAL B 24 -3.28 0.83 5.49
N GLU B 25 -2.63 0.33 6.54
CA GLU B 25 -2.53 -1.10 6.79
C GLU B 25 -3.92 -1.71 6.95
N LYS B 26 -4.87 -0.84 7.29
CA LYS B 26 -6.29 -1.19 7.32
C LYS B 26 -6.69 -1.96 6.09
N GLY B 27 -6.33 -1.43 4.94
CA GLY B 27 -6.79 -1.99 3.70
C GLY B 27 -7.74 -1.05 2.99
N PHE B 28 -7.33 0.20 2.88
CA PHE B 28 -8.03 1.16 2.04
C PHE B 28 -7.01 1.97 1.26
N THR B 29 -6.32 2.89 1.96
CA THR B 29 -5.34 3.79 1.36
C THR B 29 -5.21 5.10 2.18
N ASN B 30 -4.28 5.95 1.75
CA ASN B 30 -4.00 7.21 2.43
C ASN B 30 -5.21 8.13 2.39
N GLN B 31 -6.02 7.96 1.37
CA GLN B 31 -7.24 8.73 1.21
C GLN B 31 -8.19 8.42 2.36
N GLU B 32 -8.20 7.18 2.83
CA GLU B 32 -9.03 6.80 3.95
C GLU B 32 -8.42 7.33 5.23
N ILE B 33 -7.09 7.43 5.25
CA ILE B 33 -6.38 8.05 6.37
C ILE B 33 -6.79 9.52 6.52
N ALA B 34 -6.67 10.27 5.44
CA ALA B 34 -7.16 11.65 5.40
C ALA B 34 -8.59 11.73 5.88
N ASP B 35 -9.42 10.83 5.37
CA ASP B 35 -10.83 10.80 5.71
C ASP B 35 -11.02 10.36 7.16
N ALA B 36 -10.04 9.65 7.69
CA ALA B 36 -10.10 9.16 9.06
C ALA B 36 -9.67 10.22 10.06
N LEU B 37 -8.60 10.93 9.74
CA LEU B 37 -8.06 11.95 10.63
C LEU B 37 -8.76 13.27 10.39
N HIS B 38 -9.48 13.35 9.26
CA HIS B 38 -10.23 14.54 8.88
C HIS B 38 -9.24 15.60 8.42
N LEU B 39 -8.12 15.11 7.91
CA LEU B 39 -7.10 15.95 7.33
C LEU B 39 -7.44 16.22 5.87
N SER B 40 -6.66 15.62 4.98
CA SER B 40 -6.87 15.76 3.55
C SER B 40 -5.93 14.83 2.84
N LYS B 41 -6.28 14.43 1.63
CA LYS B 41 -5.40 13.60 0.83
C LYS B 41 -4.07 14.31 0.60
N ARG B 42 -4.11 15.64 0.62
CA ARG B 42 -2.92 16.46 0.46
C ARG B 42 -2.18 16.56 1.80
N SER B 43 -2.93 16.40 2.89
CA SER B 43 -2.37 16.52 4.22
C SER B 43 -1.69 15.21 4.65
N ILE B 44 -2.38 14.08 4.46
CA ILE B 44 -1.81 12.79 4.85
C ILE B 44 -0.70 12.38 3.93
N GLU B 45 -0.75 12.81 2.68
CA GLU B 45 0.32 12.54 1.72
C GLU B 45 1.63 13.10 2.27
N TYR B 46 1.52 14.22 2.98
CA TYR B 46 2.66 14.85 3.63
C TYR B 46 3.18 13.96 4.76
N SER B 47 2.29 13.16 5.32
CA SER B 47 2.68 12.21 6.35
C SER B 47 3.20 10.92 5.72
N LEU B 48 2.56 10.49 4.64
CA LEU B 48 2.98 9.30 3.91
C LEU B 48 4.38 9.47 3.32
N THR B 49 4.63 10.63 2.72
CA THR B 49 5.91 10.91 2.08
C THR B 49 7.03 10.97 3.11
N SER B 50 6.69 11.32 4.33
CA SER B 50 7.66 11.37 5.41
C SER B 50 7.76 10.03 6.11
N ILE B 51 6.66 9.28 6.13
CA ILE B 51 6.65 7.92 6.64
C ILE B 51 7.52 7.02 5.75
N PHE B 52 7.61 7.42 4.48
CA PHE B 52 8.58 6.85 3.56
C PHE B 52 9.98 6.81 4.20
N ASN B 53 10.36 7.90 4.87
CA ASN B 53 11.63 7.92 5.59
C ASN B 53 11.50 7.25 6.96
N LYS B 54 10.56 7.74 7.78
CA LYS B 54 10.43 7.29 9.17
C LYS B 54 10.27 5.78 9.30
N LEU B 55 9.39 5.21 8.49
CA LEU B 55 9.07 3.79 8.58
C LEU B 55 9.86 2.98 7.55
N ASN B 56 10.78 3.67 6.85
CA ASN B 56 11.55 3.08 5.75
C ASN B 56 10.65 2.70 4.59
N VAL B 57 9.41 3.16 4.69
CA VAL B 57 8.36 2.88 3.70
C VAL B 57 8.74 3.40 2.31
N GLY B 58 8.28 2.69 1.28
CA GLY B 58 8.61 3.04 -0.09
C GLY B 58 7.87 4.26 -0.60
N SER B 59 6.66 4.48 -0.08
CA SER B 59 5.83 5.62 -0.48
C SER B 59 4.52 5.61 0.30
N ARG B 60 4.09 4.40 0.65
CA ARG B 60 2.78 4.15 1.27
C ARG B 60 2.50 2.66 1.24
N THR B 61 2.97 2.02 0.17
CA THR B 61 2.81 0.59 -0.01
C THR B 61 3.42 -0.17 1.17
N GLU B 62 4.56 0.30 1.67
CA GLU B 62 5.22 -0.35 2.78
C GLU B 62 4.51 -0.01 4.08
N ALA B 63 3.90 1.15 4.12
CA ALA B 63 3.18 1.59 5.30
C ALA B 63 2.11 0.58 5.65
N VAL B 64 1.41 0.13 4.63
CA VAL B 64 0.41 -0.90 4.77
C VAL B 64 1.03 -2.33 4.78
N LEU B 65 2.11 -2.52 4.00
CA LEU B 65 2.75 -3.85 3.87
C LEU B 65 3.49 -4.27 5.14
N ILE B 66 4.44 -3.43 5.56
CA ILE B 66 5.34 -3.76 6.66
C ILE B 66 4.59 -3.98 7.96
N ALA B 67 3.43 -3.33 8.10
CA ALA B 67 2.60 -3.52 9.27
C ALA B 67 2.28 -5.00 9.47
N LYS B 68 1.77 -5.63 8.42
CA LYS B 68 1.46 -7.06 8.48
C LYS B 68 2.73 -7.87 8.64
N SER B 69 3.77 -7.48 7.91
CA SER B 69 5.07 -8.13 8.00
C SER B 69 5.55 -8.20 9.46
N ASP B 70 5.41 -7.10 10.19
CA ASP B 70 5.87 -7.02 11.57
C ASP B 70 4.90 -7.76 12.48
N GLY B 71 3.65 -7.80 12.05
CA GLY B 71 2.65 -8.52 12.80
C GLY B 71 1.66 -7.60 13.46
N VAL B 72 1.57 -6.37 12.96
CA VAL B 72 0.63 -5.39 13.50
C VAL B 72 -0.80 -5.89 13.30
N LEU B 73 -1.13 -6.24 12.06
CA LEU B 73 -2.40 -6.89 11.78
C LEU B 73 -2.17 -8.21 11.02
N SER A 5 -6.27 -20.97 -10.38
CA SER A 5 -6.61 -19.85 -11.25
C SER A 5 -7.68 -18.98 -10.63
N SER A 6 -8.94 -19.29 -10.92
CA SER A 6 -10.07 -18.53 -10.39
C SER A 6 -10.16 -18.67 -8.87
N GLN A 7 -9.56 -19.74 -8.36
CA GLN A 7 -9.39 -19.92 -6.92
C GLN A 7 -8.60 -18.77 -6.30
N LYS A 8 -7.48 -18.45 -6.95
CA LYS A 8 -6.67 -17.29 -6.55
C LYS A 8 -7.45 -15.99 -6.57
N GLU A 9 -6.87 -14.95 -6.00
CA GLU A 9 -7.43 -13.61 -6.11
C GLU A 9 -6.37 -12.60 -6.58
N GLN A 10 -5.16 -12.74 -6.07
CA GLN A 10 -4.06 -11.84 -6.45
C GLN A 10 -3.45 -12.25 -7.77
N ASP A 11 -3.60 -13.53 -8.10
CA ASP A 11 -2.97 -14.10 -9.28
C ASP A 11 -4.03 -14.42 -10.31
N VAL A 12 -5.28 -14.38 -9.87
CA VAL A 12 -6.41 -14.54 -10.77
C VAL A 12 -6.56 -13.25 -11.57
N LEU A 13 -5.91 -12.21 -11.07
CA LEU A 13 -5.79 -10.95 -11.76
C LEU A 13 -5.13 -11.18 -13.12
N THR A 14 -5.22 -10.22 -14.02
CA THR A 14 -4.60 -10.37 -15.33
C THR A 14 -3.09 -10.43 -15.17
N PRO A 15 -2.37 -10.96 -16.18
CA PRO A 15 -0.90 -11.07 -16.13
C PRO A 15 -0.24 -9.80 -15.61
N ARG A 16 -0.61 -8.66 -16.19
CA ARG A 16 -0.06 -7.39 -15.76
C ARG A 16 -0.48 -7.05 -14.35
N GLU A 17 -1.78 -7.15 -14.07
CA GLU A 17 -2.31 -6.87 -12.74
C GLU A 17 -1.58 -7.69 -11.66
N CYS A 18 -1.24 -8.93 -11.99
CA CYS A 18 -0.45 -9.76 -11.09
C CYS A 18 0.94 -9.17 -10.91
N LEU A 19 1.54 -8.71 -12.01
CA LEU A 19 2.84 -8.05 -11.96
C LEU A 19 2.73 -6.75 -11.16
N ILE A 20 1.60 -6.08 -11.29
CA ILE A 20 1.34 -4.88 -10.54
C ILE A 20 1.43 -5.18 -9.05
N LEU A 21 0.65 -6.19 -8.63
CA LEU A 21 0.61 -6.59 -7.23
C LEU A 21 1.99 -6.93 -6.71
N GLN A 22 2.69 -7.82 -7.38
CA GLN A 22 4.00 -8.24 -6.92
C GLN A 22 4.91 -7.04 -6.69
N GLU A 23 4.82 -6.04 -7.56
CA GLU A 23 5.66 -4.85 -7.42
C GLU A 23 5.20 -3.94 -6.26
N VAL A 24 3.88 -3.87 -5.99
CA VAL A 24 3.42 -3.13 -4.82
C VAL A 24 3.71 -3.91 -3.55
N GLU A 25 3.19 -5.14 -3.50
CA GLU A 25 3.32 -5.99 -2.33
C GLU A 25 4.79 -6.30 -2.06
N LYS A 26 5.62 -6.07 -3.06
CA LYS A 26 7.07 -6.10 -2.90
C LYS A 26 7.50 -5.30 -1.69
N GLY A 27 7.08 -4.04 -1.68
CA GLY A 27 7.50 -3.15 -0.63
C GLY A 27 8.17 -1.92 -1.18
N PHE A 28 7.53 -1.31 -2.16
CA PHE A 28 7.93 0.00 -2.64
C PHE A 28 6.70 0.86 -2.88
N THR A 29 6.13 0.74 -4.08
CA THR A 29 4.89 1.43 -4.40
C THR A 29 4.54 1.26 -5.88
N ASN A 30 3.40 1.82 -6.28
CA ASN A 30 2.99 1.79 -7.68
C ASN A 30 4.04 2.42 -8.58
N GLN A 31 4.82 3.34 -8.03
CA GLN A 31 5.87 4.00 -8.78
C GLN A 31 6.97 3.02 -9.15
N GLU A 32 7.20 2.05 -8.26
CA GLU A 32 8.19 1.02 -8.53
C GLU A 32 7.63 0.05 -9.56
N ILE A 33 6.32 -0.17 -9.51
CA ILE A 33 5.64 -0.98 -10.53
C ILE A 33 5.83 -0.35 -11.91
N ALA A 34 5.49 0.93 -12.02
CA ALA A 34 5.77 1.71 -13.23
C ALA A 34 7.21 1.52 -13.67
N ASP A 35 8.12 1.67 -12.72
CA ASP A 35 9.54 1.56 -12.99
C ASP A 35 9.91 0.12 -13.37
N ALA A 36 9.10 -0.83 -12.91
CA ALA A 36 9.35 -2.24 -13.16
C ALA A 36 8.82 -2.69 -14.52
N LEU A 37 7.63 -2.25 -14.87
CA LEU A 37 7.03 -2.62 -16.13
C LEU A 37 7.49 -1.69 -17.23
N HIS A 38 8.05 -0.55 -16.80
CA HIS A 38 8.59 0.46 -17.71
C HIS A 38 7.42 1.24 -18.29
N LEU A 39 6.38 1.35 -17.50
CA LEU A 39 5.20 2.10 -17.86
C LEU A 39 5.37 3.55 -17.42
N SER A 40 4.67 3.93 -16.35
CA SER A 40 4.77 5.25 -15.75
C SER A 40 3.88 5.28 -14.54
N LYS A 41 4.19 6.16 -13.61
CA LYS A 41 3.36 6.30 -12.40
C LYS A 41 1.92 6.64 -12.79
N ARG A 42 1.77 7.31 -13.93
CA ARG A 42 0.46 7.66 -14.44
C ARG A 42 -0.15 6.48 -15.21
N SER A 43 0.71 5.61 -15.72
CA SER A 43 0.26 4.44 -16.47
C SER A 43 -0.18 3.32 -15.53
N ILE A 44 0.63 3.00 -14.53
CA ILE A 44 0.30 1.91 -13.60
C ILE A 44 -0.85 2.31 -12.69
N GLU A 45 -0.97 3.59 -12.40
CA GLU A 45 -2.08 4.08 -11.60
C GLU A 45 -3.40 3.67 -12.25
N TYR A 46 -3.39 3.63 -13.58
CA TYR A 46 -4.53 3.21 -14.36
C TYR A 46 -4.82 1.72 -14.13
N SER A 47 -3.79 0.94 -13.85
CA SER A 47 -3.98 -0.47 -13.52
C SER A 47 -4.26 -0.64 -12.03
N LEU A 48 -3.71 0.24 -11.19
CA LEU A 48 -4.00 0.24 -9.76
C LEU A 48 -5.48 0.53 -9.50
N THR A 49 -6.01 1.51 -10.23
CA THR A 49 -7.42 1.86 -10.11
C THR A 49 -8.29 0.70 -10.62
N SER A 50 -7.72 -0.09 -11.52
CA SER A 50 -8.40 -1.26 -12.05
C SER A 50 -8.34 -2.38 -11.03
N ILE A 51 -7.20 -2.49 -10.36
CA ILE A 51 -7.00 -3.48 -9.31
C ILE A 51 -7.90 -3.17 -8.11
N PHE A 52 -8.16 -1.88 -7.91
CA PHE A 52 -9.14 -1.43 -6.93
C PHE A 52 -10.46 -2.18 -7.14
N ASN A 53 -10.85 -2.31 -8.40
CA ASN A 53 -12.08 -3.00 -8.73
C ASN A 53 -11.87 -4.52 -8.73
N LYS A 54 -10.82 -4.97 -9.42
CA LYS A 54 -10.57 -6.39 -9.63
C LYS A 54 -10.34 -7.15 -8.33
N LEU A 55 -9.41 -6.65 -7.54
CA LEU A 55 -8.99 -7.33 -6.32
C LEU A 55 -9.88 -6.90 -5.15
N ASN A 56 -10.76 -5.93 -5.42
CA ASN A 56 -11.59 -5.29 -4.39
C ASN A 56 -10.71 -4.42 -3.50
N VAL A 57 -9.51 -4.18 -4.00
CA VAL A 57 -8.54 -3.30 -3.37
C VAL A 57 -9.10 -1.89 -3.15
N GLY A 58 -8.68 -1.25 -2.07
CA GLY A 58 -9.19 0.08 -1.74
C GLY A 58 -8.73 1.15 -2.71
N SER A 59 -7.52 1.00 -3.22
CA SER A 59 -6.96 1.93 -4.21
C SER A 59 -5.59 1.46 -4.69
N ARG A 60 -4.89 0.75 -3.80
CA ARG A 60 -3.48 0.37 -4.01
C ARG A 60 -2.92 -0.21 -2.73
N THR A 61 -3.37 0.37 -1.63
CA THR A 61 -2.96 -0.05 -0.30
C THR A 61 -3.33 -1.52 -0.06
N GLU A 62 -4.47 -1.96 -0.59
CA GLU A 62 -4.88 -3.34 -0.45
C GLU A 62 -4.11 -4.20 -1.44
N ALA A 63 -3.71 -3.60 -2.54
CA ALA A 63 -3.00 -4.33 -3.57
C ALA A 63 -1.72 -4.91 -2.97
N VAL A 64 -1.05 -4.10 -2.18
CA VAL A 64 0.12 -4.53 -1.44
C VAL A 64 -0.25 -5.29 -0.14
N LEU A 65 -1.36 -4.91 0.50
CA LEU A 65 -1.76 -5.51 1.79
C LEU A 65 -2.29 -6.94 1.63
N ILE A 66 -3.33 -7.09 0.82
CA ILE A 66 -4.05 -8.35 0.68
C ILE A 66 -3.13 -9.46 0.17
N ALA A 67 -2.11 -9.08 -0.58
CA ALA A 67 -1.13 -10.04 -1.07
C ALA A 67 -0.50 -10.82 0.09
N LYS A 68 0.01 -10.08 1.07
CA LYS A 68 0.59 -10.70 2.25
C LYS A 68 -0.48 -11.48 3.01
N SER A 69 -1.64 -10.86 3.13
CA SER A 69 -2.79 -11.50 3.78
C SER A 69 -3.09 -12.87 3.16
N ASP A 70 -3.01 -12.92 1.83
CA ASP A 70 -3.32 -14.12 1.07
C ASP A 70 -2.20 -15.13 1.21
N GLY A 71 -1.00 -14.60 1.38
CA GLY A 71 0.16 -15.44 1.52
C GLY A 71 0.99 -15.47 0.25
N VAL A 72 0.91 -14.39 -0.51
CA VAL A 72 1.73 -14.24 -1.71
C VAL A 72 3.20 -14.22 -1.31
N LEU A 73 3.56 -13.20 -0.53
CA LEU A 73 4.84 -13.14 0.17
C LEU A 73 6.03 -13.46 -0.72
N SER B 5 8.53 0.89 22.64
CA SER B 5 8.66 2.18 21.98
C SER B 5 9.66 2.10 20.84
N SER B 6 10.93 2.32 21.16
CA SER B 6 12.01 2.29 20.16
C SER B 6 12.19 0.91 19.57
N GLN B 7 11.74 -0.11 20.29
CA GLN B 7 11.78 -1.48 19.81
C GLN B 7 10.86 -1.63 18.60
N LYS B 8 9.67 -1.05 18.73
CA LYS B 8 8.72 -0.98 17.62
C LYS B 8 9.32 -0.30 16.39
N GLU B 9 8.65 -0.47 15.26
CA GLU B 9 9.02 0.21 14.04
C GLU B 9 7.81 0.92 13.44
N GLN B 10 6.66 0.26 13.51
CA GLN B 10 5.40 0.82 13.00
C GLN B 10 4.78 1.78 14.01
N ASP B 11 5.07 1.56 15.28
CA ASP B 11 4.41 2.29 16.37
C ASP B 11 5.39 3.21 17.04
N VAL B 12 6.66 3.02 16.70
CA VAL B 12 7.73 3.91 17.15
C VAL B 12 7.58 5.22 16.39
N LEU B 13 6.79 5.15 15.31
CA LEU B 13 6.39 6.31 14.55
C LEU B 13 5.68 7.32 15.46
N THR B 14 5.49 8.54 14.98
CA THR B 14 4.78 9.54 15.77
C THR B 14 3.32 9.13 15.92
N PRO B 15 2.61 9.65 16.94
CA PRO B 15 1.19 9.34 17.15
C PRO B 15 0.38 9.35 15.86
N ARG B 16 0.49 10.43 15.09
CA ARG B 16 -0.25 10.54 13.85
C ARG B 16 0.25 9.53 12.83
N GLU B 17 1.57 9.48 12.64
CA GLU B 17 2.16 8.51 11.71
C GLU B 17 1.72 7.08 12.01
N CYS B 18 1.53 6.77 13.28
CA CYS B 18 1.01 5.47 13.69
C CYS B 18 -0.46 5.34 13.24
N LEU B 19 -1.23 6.42 13.39
CA LEU B 19 -2.61 6.45 12.94
C LEU B 19 -2.66 6.32 11.42
N ILE B 20 -1.67 6.94 10.77
CA ILE B 20 -1.56 6.87 9.33
C ILE B 20 -1.46 5.41 8.92
N LEU B 21 -0.49 4.70 9.52
CA LEU B 21 -0.25 3.30 9.21
C LEU B 21 -1.51 2.47 9.41
N GLN B 22 -2.11 2.54 10.59
CA GLN B 22 -3.30 1.73 10.85
C GLN B 22 -4.36 1.95 9.77
N GLU B 23 -4.48 3.18 9.29
CA GLU B 23 -5.48 3.48 8.27
C GLU B 23 -5.07 2.96 6.88
N VAL B 24 -3.76 2.93 6.57
CA VAL B 24 -3.31 2.30 5.32
C VAL B 24 -3.36 0.79 5.44
N GLU B 25 -2.67 0.27 6.45
CA GLU B 25 -2.54 -1.17 6.66
C GLU B 25 -3.91 -1.78 6.94
N LYS B 26 -4.85 -0.91 7.29
CA LYS B 26 -6.26 -1.26 7.37
C LYS B 26 -6.69 -2.05 6.14
N GLY B 27 -6.43 -1.49 4.98
CA GLY B 27 -6.89 -2.08 3.76
C GLY B 27 -7.81 -1.15 3.00
N PHE B 28 -7.38 0.09 2.84
CA PHE B 28 -8.06 1.05 1.98
C PHE B 28 -7.03 1.86 1.20
N THR B 29 -6.36 2.79 1.90
CA THR B 29 -5.34 3.65 1.31
C THR B 29 -5.18 4.95 2.10
N ASN B 30 -4.20 5.77 1.68
CA ASN B 30 -3.94 7.06 2.31
C ASN B 30 -5.19 7.95 2.28
N GLN B 31 -6.02 7.77 1.26
CA GLN B 31 -7.25 8.52 1.12
C GLN B 31 -8.19 8.22 2.29
N GLU B 32 -8.15 6.99 2.78
CA GLU B 32 -8.99 6.61 3.90
C GLU B 32 -8.38 7.16 5.18
N ILE B 33 -7.06 7.27 5.22
CA ILE B 33 -6.36 7.91 6.33
C ILE B 33 -6.79 9.38 6.44
N ALA B 34 -6.69 10.10 5.33
CA ALA B 34 -7.22 11.46 5.25
C ALA B 34 -8.65 11.52 5.75
N ASP B 35 -9.45 10.58 5.27
CA ASP B 35 -10.86 10.47 5.65
C ASP B 35 -10.98 10.22 7.15
N ALA B 36 -10.01 9.50 7.69
CA ALA B 36 -10.04 9.05 9.07
C ALA B 36 -9.61 10.16 10.02
N LEU B 37 -8.55 10.86 9.65
CA LEU B 37 -8.06 11.95 10.49
C LEU B 37 -8.85 13.21 10.19
N HIS B 38 -9.55 13.19 9.04
CA HIS B 38 -10.38 14.31 8.60
C HIS B 38 -9.49 15.39 8.04
N LEU B 39 -8.32 14.96 7.61
CA LEU B 39 -7.38 15.81 6.92
C LEU B 39 -7.74 15.90 5.45
N SER B 40 -6.84 15.45 4.61
CA SER B 40 -7.06 15.43 3.18
C SER B 40 -6.07 14.51 2.54
N LYS B 41 -6.37 14.02 1.36
CA LYS B 41 -5.45 13.16 0.62
C LYS B 41 -4.15 13.91 0.37
N ARG B 42 -4.24 15.23 0.30
CA ARG B 42 -3.07 16.07 0.13
C ARG B 42 -2.35 16.29 1.47
N SER B 43 -3.12 16.17 2.55
CA SER B 43 -2.57 16.37 3.88
C SER B 43 -1.85 15.11 4.38
N ILE B 44 -2.50 13.96 4.28
CA ILE B 44 -1.90 12.71 4.75
C ILE B 44 -0.76 12.28 3.86
N GLU B 45 -0.80 12.67 2.60
CA GLU B 45 0.29 12.36 1.68
C GLU B 45 1.59 12.94 2.21
N TYR B 46 1.47 14.08 2.88
CA TYR B 46 2.61 14.74 3.51
C TYR B 46 3.09 13.91 4.70
N SER B 47 2.19 13.14 5.29
CA SER B 47 2.54 12.22 6.36
C SER B 47 3.11 10.93 5.75
N LEU B 48 2.51 10.47 4.66
CA LEU B 48 2.97 9.28 3.96
C LEU B 48 4.40 9.46 3.44
N THR B 49 4.69 10.64 2.87
CA THR B 49 6.03 10.94 2.39
C THR B 49 7.01 10.98 3.57
N SER B 50 6.49 11.28 4.74
CA SER B 50 7.29 11.30 5.95
C SER B 50 7.53 9.87 6.42
N ILE B 51 6.47 9.07 6.36
CA ILE B 51 6.53 7.67 6.74
C ILE B 51 7.47 6.90 5.82
N PHE B 52 7.56 7.36 4.58
CA PHE B 52 8.53 6.86 3.63
C PHE B 52 9.92 6.88 4.26
N ASN B 53 10.22 7.98 4.93
CA ASN B 53 11.50 8.15 5.59
C ASN B 53 11.52 7.45 6.95
N LYS B 54 10.50 7.69 7.75
CA LYS B 54 10.46 7.22 9.14
C LYS B 54 10.41 5.70 9.24
N LEU B 55 9.50 5.09 8.51
CA LEU B 55 9.30 3.65 8.57
C LEU B 55 10.15 2.96 7.52
N ASN B 56 10.94 3.75 6.80
CA ASN B 56 11.75 3.26 5.68
C ASN B 56 10.84 2.73 4.57
N VAL B 57 9.59 3.15 4.65
CA VAL B 57 8.57 2.82 3.67
C VAL B 57 8.94 3.34 2.27
N GLY B 58 8.52 2.60 1.25
CA GLY B 58 8.87 2.95 -0.13
C GLY B 58 8.07 4.11 -0.69
N SER B 59 7.00 4.50 0.01
CA SER B 59 6.16 5.64 -0.39
C SER B 59 4.84 5.64 0.40
N ARG B 60 4.33 4.44 0.66
CA ARG B 60 2.99 4.24 1.21
C ARG B 60 2.63 2.76 1.16
N THR B 61 3.10 2.10 0.12
CA THR B 61 2.89 0.68 -0.07
C THR B 61 3.47 -0.11 1.11
N GLU B 62 4.63 0.31 1.60
CA GLU B 62 5.25 -0.37 2.72
C GLU B 62 4.57 0.02 4.00
N ALA B 63 3.96 1.19 4.00
CA ALA B 63 3.27 1.67 5.18
C ALA B 63 2.16 0.69 5.54
N VAL B 64 1.46 0.24 4.52
CA VAL B 64 0.44 -0.79 4.68
C VAL B 64 1.05 -2.21 4.69
N LEU B 65 2.14 -2.42 3.94
CA LEU B 65 2.76 -3.74 3.83
C LEU B 65 3.50 -4.17 5.11
N ILE B 66 4.46 -3.34 5.53
CA ILE B 66 5.35 -3.68 6.63
C ILE B 66 4.58 -3.84 7.94
N ALA B 67 3.42 -3.20 8.04
CA ALA B 67 2.57 -3.36 9.20
C ALA B 67 2.20 -4.82 9.40
N LYS B 68 1.71 -5.45 8.35
CA LYS B 68 1.38 -6.86 8.39
C LYS B 68 2.63 -7.68 8.62
N SER B 69 3.69 -7.30 7.90
CA SER B 69 5.00 -7.93 8.05
C SER B 69 5.44 -7.96 9.51
N ASP B 70 5.20 -6.85 10.22
CA ASP B 70 5.59 -6.71 11.62
C ASP B 70 4.66 -7.50 12.50
N GLY B 71 3.40 -7.52 12.10
CA GLY B 71 2.39 -8.20 12.87
C GLY B 71 1.49 -7.22 13.59
N VAL B 72 1.17 -6.12 12.93
CA VAL B 72 0.24 -5.15 13.47
C VAL B 72 -1.19 -5.71 13.39
N LEU B 73 -1.80 -5.63 12.21
CA LEU B 73 -3.09 -6.28 11.94
C LEU B 73 -4.18 -5.84 12.93
N SER A 5 -9.15 -21.19 -10.38
CA SER A 5 -10.21 -20.44 -11.05
C SER A 5 -10.49 -19.17 -10.26
N SER A 6 -11.75 -18.79 -10.16
CA SER A 6 -12.14 -17.64 -9.34
C SER A 6 -11.92 -17.93 -7.85
N GLN A 7 -11.30 -19.06 -7.56
CA GLN A 7 -10.85 -19.38 -6.22
C GLN A 7 -9.85 -18.33 -5.77
N LYS A 8 -8.88 -18.04 -6.63
CA LYS A 8 -7.92 -16.99 -6.39
C LYS A 8 -8.49 -15.65 -6.82
N GLU A 9 -7.83 -14.57 -6.40
CA GLU A 9 -8.25 -13.24 -6.79
C GLU A 9 -7.05 -12.40 -7.24
N GLN A 10 -6.02 -12.34 -6.42
CA GLN A 10 -4.85 -11.51 -6.69
C GLN A 10 -3.93 -12.15 -7.72
N ASP A 11 -4.08 -13.44 -7.93
CA ASP A 11 -3.25 -14.17 -8.86
C ASP A 11 -4.05 -14.54 -10.10
N VAL A 12 -5.37 -14.52 -9.95
CA VAL A 12 -6.27 -14.82 -11.06
C VAL A 12 -6.38 -13.57 -11.94
N LEU A 13 -5.90 -12.46 -11.40
CA LEU A 13 -5.82 -11.20 -12.13
C LEU A 13 -5.03 -11.38 -13.43
N THR A 14 -5.07 -10.38 -14.29
CA THR A 14 -4.43 -10.48 -15.58
C THR A 14 -2.91 -10.50 -15.42
N PRO A 15 -2.17 -11.09 -16.38
CA PRO A 15 -0.72 -11.19 -16.31
C PRO A 15 -0.05 -9.92 -15.80
N ARG A 16 -0.41 -8.79 -16.40
CA ARG A 16 0.11 -7.51 -15.97
C ARG A 16 -0.31 -7.19 -14.55
N GLU A 17 -1.61 -7.23 -14.31
CA GLU A 17 -2.17 -6.89 -12.99
C GLU A 17 -1.58 -7.76 -11.88
N CYS A 18 -1.24 -9.00 -12.21
CA CYS A 18 -0.59 -9.88 -11.27
C CYS A 18 0.83 -9.39 -11.00
N LEU A 19 1.50 -8.94 -12.05
CA LEU A 19 2.85 -8.37 -11.91
C LEU A 19 2.76 -7.03 -11.19
N ILE A 20 1.68 -6.29 -11.42
CA ILE A 20 1.43 -5.06 -10.72
C ILE A 20 1.46 -5.33 -9.23
N LEU A 21 0.66 -6.32 -8.81
CA LEU A 21 0.58 -6.70 -7.41
C LEU A 21 1.93 -7.02 -6.83
N GLN A 22 2.65 -7.96 -7.44
CA GLN A 22 3.95 -8.37 -6.91
C GLN A 22 4.85 -7.17 -6.69
N GLU A 23 4.79 -6.18 -7.58
CA GLU A 23 5.62 -5.00 -7.46
C GLU A 23 5.14 -4.06 -6.33
N VAL A 24 3.83 -4.00 -6.08
CA VAL A 24 3.34 -3.23 -4.93
C VAL A 24 3.59 -4.00 -3.64
N GLU A 25 3.07 -5.22 -3.60
CA GLU A 25 3.18 -6.07 -2.42
C GLU A 25 4.64 -6.36 -2.10
N LYS A 26 5.49 -6.14 -3.09
CA LYS A 26 6.94 -6.14 -2.91
C LYS A 26 7.35 -5.34 -1.70
N GLY A 27 6.83 -4.12 -1.63
CA GLY A 27 7.25 -3.22 -0.60
C GLY A 27 7.99 -2.04 -1.18
N PHE A 28 7.44 -1.46 -2.22
CA PHE A 28 7.91 -0.20 -2.75
C PHE A 28 6.71 0.71 -3.02
N THR A 29 6.12 0.57 -4.20
CA THR A 29 4.89 1.28 -4.54
C THR A 29 4.58 1.12 -6.04
N ASN A 30 3.48 1.74 -6.47
CA ASN A 30 3.09 1.76 -7.88
C ASN A 30 4.22 2.28 -8.76
N GLN A 31 5.03 3.19 -8.23
CA GLN A 31 6.11 3.78 -8.99
C GLN A 31 7.15 2.72 -9.32
N GLU A 32 7.34 1.77 -8.41
CA GLU A 32 8.29 0.70 -8.64
C GLU A 32 7.71 -0.27 -9.66
N ILE A 33 6.39 -0.43 -9.64
CA ILE A 33 5.70 -1.24 -10.65
C ILE A 33 5.93 -0.65 -12.04
N ALA A 34 5.63 0.64 -12.18
CA ALA A 34 5.95 1.38 -13.41
C ALA A 34 7.38 1.16 -13.82
N ASP A 35 8.27 1.27 -12.84
CA ASP A 35 9.71 1.17 -13.08
C ASP A 35 10.08 -0.27 -13.43
N ALA A 36 9.26 -1.20 -12.98
CA ALA A 36 9.50 -2.62 -13.21
C ALA A 36 9.00 -3.05 -14.58
N LEU A 37 7.82 -2.59 -14.95
CA LEU A 37 7.22 -2.97 -16.22
C LEU A 37 7.69 -2.05 -17.34
N HIS A 38 8.26 -0.91 -16.95
CA HIS A 38 8.80 0.09 -17.87
C HIS A 38 7.66 0.89 -18.46
N LEU A 39 6.60 1.00 -17.67
CA LEU A 39 5.47 1.81 -18.04
C LEU A 39 5.70 3.24 -17.56
N SER A 40 4.91 3.67 -16.59
CA SER A 40 5.06 4.97 -15.98
C SER A 40 4.20 5.03 -14.76
N LYS A 41 4.53 5.91 -13.84
CA LYS A 41 3.73 6.08 -12.64
C LYS A 41 2.31 6.49 -13.02
N ARG A 42 2.19 7.14 -14.18
CA ARG A 42 0.90 7.55 -14.69
C ARG A 42 0.23 6.38 -15.43
N SER A 43 1.03 5.46 -15.93
CA SER A 43 0.52 4.31 -16.65
C SER A 43 0.01 3.22 -15.70
N ILE A 44 0.83 2.85 -14.71
CA ILE A 44 0.44 1.81 -13.77
C ILE A 44 -0.66 2.28 -12.85
N GLU A 45 -0.73 3.58 -12.62
CA GLU A 45 -1.81 4.15 -11.80
C GLU A 45 -3.17 3.77 -12.41
N TYR A 46 -3.19 3.70 -13.74
CA TYR A 46 -4.38 3.30 -14.47
C TYR A 46 -4.70 1.83 -14.19
N SER A 47 -3.68 1.06 -13.87
CA SER A 47 -3.85 -0.33 -13.51
C SER A 47 -4.25 -0.44 -12.04
N LEU A 48 -3.59 0.34 -11.18
CA LEU A 48 -3.88 0.35 -9.75
C LEU A 48 -5.33 0.76 -9.48
N THR A 49 -5.79 1.80 -10.17
CA THR A 49 -7.16 2.27 -10.02
C THR A 49 -8.14 1.20 -10.50
N SER A 50 -7.68 0.36 -11.42
CA SER A 50 -8.50 -0.72 -11.93
C SER A 50 -8.43 -1.93 -11.02
N ILE A 51 -7.27 -2.11 -10.38
CA ILE A 51 -7.09 -3.17 -9.41
C ILE A 51 -7.96 -2.92 -8.19
N PHE A 52 -8.19 -1.64 -7.93
CA PHE A 52 -9.18 -1.21 -6.95
C PHE A 52 -10.52 -1.92 -7.19
N ASN A 53 -10.91 -2.04 -8.45
CA ASN A 53 -12.13 -2.75 -8.82
C ASN A 53 -11.91 -4.27 -8.85
N LYS A 54 -10.93 -4.70 -9.64
CA LYS A 54 -10.66 -6.13 -9.86
C LYS A 54 -10.41 -6.90 -8.57
N LEU A 55 -9.50 -6.38 -7.76
CA LEU A 55 -9.06 -7.07 -6.54
C LEU A 55 -9.94 -6.64 -5.37
N ASN A 56 -10.82 -5.66 -5.63
CA ASN A 56 -11.64 -5.03 -4.60
C ASN A 56 -10.77 -4.19 -3.67
N VAL A 57 -9.53 -4.02 -4.10
CA VAL A 57 -8.55 -3.16 -3.45
C VAL A 57 -9.08 -1.72 -3.27
N GLY A 58 -8.64 -1.07 -2.20
CA GLY A 58 -9.09 0.29 -1.92
C GLY A 58 -8.55 1.33 -2.90
N SER A 59 -7.30 1.16 -3.31
CA SER A 59 -6.67 2.08 -4.27
C SER A 59 -5.30 1.55 -4.70
N ARG A 60 -4.67 0.80 -3.79
CA ARG A 60 -3.30 0.32 -3.96
C ARG A 60 -2.82 -0.27 -2.65
N THR A 61 -3.25 0.37 -1.56
CA THR A 61 -2.92 -0.06 -0.22
C THR A 61 -3.34 -1.52 0.00
N GLU A 62 -4.47 -1.93 -0.55
CA GLU A 62 -4.91 -3.31 -0.42
C GLU A 62 -4.13 -4.20 -1.37
N ALA A 63 -3.75 -3.63 -2.51
CA ALA A 63 -3.04 -4.39 -3.52
C ALA A 63 -1.76 -4.97 -2.93
N VAL A 64 -1.08 -4.15 -2.15
CA VAL A 64 0.12 -4.57 -1.45
C VAL A 64 -0.22 -5.33 -0.14
N LEU A 65 -1.31 -4.93 0.53
CA LEU A 65 -1.70 -5.53 1.82
C LEU A 65 -2.24 -6.96 1.67
N ILE A 66 -3.31 -7.08 0.89
CA ILE A 66 -4.04 -8.33 0.75
C ILE A 66 -3.15 -9.47 0.25
N ALA A 67 -2.15 -9.13 -0.54
CA ALA A 67 -1.21 -10.12 -1.05
C ALA A 67 -0.56 -10.88 0.10
N LYS A 68 0.00 -10.14 1.05
CA LYS A 68 0.61 -10.76 2.21
C LYS A 68 -0.45 -11.52 3.01
N SER A 69 -1.62 -10.90 3.16
CA SER A 69 -2.74 -11.51 3.87
C SER A 69 -3.06 -12.90 3.28
N ASP A 70 -3.07 -12.98 1.95
CA ASP A 70 -3.41 -14.21 1.24
C ASP A 70 -2.24 -15.18 1.32
N GLY A 71 -1.05 -14.62 1.42
CA GLY A 71 0.15 -15.43 1.47
C GLY A 71 0.78 -15.54 0.11
N VAL A 72 0.64 -14.48 -0.69
CA VAL A 72 1.24 -14.44 -2.01
C VAL A 72 2.75 -14.41 -1.89
N LEU A 73 3.27 -13.29 -1.35
CA LEU A 73 4.71 -13.11 -1.16
C LEU A 73 5.51 -13.55 -2.39
N SER B 5 11.28 1.37 22.54
CA SER B 5 12.06 2.50 22.10
C SER B 5 12.27 2.39 20.59
N SER B 6 13.48 2.64 20.11
CA SER B 6 13.81 2.45 18.70
C SER B 6 13.77 0.97 18.32
N GLN B 7 13.28 0.15 19.24
CA GLN B 7 13.05 -1.26 18.99
C GLN B 7 11.98 -1.42 17.92
N LYS B 8 10.88 -0.71 18.10
CA LYS B 8 9.84 -0.68 17.11
C LYS B 8 10.14 0.36 16.05
N GLU B 9 9.26 0.48 15.09
CA GLU B 9 9.40 1.47 14.04
C GLU B 9 8.04 2.07 13.68
N GLN B 10 7.14 1.20 13.22
CA GLN B 10 5.83 1.63 12.74
C GLN B 10 4.94 2.16 13.86
N ASP B 11 5.24 1.74 15.08
CA ASP B 11 4.42 2.11 16.23
C ASP B 11 5.15 3.14 17.09
N VAL B 12 6.43 3.32 16.81
CA VAL B 12 7.24 4.25 17.56
C VAL B 12 7.24 5.62 16.87
N LEU B 13 6.77 5.61 15.61
CA LEU B 13 6.71 6.80 14.75
C LEU B 13 6.25 8.05 15.50
N THR B 14 4.99 8.39 15.36
CA THR B 14 4.38 9.43 16.16
C THR B 14 2.95 9.00 16.41
N PRO B 15 2.20 9.69 17.29
CA PRO B 15 0.77 9.42 17.43
C PRO B 15 0.06 9.44 16.08
N ARG B 16 0.26 10.52 15.33
CA ARG B 16 -0.35 10.66 14.03
C ARG B 16 0.15 9.62 13.06
N GLU B 17 1.46 9.54 12.88
CA GLU B 17 2.05 8.60 11.93
C GLU B 17 1.66 7.16 12.25
N CYS B 18 1.50 6.84 13.53
CA CYS B 18 1.02 5.53 13.92
C CYS B 18 -0.42 5.34 13.44
N LEU B 19 -1.24 6.38 13.59
CA LEU B 19 -2.62 6.35 13.14
C LEU B 19 -2.67 6.30 11.61
N ILE B 20 -1.73 6.99 10.98
CA ILE B 20 -1.61 6.96 9.54
C ILE B 20 -1.46 5.53 9.09
N LEU B 21 -0.48 4.84 9.68
CA LEU B 21 -0.20 3.45 9.35
C LEU B 21 -1.43 2.59 9.51
N GLN B 22 -2.04 2.59 10.69
CA GLN B 22 -3.18 1.73 10.94
C GLN B 22 -4.27 1.92 9.89
N GLU B 23 -4.44 3.16 9.43
CA GLU B 23 -5.45 3.43 8.40
C GLU B 23 -5.03 2.94 7.01
N VAL B 24 -3.72 2.97 6.69
CA VAL B 24 -3.27 2.37 5.43
C VAL B 24 -3.27 0.87 5.53
N GLU B 25 -2.58 0.36 6.55
CA GLU B 25 -2.42 -1.06 6.76
C GLU B 25 -3.78 -1.71 7.00
N LYS B 26 -4.77 -0.88 7.34
CA LYS B 26 -6.16 -1.28 7.41
C LYS B 26 -6.57 -2.05 6.17
N GLY B 27 -6.25 -1.49 5.02
CA GLY B 27 -6.71 -2.05 3.77
C GLY B 27 -7.70 -1.13 3.08
N PHE B 28 -7.33 0.13 2.98
CA PHE B 28 -8.07 1.09 2.18
C PHE B 28 -7.09 1.94 1.39
N THR B 29 -6.40 2.84 2.08
CA THR B 29 -5.37 3.72 1.49
C THR B 29 -5.24 5.03 2.26
N ASN B 30 -4.34 5.90 1.78
CA ASN B 30 -4.06 7.19 2.41
C ASN B 30 -5.32 8.05 2.48
N GLN B 31 -6.16 7.91 1.48
CA GLN B 31 -7.40 8.66 1.40
C GLN B 31 -8.33 8.29 2.56
N GLU B 32 -8.23 7.04 3.01
CA GLU B 32 -9.03 6.61 4.14
C GLU B 32 -8.41 7.15 5.42
N ILE B 33 -7.09 7.26 5.45
CA ILE B 33 -6.39 7.90 6.58
C ILE B 33 -6.85 9.34 6.73
N ALA B 34 -6.79 10.09 5.63
CA ALA B 34 -7.34 11.44 5.58
C ALA B 34 -8.76 11.47 6.13
N ASP B 35 -9.57 10.54 5.67
CA ASP B 35 -10.96 10.43 6.11
C ASP B 35 -11.03 10.11 7.60
N ALA B 36 -10.05 9.36 8.06
CA ALA B 36 -10.02 8.90 9.44
C ALA B 36 -9.59 9.99 10.40
N LEU B 37 -8.55 10.73 10.05
CA LEU B 37 -8.01 11.77 10.91
C LEU B 37 -8.74 13.08 10.68
N HIS B 38 -9.49 13.15 9.58
CA HIS B 38 -10.30 14.31 9.22
C HIS B 38 -9.38 15.38 8.65
N LEU B 39 -8.29 14.91 8.07
CA LEU B 39 -7.35 15.77 7.40
C LEU B 39 -7.78 15.95 5.95
N SER B 40 -6.99 15.44 5.04
CA SER B 40 -7.30 15.45 3.63
C SER B 40 -6.35 14.55 2.91
N LYS B 41 -6.74 14.08 1.75
CA LYS B 41 -5.89 13.23 0.92
C LYS B 41 -4.58 13.96 0.63
N ARG B 42 -4.67 15.29 0.55
CA ARG B 42 -3.50 16.11 0.30
C ARG B 42 -2.73 16.37 1.59
N SER B 43 -3.42 16.27 2.71
CA SER B 43 -2.81 16.47 4.02
C SER B 43 -2.05 15.23 4.49
N ILE B 44 -2.69 14.06 4.42
CA ILE B 44 -2.05 12.83 4.85
C ILE B 44 -0.94 12.41 3.91
N GLU B 45 -1.06 12.81 2.65
CA GLU B 45 -0.02 12.52 1.66
C GLU B 45 1.32 13.10 2.12
N TYR B 46 1.24 14.24 2.81
CA TYR B 46 2.42 14.87 3.39
C TYR B 46 2.99 14.01 4.51
N SER B 47 2.12 13.25 5.17
CA SER B 47 2.55 12.32 6.21
C SER B 47 3.08 11.04 5.58
N LEU B 48 2.38 10.55 4.56
CA LEU B 48 2.80 9.33 3.84
C LEU B 48 4.18 9.50 3.22
N THR B 49 4.41 10.65 2.59
CA THR B 49 5.69 10.93 1.96
C THR B 49 6.79 11.04 3.02
N SER B 50 6.39 11.40 4.22
CA SER B 50 7.31 11.52 5.34
C SER B 50 7.50 10.16 6.00
N ILE B 51 6.47 9.34 5.96
CA ILE B 51 6.54 7.97 6.47
C ILE B 51 7.46 7.14 5.59
N PHE B 52 7.53 7.53 4.33
CA PHE B 52 8.53 7.02 3.41
C PHE B 52 9.92 7.14 4.03
N ASN B 53 10.16 8.27 4.70
CA ASN B 53 11.43 8.50 5.39
C ASN B 53 11.45 7.80 6.75
N LYS B 54 10.48 8.11 7.62
CA LYS B 54 10.42 7.58 8.98
C LYS B 54 10.44 6.06 9.03
N LEU B 55 9.55 5.43 8.30
CA LEU B 55 9.35 4.00 8.38
C LEU B 55 10.22 3.29 7.34
N ASN B 56 10.96 4.08 6.57
CA ASN B 56 11.77 3.57 5.45
C ASN B 56 10.87 3.04 4.35
N VAL B 57 9.58 3.28 4.53
CA VAL B 57 8.55 2.96 3.56
C VAL B 57 8.86 3.52 2.17
N GLY B 58 8.44 2.82 1.12
CA GLY B 58 8.72 3.23 -0.24
C GLY B 58 7.91 4.43 -0.70
N SER B 59 6.72 4.59 -0.14
CA SER B 59 5.82 5.69 -0.51
C SER B 59 4.55 5.63 0.34
N ARG B 60 4.11 4.41 0.60
CA ARG B 60 2.82 4.15 1.24
C ARG B 60 2.53 2.66 1.17
N THR B 61 2.97 2.05 0.08
CA THR B 61 2.82 0.62 -0.11
C THR B 61 3.46 -0.15 1.06
N GLU B 62 4.60 0.34 1.54
CA GLU B 62 5.27 -0.31 2.65
C GLU B 62 4.57 0.01 3.95
N ALA B 63 3.98 1.18 4.00
CA ALA B 63 3.31 1.63 5.21
C ALA B 63 2.20 0.64 5.56
N VAL B 64 1.48 0.21 4.54
CA VAL B 64 0.45 -0.80 4.70
C VAL B 64 1.03 -2.24 4.71
N LEU B 65 2.12 -2.46 3.95
CA LEU B 65 2.72 -3.80 3.84
C LEU B 65 3.45 -4.22 5.11
N ILE B 66 4.43 -3.42 5.51
CA ILE B 66 5.32 -3.75 6.61
C ILE B 66 4.57 -3.92 7.93
N ALA B 67 3.45 -3.21 8.06
CA ALA B 67 2.62 -3.35 9.24
C ALA B 67 2.24 -4.80 9.47
N LYS B 68 1.71 -5.43 8.43
CA LYS B 68 1.35 -6.84 8.49
C LYS B 68 2.60 -7.69 8.70
N SER B 69 3.65 -7.34 7.96
CA SER B 69 4.94 -8.04 8.05
C SER B 69 5.42 -8.14 9.50
N ASP B 70 5.34 -7.02 10.21
CA ASP B 70 5.82 -6.92 11.58
C ASP B 70 4.81 -7.56 12.52
N GLY B 71 3.56 -7.51 12.11
CA GLY B 71 2.50 -8.07 12.91
C GLY B 71 1.80 -7.02 13.73
N VAL B 72 1.62 -5.85 13.13
CA VAL B 72 0.93 -4.76 13.78
C VAL B 72 -0.56 -5.05 13.83
N LEU B 73 -1.22 -4.92 12.68
CA LEU B 73 -2.64 -5.27 12.51
C LEU B 73 -3.50 -4.72 13.65
N SER A 5 -9.90 -20.36 -9.59
CA SER A 5 -9.97 -19.27 -10.56
C SER A 5 -10.98 -18.23 -10.11
N SER A 6 -12.24 -18.64 -10.01
CA SER A 6 -13.32 -17.75 -9.61
C SER A 6 -13.08 -17.19 -8.21
N GLN A 7 -12.51 -18.04 -7.35
CA GLN A 7 -12.20 -17.66 -5.99
C GLN A 7 -11.08 -16.64 -5.95
N LYS A 8 -10.05 -16.90 -6.74
CA LYS A 8 -8.89 -16.02 -6.85
C LYS A 8 -9.29 -14.59 -7.14
N GLU A 9 -8.45 -13.68 -6.70
CA GLU A 9 -8.66 -12.26 -6.96
C GLU A 9 -7.32 -11.55 -7.14
N GLN A 10 -6.32 -11.96 -6.38
CA GLN A 10 -4.99 -11.38 -6.47
C GLN A 10 -4.20 -11.91 -7.65
N ASP A 11 -4.56 -13.08 -8.12
CA ASP A 11 -3.84 -13.72 -9.21
C ASP A 11 -4.81 -14.10 -10.32
N VAL A 12 -6.09 -13.83 -10.08
CA VAL A 12 -7.10 -13.97 -11.13
C VAL A 12 -6.95 -12.79 -12.07
N LEU A 13 -6.26 -11.77 -11.56
CA LEU A 13 -5.95 -10.56 -12.28
C LEU A 13 -5.27 -10.86 -13.62
N THR A 14 -5.24 -9.88 -14.50
CA THR A 14 -4.57 -10.04 -15.78
C THR A 14 -3.06 -10.16 -15.55
N PRO A 15 -2.31 -10.67 -16.54
CA PRO A 15 -0.84 -10.80 -16.42
C PRO A 15 -0.20 -9.56 -15.81
N ARG A 16 -0.50 -8.40 -16.37
CA ARG A 16 0.07 -7.16 -15.87
C ARG A 16 -0.42 -6.86 -14.46
N GLU A 17 -1.72 -6.94 -14.26
CA GLU A 17 -2.32 -6.70 -12.94
C GLU A 17 -1.64 -7.53 -11.85
N CYS A 18 -1.37 -8.79 -12.15
CA CYS A 18 -0.65 -9.65 -11.23
C CYS A 18 0.78 -9.13 -11.01
N LEU A 19 1.40 -8.65 -12.08
CA LEU A 19 2.73 -8.04 -11.99
C LEU A 19 2.66 -6.76 -11.16
N ILE A 20 1.56 -6.05 -11.30
CA ILE A 20 1.31 -4.85 -10.53
C ILE A 20 1.39 -5.20 -9.05
N LEU A 21 0.57 -6.18 -8.65
CA LEU A 21 0.51 -6.59 -7.25
C LEU A 21 1.88 -7.00 -6.72
N GLN A 22 2.56 -7.89 -7.40
CA GLN A 22 3.86 -8.35 -6.92
C GLN A 22 4.80 -7.17 -6.68
N GLU A 23 4.72 -6.14 -7.53
CA GLU A 23 5.56 -4.97 -7.37
C GLU A 23 5.13 -4.08 -6.18
N VAL A 24 3.82 -3.90 -5.96
CA VAL A 24 3.35 -3.18 -4.79
C VAL A 24 3.64 -3.98 -3.54
N GLU A 25 3.13 -5.21 -3.52
CA GLU A 25 3.21 -6.06 -2.36
C GLU A 25 4.68 -6.42 -2.07
N LYS A 26 5.52 -6.20 -3.07
CA LYS A 26 6.97 -6.26 -2.92
C LYS A 26 7.41 -5.46 -1.70
N GLY A 27 6.99 -4.21 -1.67
CA GLY A 27 7.43 -3.33 -0.63
C GLY A 27 8.13 -2.11 -1.18
N PHE A 28 7.50 -1.45 -2.13
CA PHE A 28 7.92 -0.14 -2.57
C PHE A 28 6.70 0.73 -2.78
N THR A 29 6.08 0.61 -3.95
CA THR A 29 4.86 1.36 -4.26
C THR A 29 4.48 1.18 -5.73
N ASN A 30 3.33 1.73 -6.11
CA ASN A 30 2.90 1.73 -7.50
C ASN A 30 3.97 2.33 -8.41
N GLN A 31 4.74 3.25 -7.85
CA GLN A 31 5.78 3.94 -8.60
C GLN A 31 6.89 2.97 -8.97
N GLU A 32 7.11 1.99 -8.10
CA GLU A 32 8.10 0.96 -8.36
C GLU A 32 7.57 0.03 -9.42
N ILE A 33 6.27 -0.23 -9.39
CA ILE A 33 5.61 -1.02 -10.43
C ILE A 33 5.83 -0.37 -11.80
N ALA A 34 5.53 0.92 -11.89
CA ALA A 34 5.84 1.69 -13.09
C ALA A 34 7.29 1.51 -13.51
N ASP A 35 8.18 1.56 -12.53
CA ASP A 35 9.60 1.42 -12.77
C ASP A 35 9.94 -0.02 -13.15
N ALA A 36 9.12 -0.96 -12.71
CA ALA A 36 9.36 -2.37 -12.97
C ALA A 36 8.87 -2.77 -14.35
N LEU A 37 7.70 -2.29 -14.71
CA LEU A 37 7.09 -2.63 -15.99
C LEU A 37 7.60 -1.66 -17.07
N HIS A 38 8.16 -0.53 -16.62
CA HIS A 38 8.73 0.48 -17.51
C HIS A 38 7.58 1.26 -18.13
N LEU A 39 6.49 1.30 -17.38
CA LEU A 39 5.32 2.09 -17.74
C LEU A 39 5.50 3.52 -17.25
N SER A 40 4.70 3.91 -16.27
CA SER A 40 4.80 5.23 -15.67
C SER A 40 3.97 5.25 -14.42
N LYS A 41 4.31 6.12 -13.50
CA LYS A 41 3.52 6.28 -12.29
C LYS A 41 2.09 6.64 -12.67
N ARG A 42 1.94 7.30 -13.80
CA ARG A 42 0.63 7.69 -14.31
C ARG A 42 -0.04 6.52 -15.02
N SER A 43 0.77 5.60 -15.52
CA SER A 43 0.28 4.47 -16.29
C SER A 43 -0.16 3.34 -15.37
N ILE A 44 0.67 2.99 -14.38
CA ILE A 44 0.34 1.92 -13.46
C ILE A 44 -0.79 2.32 -12.53
N GLU A 45 -0.87 3.61 -12.22
CA GLU A 45 -1.96 4.11 -11.38
C GLU A 45 -3.30 3.79 -12.01
N TYR A 46 -3.32 3.78 -13.34
CA TYR A 46 -4.51 3.41 -14.09
C TYR A 46 -4.78 1.91 -13.92
N SER A 47 -3.74 1.16 -13.65
CA SER A 47 -3.89 -0.26 -13.37
C SER A 47 -4.26 -0.47 -11.91
N LEU A 48 -3.68 0.34 -11.02
CA LEU A 48 -4.02 0.30 -9.60
C LEU A 48 -5.48 0.64 -9.37
N THR A 49 -5.97 1.69 -10.03
CA THR A 49 -7.37 2.10 -9.92
C THR A 49 -8.28 1.01 -10.45
N SER A 50 -7.76 0.22 -11.39
CA SER A 50 -8.54 -0.88 -11.95
C SER A 50 -8.46 -2.09 -11.02
N ILE A 51 -7.32 -2.24 -10.37
CA ILE A 51 -7.13 -3.30 -9.38
C ILE A 51 -7.98 -3.04 -8.15
N PHE A 52 -8.23 -1.76 -7.89
CA PHE A 52 -9.20 -1.34 -6.89
C PHE A 52 -10.53 -2.08 -7.10
N ASN A 53 -10.95 -2.15 -8.34
CA ASN A 53 -12.18 -2.86 -8.69
C ASN A 53 -11.96 -4.37 -8.80
N LYS A 54 -10.90 -4.76 -9.51
CA LYS A 54 -10.63 -6.17 -9.82
C LYS A 54 -10.32 -6.99 -8.57
N LEU A 55 -9.40 -6.49 -7.75
CA LEU A 55 -8.91 -7.22 -6.59
C LEU A 55 -9.73 -6.84 -5.35
N ASN A 56 -10.74 -5.99 -5.55
CA ASN A 56 -11.56 -5.45 -4.44
C ASN A 56 -10.71 -4.53 -3.58
N VAL A 57 -9.52 -4.23 -4.07
CA VAL A 57 -8.56 -3.35 -3.42
C VAL A 57 -9.12 -1.95 -3.20
N GLY A 58 -8.71 -1.32 -2.11
CA GLY A 58 -9.20 0.01 -1.77
C GLY A 58 -8.73 1.08 -2.74
N SER A 59 -7.51 0.94 -3.24
CA SER A 59 -6.95 1.87 -4.22
C SER A 59 -5.58 1.38 -4.69
N ARG A 60 -4.86 0.70 -3.79
CA ARG A 60 -3.45 0.36 -3.98
C ARG A 60 -2.90 -0.24 -2.69
N THR A 61 -3.35 0.33 -1.58
CA THR A 61 -2.95 -0.11 -0.27
C THR A 61 -3.34 -1.58 -0.03
N GLU A 62 -4.47 -1.99 -0.56
CA GLU A 62 -4.90 -3.37 -0.42
C GLU A 62 -4.16 -4.25 -1.41
N ALA A 63 -3.75 -3.65 -2.51
CA ALA A 63 -3.02 -4.38 -3.53
C ALA A 63 -1.75 -4.96 -2.93
N VAL A 64 -1.09 -4.14 -2.13
CA VAL A 64 0.10 -4.57 -1.41
C VAL A 64 -0.26 -5.34 -0.11
N LEU A 65 -1.36 -4.93 0.55
CA LEU A 65 -1.74 -5.54 1.83
C LEU A 65 -2.30 -6.96 1.68
N ILE A 66 -3.36 -7.09 0.88
CA ILE A 66 -4.10 -8.33 0.74
C ILE A 66 -3.22 -9.47 0.23
N ALA A 67 -2.20 -9.14 -0.56
CA ALA A 67 -1.28 -10.15 -1.05
C ALA A 67 -0.64 -10.91 0.12
N LYS A 68 -0.08 -10.17 1.06
CA LYS A 68 0.52 -10.77 2.24
C LYS A 68 -0.54 -11.51 3.04
N SER A 69 -1.69 -10.86 3.20
CA SER A 69 -2.84 -11.45 3.89
C SER A 69 -3.18 -12.82 3.31
N ASP A 70 -3.24 -12.88 1.99
CA ASP A 70 -3.64 -14.07 1.26
C ASP A 70 -2.57 -15.12 1.34
N GLY A 71 -1.34 -14.64 1.43
CA GLY A 71 -0.21 -15.52 1.50
C GLY A 71 0.47 -15.68 0.16
N VAL A 72 0.44 -14.60 -0.63
CA VAL A 72 1.12 -14.58 -1.90
C VAL A 72 2.62 -14.68 -1.69
N LEU A 73 3.20 -13.64 -1.08
CA LEU A 73 4.61 -13.61 -0.70
C LEU A 73 5.51 -14.11 -1.83
N SER B 5 11.93 0.71 21.54
CA SER B 5 11.58 2.04 21.08
C SER B 5 12.40 2.43 19.86
N SER B 6 13.72 2.46 20.01
CA SER B 6 14.62 2.85 18.92
C SER B 6 14.60 1.83 17.79
N GLN B 7 14.27 0.59 18.15
CA GLN B 7 14.19 -0.50 17.18
C GLN B 7 12.89 -0.41 16.39
N LYS B 8 11.82 -0.09 17.09
CA LYS B 8 10.53 0.14 16.47
C LYS B 8 10.61 1.14 15.32
N GLU B 9 9.76 0.98 14.34
CA GLU B 9 9.75 1.89 13.19
C GLU B 9 8.33 2.20 12.75
N GLN B 10 7.43 1.26 12.99
CA GLN B 10 6.02 1.43 12.64
C GLN B 10 5.30 2.29 13.67
N ASP B 11 5.59 2.05 14.92
CA ASP B 11 4.88 2.69 16.01
C ASP B 11 5.83 3.61 16.77
N VAL B 12 7.10 3.60 16.36
CA VAL B 12 8.04 4.60 16.84
C VAL B 12 7.62 5.93 16.25
N LEU B 13 6.83 5.83 15.18
CA LEU B 13 6.30 6.95 14.48
C LEU B 13 5.51 7.86 15.43
N THR B 14 5.29 9.10 15.03
CA THR B 14 4.52 10.03 15.84
C THR B 14 3.07 9.55 15.95
N PRO B 15 2.30 10.08 16.92
CA PRO B 15 0.90 9.71 17.10
C PRO B 15 0.14 9.64 15.78
N ARG B 16 0.22 10.71 14.99
CA ARG B 16 -0.47 10.74 13.72
C ARG B 16 0.12 9.75 12.74
N GLU B 17 1.45 9.76 12.58
CA GLU B 17 2.13 8.80 11.70
C GLU B 17 1.69 7.36 11.97
N CYS B 18 1.57 7.02 13.25
CA CYS B 18 1.09 5.70 13.63
C CYS B 18 -0.37 5.51 13.21
N LEU B 19 -1.19 6.56 13.37
CA LEU B 19 -2.57 6.53 12.93
C LEU B 19 -2.62 6.37 11.40
N ILE B 20 -1.68 7.03 10.74
CA ILE B 20 -1.55 6.93 9.29
C ILE B 20 -1.41 5.46 8.93
N LEU B 21 -0.41 4.80 9.52
CA LEU B 21 -0.15 3.40 9.24
C LEU B 21 -1.38 2.54 9.46
N GLN B 22 -1.98 2.63 10.64
CA GLN B 22 -3.14 1.79 10.94
C GLN B 22 -4.22 1.93 9.88
N GLU B 23 -4.39 3.15 9.34
CA GLU B 23 -5.43 3.36 8.34
C GLU B 23 -5.01 2.83 6.94
N VAL B 24 -3.70 2.85 6.63
CA VAL B 24 -3.25 2.23 5.39
C VAL B 24 -3.24 0.72 5.53
N GLU B 25 -2.58 0.25 6.59
CA GLU B 25 -2.42 -1.18 6.84
C GLU B 25 -3.78 -1.81 7.12
N LYS B 26 -4.74 -0.94 7.44
CA LYS B 26 -6.14 -1.32 7.53
C LYS B 26 -6.57 -2.11 6.31
N GLY B 27 -6.27 -1.57 5.15
CA GLY B 27 -6.74 -2.15 3.93
C GLY B 27 -7.71 -1.24 3.21
N PHE B 28 -7.30 0.00 3.01
CA PHE B 28 -8.02 0.92 2.15
C PHE B 28 -7.04 1.72 1.33
N THR B 29 -6.33 2.65 2.00
CA THR B 29 -5.31 3.49 1.35
C THR B 29 -5.14 4.82 2.11
N ASN B 30 -4.19 5.65 1.65
CA ASN B 30 -3.92 6.94 2.26
C ASN B 30 -5.15 7.83 2.23
N GLN B 31 -5.96 7.66 1.21
CA GLN B 31 -7.20 8.41 1.07
C GLN B 31 -8.14 8.10 2.23
N GLU B 32 -8.09 6.87 2.72
CA GLU B 32 -8.92 6.49 3.85
C GLU B 32 -8.34 7.08 5.13
N ILE B 33 -7.01 7.17 5.18
CA ILE B 33 -6.34 7.83 6.31
C ILE B 33 -6.78 9.28 6.42
N ALA B 34 -6.69 10.00 5.30
CA ALA B 34 -7.22 11.36 5.21
C ALA B 34 -8.65 11.41 5.71
N ASP B 35 -9.45 10.47 5.24
CA ASP B 35 -10.85 10.39 5.62
C ASP B 35 -10.98 10.08 7.12
N ALA B 36 -10.05 9.30 7.64
CA ALA B 36 -10.08 8.86 9.02
C ALA B 36 -9.66 9.96 9.98
N LEU B 37 -8.60 10.68 9.61
CA LEU B 37 -8.08 11.74 10.46
C LEU B 37 -8.82 13.05 10.19
N HIS B 38 -9.53 13.07 9.05
CA HIS B 38 -10.34 14.22 8.64
C HIS B 38 -9.43 15.29 8.09
N LEU B 39 -8.27 14.84 7.63
CA LEU B 39 -7.30 15.69 6.98
C LEU B 39 -7.67 15.87 5.51
N SER B 40 -6.84 15.33 4.64
CA SER B 40 -7.08 15.37 3.21
C SER B 40 -6.14 14.43 2.52
N LYS B 41 -6.53 13.95 1.34
CA LYS B 41 -5.68 13.10 0.55
C LYS B 41 -4.35 13.80 0.25
N ARG B 42 -4.41 15.13 0.20
CA ARG B 42 -3.22 15.93 -0.03
C ARG B 42 -2.45 16.12 1.27
N SER B 43 -3.17 16.06 2.38
CA SER B 43 -2.59 16.28 3.70
C SER B 43 -1.86 15.04 4.20
N ILE B 44 -2.53 13.88 4.13
CA ILE B 44 -1.91 12.65 4.59
C ILE B 44 -0.78 12.21 3.69
N GLU B 45 -0.87 12.57 2.42
CA GLU B 45 0.17 12.20 1.47
C GLU B 45 1.51 12.82 1.91
N TYR B 46 1.44 13.99 2.53
CA TYR B 46 2.62 14.60 3.12
C TYR B 46 3.10 13.79 4.32
N SER B 47 2.18 13.12 4.98
CA SER B 47 2.53 12.25 6.10
C SER B 47 3.10 10.94 5.57
N LEU B 48 2.49 10.42 4.49
CA LEU B 48 2.97 9.22 3.83
C LEU B 48 4.39 9.41 3.27
N THR B 49 4.62 10.55 2.62
CA THR B 49 5.93 10.85 2.08
C THR B 49 6.96 10.99 3.20
N SER B 50 6.46 11.36 4.37
CA SER B 50 7.31 11.46 5.55
C SER B 50 7.56 10.06 6.10
N ILE B 51 6.52 9.25 6.11
CA ILE B 51 6.61 7.87 6.59
C ILE B 51 7.53 7.05 5.68
N PHE B 52 7.61 7.48 4.43
CA PHE B 52 8.56 6.97 3.47
C PHE B 52 9.97 7.01 4.08
N ASN B 53 10.29 8.14 4.69
CA ASN B 53 11.56 8.31 5.36
C ASN B 53 11.56 7.66 6.75
N LYS B 54 10.58 8.02 7.56
CA LYS B 54 10.53 7.60 8.96
C LYS B 54 10.45 6.08 9.13
N LEU B 55 9.51 5.47 8.42
CA LEU B 55 9.26 4.03 8.54
C LEU B 55 10.14 3.27 7.53
N ASN B 56 10.95 4.02 6.78
CA ASN B 56 11.78 3.46 5.71
C ASN B 56 10.91 2.88 4.60
N VAL B 57 9.62 3.21 4.68
CA VAL B 57 8.62 2.86 3.70
C VAL B 57 8.98 3.40 2.29
N GLY B 58 8.55 2.69 1.26
CA GLY B 58 8.89 3.07 -0.10
C GLY B 58 8.06 4.22 -0.66
N SER B 59 7.00 4.60 0.07
CA SER B 59 6.11 5.69 -0.31
C SER B 59 4.83 5.65 0.51
N ARG B 60 4.33 4.42 0.71
CA ARG B 60 2.99 4.20 1.25
C ARG B 60 2.65 2.71 1.19
N THR B 61 3.12 2.05 0.14
CA THR B 61 2.91 0.63 -0.02
C THR B 61 3.51 -0.15 1.15
N GLU B 62 4.68 0.28 1.62
CA GLU B 62 5.33 -0.39 2.72
C GLU B 62 4.65 -0.03 4.02
N ALA B 63 4.03 1.13 4.03
CA ALA B 63 3.34 1.60 5.22
C ALA B 63 2.25 0.61 5.58
N VAL B 64 1.53 0.17 4.56
CA VAL B 64 0.50 -0.84 4.72
C VAL B 64 1.11 -2.28 4.71
N LEU B 65 2.19 -2.48 3.96
CA LEU B 65 2.81 -3.82 3.85
C LEU B 65 3.55 -4.24 5.12
N ILE B 66 4.52 -3.43 5.53
CA ILE B 66 5.43 -3.77 6.62
C ILE B 66 4.69 -3.96 7.94
N ALA B 67 3.56 -3.27 8.09
CA ALA B 67 2.74 -3.43 9.28
C ALA B 67 2.36 -4.89 9.48
N LYS B 68 1.83 -5.50 8.43
CA LYS B 68 1.47 -6.92 8.47
C LYS B 68 2.72 -7.78 8.63
N SER B 69 3.74 -7.43 7.87
CA SER B 69 5.03 -8.13 7.92
C SER B 69 5.55 -8.25 9.35
N ASP B 70 5.45 -7.14 10.09
CA ASP B 70 5.97 -7.08 11.45
C ASP B 70 5.02 -7.80 12.39
N GLY B 71 3.74 -7.68 12.10
CA GLY B 71 2.73 -8.29 12.93
C GLY B 71 1.95 -7.26 13.72
N VAL B 72 1.87 -6.05 13.16
CA VAL B 72 1.13 -4.97 13.79
C VAL B 72 -0.34 -5.34 13.95
N LEU B 73 -1.01 -5.55 12.81
CA LEU B 73 -2.39 -6.05 12.74
C LEU B 73 -3.26 -5.63 13.93
N SER A 5 -6.97 -21.04 -10.51
CA SER A 5 -7.34 -20.06 -11.53
C SER A 5 -8.73 -19.50 -11.22
N SER A 6 -9.76 -20.23 -11.59
CA SER A 6 -11.14 -19.83 -11.32
C SER A 6 -11.49 -20.08 -9.85
N GLN A 7 -10.63 -19.56 -8.99
CA GLN A 7 -10.73 -19.72 -7.55
C GLN A 7 -10.11 -18.51 -6.88
N LYS A 8 -8.91 -18.18 -7.33
CA LYS A 8 -8.14 -17.10 -6.78
C LYS A 8 -8.70 -15.74 -7.20
N GLU A 9 -8.02 -14.68 -6.77
CA GLU A 9 -8.39 -13.34 -7.15
C GLU A 9 -7.16 -12.51 -7.48
N GLN A 10 -6.11 -12.63 -6.69
CA GLN A 10 -4.89 -11.83 -6.88
C GLN A 10 -4.02 -12.38 -8.00
N ASP A 11 -4.16 -13.65 -8.31
CA ASP A 11 -3.35 -14.28 -9.36
C ASP A 11 -4.18 -14.47 -10.60
N VAL A 12 -5.49 -14.47 -10.40
CA VAL A 12 -6.44 -14.62 -11.49
C VAL A 12 -6.59 -13.28 -12.22
N LEU A 13 -6.04 -12.24 -11.60
CA LEU A 13 -5.99 -10.91 -12.18
C LEU A 13 -5.36 -10.94 -13.57
N THR A 14 -5.43 -9.82 -14.27
CA THR A 14 -4.81 -9.72 -15.58
C THR A 14 -3.30 -9.95 -15.42
N PRO A 15 -2.64 -10.63 -16.37
CA PRO A 15 -1.20 -10.91 -16.29
C PRO A 15 -0.41 -9.70 -15.77
N ARG A 16 -0.63 -8.54 -16.38
CA ARG A 16 0.02 -7.34 -15.92
C ARG A 16 -0.44 -6.96 -14.53
N GLU A 17 -1.74 -6.93 -14.30
CA GLU A 17 -2.31 -6.64 -12.98
C GLU A 17 -1.69 -7.52 -11.88
N CYS A 18 -1.37 -8.76 -12.22
CA CYS A 18 -0.71 -9.65 -11.29
C CYS A 18 0.73 -9.18 -11.05
N LEU A 19 1.38 -8.73 -12.11
CA LEU A 19 2.73 -8.18 -12.01
C LEU A 19 2.70 -6.86 -11.24
N ILE A 20 1.61 -6.12 -11.42
CA ILE A 20 1.39 -4.91 -10.68
C ILE A 20 1.43 -5.22 -9.19
N LEU A 21 0.62 -6.20 -8.78
CA LEU A 21 0.56 -6.60 -7.39
C LEU A 21 1.93 -6.97 -6.85
N GLN A 22 2.63 -7.88 -7.51
CA GLN A 22 3.93 -8.31 -7.00
C GLN A 22 4.85 -7.12 -6.77
N GLU A 23 4.78 -6.11 -7.62
CA GLU A 23 5.65 -4.95 -7.46
C GLU A 23 5.19 -4.02 -6.31
N VAL A 24 3.89 -3.94 -6.05
CA VAL A 24 3.41 -3.21 -4.86
C VAL A 24 3.66 -4.02 -3.60
N GLU A 25 3.15 -5.25 -3.58
CA GLU A 25 3.25 -6.13 -2.43
C GLU A 25 4.72 -6.40 -2.11
N LYS A 26 5.57 -6.15 -3.10
CA LYS A 26 7.01 -6.15 -2.92
C LYS A 26 7.41 -5.37 -1.68
N GLY A 27 6.91 -4.16 -1.61
CA GLY A 27 7.34 -3.26 -0.57
C GLY A 27 8.10 -2.10 -1.16
N PHE A 28 7.51 -1.49 -2.18
CA PHE A 28 8.00 -0.24 -2.73
C PHE A 28 6.82 0.67 -3.02
N THR A 29 6.24 0.53 -4.21
CA THR A 29 5.13 1.38 -4.61
C THR A 29 4.73 1.12 -6.06
N ASN A 30 3.60 1.71 -6.46
CA ASN A 30 3.14 1.64 -7.83
C ASN A 30 4.16 2.28 -8.75
N GLN A 31 4.95 3.20 -8.20
CA GLN A 31 6.01 3.85 -8.94
C GLN A 31 7.09 2.85 -9.31
N GLU A 32 7.32 1.87 -8.43
CA GLU A 32 8.30 0.83 -8.69
C GLU A 32 7.72 -0.14 -9.72
N ILE A 33 6.41 -0.35 -9.66
CA ILE A 33 5.73 -1.16 -10.66
C ILE A 33 5.91 -0.56 -12.05
N ALA A 34 5.58 0.73 -12.19
CA ALA A 34 5.85 1.47 -13.40
C ALA A 34 7.29 1.28 -13.85
N ASP A 35 8.20 1.45 -12.92
CA ASP A 35 9.62 1.32 -13.20
C ASP A 35 9.95 -0.11 -13.63
N ALA A 36 9.26 -1.07 -13.02
CA ALA A 36 9.51 -2.47 -13.26
C ALA A 36 9.00 -2.91 -14.62
N LEU A 37 7.80 -2.45 -14.97
CA LEU A 37 7.18 -2.82 -16.23
C LEU A 37 7.62 -1.89 -17.35
N HIS A 38 8.19 -0.75 -16.96
CA HIS A 38 8.69 0.25 -17.91
C HIS A 38 7.51 1.03 -18.47
N LEU A 39 6.47 1.08 -17.68
CA LEU A 39 5.29 1.87 -18.00
C LEU A 39 5.51 3.30 -17.54
N SER A 40 4.71 3.72 -16.57
CA SER A 40 4.85 5.04 -15.98
C SER A 40 4.01 5.10 -14.74
N LYS A 41 4.38 5.97 -13.82
CA LYS A 41 3.62 6.16 -12.60
C LYS A 41 2.19 6.59 -12.96
N ARG A 42 2.05 7.22 -14.12
CA ARG A 42 0.74 7.63 -14.62
C ARG A 42 0.04 6.46 -15.32
N SER A 43 0.84 5.52 -15.80
CA SER A 43 0.31 4.37 -16.53
C SER A 43 -0.17 3.29 -15.56
N ILE A 44 0.68 2.92 -14.61
CA ILE A 44 0.34 1.86 -13.65
C ILE A 44 -0.77 2.31 -12.71
N GLU A 45 -0.85 3.61 -12.47
CA GLU A 45 -1.95 4.16 -11.65
C GLU A 45 -3.29 3.70 -12.21
N TYR A 46 -3.37 3.61 -13.53
CA TYR A 46 -4.59 3.15 -14.19
C TYR A 46 -4.79 1.66 -13.95
N SER A 47 -3.67 0.96 -13.77
CA SER A 47 -3.72 -0.46 -13.43
C SER A 47 -4.08 -0.64 -11.96
N LEU A 48 -3.54 0.21 -11.10
CA LEU A 48 -3.85 0.17 -9.67
C LEU A 48 -5.32 0.50 -9.42
N THR A 49 -5.82 1.53 -10.10
CA THR A 49 -7.21 1.92 -9.97
C THR A 49 -8.10 0.83 -10.56
N SER A 50 -7.54 0.07 -11.49
CA SER A 50 -8.22 -1.07 -12.07
C SER A 50 -8.22 -2.22 -11.08
N ILE A 51 -7.09 -2.38 -10.39
CA ILE A 51 -6.93 -3.40 -9.37
C ILE A 51 -7.86 -3.11 -8.18
N PHE A 52 -8.15 -1.85 -7.99
CA PHE A 52 -9.16 -1.41 -7.02
C PHE A 52 -10.46 -2.19 -7.25
N ASN A 53 -10.86 -2.32 -8.51
CA ASN A 53 -12.05 -3.09 -8.86
C ASN A 53 -11.75 -4.59 -8.88
N LYS A 54 -10.68 -4.96 -9.57
CA LYS A 54 -10.33 -6.36 -9.82
C LYS A 54 -10.12 -7.15 -8.52
N LEU A 55 -9.29 -6.61 -7.64
CA LEU A 55 -8.91 -7.29 -6.43
C LEU A 55 -9.79 -6.82 -5.26
N ASN A 56 -10.70 -5.89 -5.56
CA ASN A 56 -11.54 -5.25 -4.54
C ASN A 56 -10.68 -4.34 -3.66
N VAL A 57 -9.44 -4.17 -4.09
CA VAL A 57 -8.47 -3.28 -3.46
C VAL A 57 -9.00 -1.84 -3.32
N GLY A 58 -8.56 -1.14 -2.28
CA GLY A 58 -9.01 0.22 -2.04
C GLY A 58 -8.48 1.21 -3.07
N SER A 59 -7.23 1.03 -3.49
CA SER A 59 -6.62 1.86 -4.53
C SER A 59 -5.22 1.34 -4.87
N ARG A 60 -4.63 0.66 -3.90
CA ARG A 60 -3.24 0.20 -3.98
C ARG A 60 -2.82 -0.35 -2.63
N THR A 61 -3.27 0.30 -1.58
CA THR A 61 -2.97 -0.10 -0.22
C THR A 61 -3.34 -1.57 0.02
N GLU A 62 -4.47 -2.00 -0.55
CA GLU A 62 -4.89 -3.38 -0.40
C GLU A 62 -4.13 -4.27 -1.35
N ALA A 63 -3.71 -3.70 -2.47
CA ALA A 63 -2.99 -4.47 -3.48
C ALA A 63 -1.73 -5.06 -2.88
N VAL A 64 -1.05 -4.24 -2.09
CA VAL A 64 0.14 -4.67 -1.37
C VAL A 64 -0.24 -5.41 -0.06
N LEU A 65 -1.32 -4.99 0.60
CA LEU A 65 -1.73 -5.59 1.89
C LEU A 65 -2.26 -7.02 1.73
N ILE A 66 -3.30 -7.16 0.92
CA ILE A 66 -4.01 -8.44 0.77
C ILE A 66 -3.09 -9.52 0.25
N ALA A 67 -2.08 -9.12 -0.52
CA ALA A 67 -1.09 -10.06 -1.03
C ALA A 67 -0.42 -10.84 0.10
N LYS A 68 0.09 -10.12 1.08
CA LYS A 68 0.68 -10.76 2.25
C LYS A 68 -0.37 -11.58 2.98
N SER A 69 -1.56 -10.99 3.15
CA SER A 69 -2.68 -11.67 3.80
C SER A 69 -2.94 -13.04 3.14
N ASP A 70 -2.81 -13.07 1.82
CA ASP A 70 -3.11 -14.26 1.02
C ASP A 70 -1.92 -15.22 1.04
N GLY A 71 -0.75 -14.65 1.24
CA GLY A 71 0.47 -15.45 1.26
C GLY A 71 1.13 -15.49 -0.09
N VAL A 72 1.12 -14.35 -0.77
CA VAL A 72 1.72 -14.24 -2.08
C VAL A 72 3.23 -14.13 -1.99
N LEU A 73 3.68 -13.18 -1.16
CA LEU A 73 5.12 -12.86 -0.94
C LEU A 73 6.07 -13.92 -1.50
N SER B 5 9.20 1.09 22.68
CA SER B 5 9.32 2.48 22.27
C SER B 5 10.61 2.67 21.48
N SER B 6 11.73 2.86 22.19
CA SER B 6 13.04 3.04 21.57
C SER B 6 13.56 1.72 21.01
N GLN B 7 12.67 1.01 20.32
CA GLN B 7 12.94 -0.32 19.80
C GLN B 7 12.16 -0.50 18.50
N LYS B 8 10.87 -0.16 18.56
CA LYS B 8 9.98 -0.30 17.43
C LYS B 8 10.26 0.76 16.38
N GLU B 9 9.51 0.71 15.27
CA GLU B 9 9.62 1.72 14.25
C GLU B 9 8.23 2.24 13.88
N GLN B 10 7.30 1.34 13.59
CA GLN B 10 5.96 1.72 13.12
C GLN B 10 5.13 2.39 14.21
N ASP B 11 5.32 1.96 15.43
CA ASP B 11 4.52 2.45 16.56
C ASP B 11 5.21 3.66 17.18
N VAL B 12 6.51 3.72 16.99
CA VAL B 12 7.33 4.75 17.60
C VAL B 12 7.34 6.01 16.73
N LEU B 13 6.86 5.85 15.49
CA LEU B 13 6.85 6.90 14.47
C LEU B 13 6.52 8.28 15.04
N THR B 14 5.26 8.64 14.91
CA THR B 14 4.69 9.83 15.53
C THR B 14 3.23 9.49 15.77
N PRO B 15 2.57 10.00 16.82
CA PRO B 15 1.17 9.68 17.08
C PRO B 15 0.33 9.67 15.82
N ARG B 16 0.39 10.75 15.04
CA ARG B 16 -0.31 10.80 13.77
C ARG B 16 0.19 9.76 12.80
N GLU B 17 1.50 9.73 12.56
CA GLU B 17 2.09 8.78 11.61
C GLU B 17 1.73 7.34 11.94
N CYS B 18 1.60 7.03 13.23
CA CYS B 18 1.16 5.71 13.65
C CYS B 18 -0.30 5.50 13.25
N LEU B 19 -1.12 6.53 13.45
CA LEU B 19 -2.52 6.51 13.04
C LEU B 19 -2.61 6.40 11.52
N ILE B 20 -1.68 7.06 10.84
CA ILE B 20 -1.58 6.98 9.40
C ILE B 20 -1.44 5.52 9.01
N LEU B 21 -0.44 4.85 9.60
CA LEU B 21 -0.18 3.44 9.30
C LEU B 21 -1.41 2.59 9.48
N GLN B 22 -2.00 2.62 10.67
CA GLN B 22 -3.17 1.79 10.94
C GLN B 22 -4.24 1.98 9.88
N GLU B 23 -4.40 3.20 9.39
CA GLU B 23 -5.42 3.47 8.37
C GLU B 23 -4.99 2.99 6.96
N VAL B 24 -3.70 2.98 6.64
CA VAL B 24 -3.26 2.39 5.38
C VAL B 24 -3.27 0.89 5.49
N GLU B 25 -2.58 0.39 6.51
CA GLU B 25 -2.43 -1.03 6.74
C GLU B 25 -3.79 -1.67 6.98
N LYS B 26 -4.75 -0.83 7.36
CA LYS B 26 -6.15 -1.21 7.43
C LYS B 26 -6.57 -2.00 6.21
N GLY B 27 -6.28 -1.47 5.04
CA GLY B 27 -6.76 -2.06 3.83
C GLY B 27 -7.77 -1.17 3.15
N PHE B 28 -7.42 0.09 3.03
CA PHE B 28 -8.18 1.04 2.22
C PHE B 28 -7.21 1.88 1.41
N THR B 29 -6.52 2.79 2.10
CA THR B 29 -5.57 3.71 1.46
C THR B 29 -5.36 4.99 2.29
N ASN B 30 -4.39 5.79 1.84
CA ASN B 30 -4.06 7.05 2.47
C ASN B 30 -5.27 7.99 2.50
N GLN B 31 -6.10 7.85 1.49
CA GLN B 31 -7.32 8.63 1.38
C GLN B 31 -8.27 8.33 2.53
N GLU B 32 -8.28 7.08 2.99
CA GLU B 32 -9.11 6.70 4.10
C GLU B 32 -8.49 7.22 5.39
N ILE B 33 -7.17 7.29 5.41
CA ILE B 33 -6.44 7.91 6.54
C ILE B 33 -6.87 9.37 6.68
N ALA B 34 -6.78 10.13 5.58
CA ALA B 34 -7.29 11.48 5.54
C ALA B 34 -8.71 11.55 6.07
N ASP B 35 -9.54 10.63 5.60
CA ASP B 35 -10.94 10.61 5.97
C ASP B 35 -11.10 10.16 7.43
N ALA B 36 -10.11 9.45 7.94
CA ALA B 36 -10.15 8.97 9.32
C ALA B 36 -9.70 10.05 10.30
N LEU B 37 -8.64 10.75 9.95
CA LEU B 37 -8.08 11.77 10.84
C LEU B 37 -8.73 13.12 10.56
N HIS B 38 -9.45 13.21 9.44
CA HIS B 38 -10.21 14.40 9.07
C HIS B 38 -9.25 15.45 8.54
N LEU B 39 -8.16 14.95 7.98
CA LEU B 39 -7.19 15.78 7.31
C LEU B 39 -7.61 15.99 5.87
N SER B 40 -6.82 15.46 4.95
CA SER B 40 -7.13 15.53 3.53
C SER B 40 -6.21 14.60 2.79
N LYS B 41 -6.65 14.12 1.64
CA LYS B 41 -5.81 13.27 0.79
C LYS B 41 -4.51 13.98 0.46
N ARG B 42 -4.58 15.31 0.42
CA ARG B 42 -3.41 16.12 0.14
C ARG B 42 -2.58 16.32 1.40
N SER B 43 -3.25 16.23 2.56
CA SER B 43 -2.59 16.43 3.84
C SER B 43 -1.87 15.15 4.31
N ILE B 44 -2.57 14.02 4.29
CA ILE B 44 -1.98 12.76 4.74
C ILE B 44 -0.87 12.30 3.83
N GLU B 45 -0.95 12.65 2.55
CA GLU B 45 0.10 12.34 1.60
C GLU B 45 1.42 12.91 2.08
N TYR B 46 1.36 14.07 2.70
CA TYR B 46 2.52 14.70 3.30
C TYR B 46 3.02 13.88 4.49
N SER B 47 2.11 13.13 5.11
CA SER B 47 2.47 12.26 6.22
C SER B 47 2.97 10.90 5.70
N LEU B 48 2.38 10.42 4.61
CA LEU B 48 2.82 9.18 3.98
C LEU B 48 4.22 9.32 3.42
N THR B 49 4.51 10.48 2.82
CA THR B 49 5.83 10.77 2.31
C THR B 49 6.82 10.90 3.47
N SER B 50 6.28 11.28 4.63
CA SER B 50 7.07 11.39 5.85
C SER B 50 7.34 9.99 6.39
N ILE B 51 6.32 9.14 6.30
CA ILE B 51 6.43 7.75 6.71
C ILE B 51 7.41 7.00 5.80
N PHE B 52 7.49 7.45 4.56
CA PHE B 52 8.49 6.98 3.62
C PHE B 52 9.89 7.08 4.26
N ASN B 53 10.13 8.18 4.97
CA ASN B 53 11.39 8.38 5.70
C ASN B 53 11.38 7.63 7.03
N LYS B 54 10.33 7.87 7.82
CA LYS B 54 10.27 7.36 9.19
C LYS B 54 10.30 5.83 9.24
N LEU B 55 9.43 5.20 8.47
CA LEU B 55 9.27 3.75 8.52
C LEU B 55 10.14 3.09 7.45
N ASN B 56 10.90 3.91 6.73
CA ASN B 56 11.73 3.45 5.61
C ASN B 56 10.84 2.93 4.48
N VAL B 57 9.55 3.22 4.64
CA VAL B 57 8.53 2.91 3.67
C VAL B 57 8.87 3.49 2.28
N GLY B 58 8.41 2.82 1.23
CA GLY B 58 8.72 3.25 -0.12
C GLY B 58 7.87 4.42 -0.60
N SER B 59 6.78 4.69 0.11
CA SER B 59 5.83 5.77 -0.26
C SER B 59 4.57 5.67 0.58
N ARG B 60 4.13 4.43 0.77
CA ARG B 60 2.83 4.12 1.36
C ARG B 60 2.56 2.63 1.24
N THR B 61 3.03 2.05 0.15
CA THR B 61 2.88 0.63 -0.09
C THR B 61 3.48 -0.17 1.07
N GLU B 62 4.61 0.28 1.59
CA GLU B 62 5.26 -0.38 2.70
C GLU B 62 4.56 -0.05 4.00
N ALA B 63 3.98 1.12 4.04
CA ALA B 63 3.29 1.57 5.25
C ALA B 63 2.19 0.59 5.59
N VAL B 64 1.47 0.15 4.57
CA VAL B 64 0.44 -0.85 4.73
C VAL B 64 1.03 -2.29 4.75
N LEU B 65 2.10 -2.51 3.98
CA LEU B 65 2.72 -3.85 3.88
C LEU B 65 3.45 -4.26 5.16
N ILE B 66 4.42 -3.45 5.57
CA ILE B 66 5.30 -3.78 6.70
C ILE B 66 4.51 -3.94 7.98
N ALA B 67 3.38 -3.25 8.08
CA ALA B 67 2.52 -3.37 9.25
C ALA B 67 2.10 -4.82 9.48
N LYS B 68 1.61 -5.46 8.43
CA LYS B 68 1.26 -6.88 8.50
C LYS B 68 2.51 -7.71 8.77
N SER B 69 3.58 -7.35 8.08
CA SER B 69 4.87 -8.02 8.28
C SER B 69 5.26 -8.02 9.76
N ASP B 70 5.00 -6.89 10.43
CA ASP B 70 5.34 -6.71 11.83
C ASP B 70 4.35 -7.48 12.68
N GLY B 71 3.09 -7.35 12.32
CA GLY B 71 2.02 -7.97 13.08
C GLY B 71 1.16 -6.95 13.76
N VAL B 72 0.91 -5.83 13.08
CA VAL B 72 0.06 -4.77 13.61
C VAL B 72 -1.40 -5.22 13.59
N LEU B 73 -2.05 -5.08 12.44
CA LEU B 73 -3.44 -5.48 12.25
C LEU B 73 -4.33 -5.00 13.41
#